data_6URG
#
_entry.id   6URG
#
_cell.length_a   1.00
_cell.length_b   1.00
_cell.length_c   1.00
_cell.angle_alpha   90.00
_cell.angle_beta   90.00
_cell.angle_gamma   90.00
#
_symmetry.space_group_name_H-M   'P 1'
#
loop_
_entity.id
_entity.type
_entity.pdbx_description
1 polymer 'Cleavage and polyadenylation specificity factor subunit 1'
2 polymer "pre-mRNA 3' end processing protein WDR33"
3 polymer 'Cleavage and polyadenylation specificity factor subunit 4'
4 polymer 'Cleavage and polyadenylation specificity factor subunit 2'
5 non-polymer 'ZINC ION'
#
loop_
_entity_poly.entity_id
_entity_poly.type
_entity_poly.pdbx_seq_one_letter_code
_entity_poly.pdbx_strand_id
1 'polypeptide(L)'
;MYAVYKQAHPPTGLEFSMYCNFFNNSERNLVVAGTSQLYVYRLNRDAEALTKNDRSTEGKAHREKLELAASFSFFGNVMS
MASVQLAGAKRDALLLSFKDAKLSVVEYDPGTHDLKTLSLHYFEEPELRDGFVQNVHTPRVRVDPDGRCAAMLVYGTRLV
VLPFRRESLAEEHEGLVGEGQRSSFLPSYIIDVRALDEKLLNIIDLQFLHGYYEPTLLILFEPNQTWPGRVAVRQDTCSI
VAISLNITQKVHPVIWSLTSLPFDCTQALAVPKPIGGVVVFAVNSLLYLNQSVPPYGVALNSLTTGTTAFPLRTQEGVRI
TLDCAQATFISYDKMVISLKGGEIYVLTLITDGMRSVRAFHFDKAAASVLTTSMVTMEPGYLFLGSRLGNSLLLKYTEKL
QEPPASAVREAADKEEPPSKKKRVDATAGWSAAGKSVPQDEVDEIEVYGSEAQSGTQLATYSFEVCDSILNIGPCANAAV
GEPAFLSEEFQNSPEPDLEIVVCSGHGKNGALSVLQKSIRPQVVTTFELPGCYDMWTVIAPVRKEEEDNPKGEGTEQEPS
TTPEADDDGRRHGFLILSREDSTMILQTGQEIMELDTSGFATQGPTVFAGNIGDNRYIVQVSPLGIRLLEGVNQLHFIPV
DLGAPIVQCAVADPYVVIMSAEGHVTMFLLKSDSYGGRHHRLALHKPPLHHQSKVITLCLYRDLSGMFTTESRLGGARDE
LGGRSGPEAEGLGSETSPTVDDEEEMLYGDSGSLFSPSKEEARRSSQPPADRDPAPFRAEPTHWCLLVRENGTMEIYQLP
DWRLVFLVKNFPVGQRVLVDSSFGQPTTQGEARREEATRQGELPLVKEVLLVALGSRQSRPYLLVHVDQELLIYEAFPHD
SQLGQGNLKVRFKKVPHNINFREKKPKPSKKKAEGGGAEEGAGARGRVARFRYFEDIYGYSGVFICGPSPHWLLVTGRGA
LRLHPMAIDGPVDSFAPFHNVNCPRGFLYFNRQGELRISVLPAYLSYDAPWPVRKIPLRCTAHYVAYHVESKVYAVATST
NTPCARIPRMTGEEKEFETIERDERYIHPQQEAFSIQLISPVSWEAIPNARIELQEWEHVTCMKTVSLRSEETVSGLKGY
VAAGTCLMQGEEVTCRGRILIMDVIEVVPEPGQPLTKNKFKVLYEKEQKGPVTALCHCNGHLVSAIGQKIFLWSLRASEL
TGMAFIDTQLYIHQMISVKNFILAADVMKSISLLRYQEESKTLSLVSRDAKPLEVYSVDFMVDNAQLGFLVSDRDRNLMV
YMYLPEAKESFGGMRLLRRADFHVGAHVNTFWRTPCRGATEGLSKKSVVWENKHITWFATLDGGIGLLLPMQEKTYRRLL
MLQNALTTMLPHHAGLNPRAFRMLHVDRRTLQNAVRNVLDGELLNRYLYLSTMERSELAKKIGTTPDIILDDLLETDRVT
AHF
;
A
2 'polypeptide(L)'
;MGSSHHHHHHSSGLVMATEIGSPPRFFHMPRFQHQAPRQLFYKRPDFAQQQAMQQLTFDGKRMRKAVNRKTIDYNPSVIK
YLENRIWQRDQRDMRAIQPDAGYYNDLVPPIGMLNNPMNAVTTKFVRTSTNKVKCPVFVVRWTPEGRRLVTGASSGEFTL
WNGLTFNFETILQAHDSPVRAMTWSHNDMWMLTADHGGYVKYWQSNMNNVKMFQAHKEAIREASFSPTDNKFATCSDDGT
VRIWDFLRCHEERILRGHGADVKCVDWHPTKGLVVSGSKDSQQPIKFWDPKTGQSLATLHAHKNTVMEVKLNLNGNWLLT
ASRDHLCKLFDIRNLKEELQVFRGHKKEATAVAWHPVHEGLFASGGSDGSLLFWHVGVEKEVGGMEMAHEGMIWSLAWHP
LGHILCSGSNDHTSKFWTRNRPGDKMRDRYNLNLLPGMSEDGVEYDDLEPNSLAVIPGMGIPEQLKLAMEQEQMGKDESN
EIEMTIPGLDWGMEEVMQKDQKKVPQKKVPYAKPIPAQFQQAWMQNKVPIPAPNEVLNDRKEDIKLEEKKKTQAEIEQEM
ATLQYTNPQLLEQLKIERLAQKQVEQI
;
B
3 'polypeptide(L)'
;MQEIIASVDHIKFDLEIAVEQQLGAQPLPFPGMDKSGAAVCEFFLKAACGKGGMCPFRHISGEKTVVCKHWLRGLCKKGD
QCEFLHEYDMTKMPECYFYSKFGECSNKECPFLHIDPESKIKDCPWYDRGFCKHGPLCRHRHTRRVICVNYLVGFCPEGP
SCKFMHPRFELPMGTTEQPPLPQQTQPPAKQRTPQVIGVMQSQNSSAGNRGPRPLEQVTCYKCGEKGHYANRCTKGHLAF
LSGQHHHHHH
;
C
4 'polypeptide(L)'
;MTSIIKLTTLSGVQEESALCYLLQVDEFRFLLDCGWDEHFSMDIIDSLRKHVHQIDAVLLSHPDPLHLGALPYAVGKLGL
NCAIYATIPVYKMGQMFMYDLYQSRHNTEDFTLFTLDDVDAAFDKIQQLKFSQIVNLKGKGHGLSITPLPAGHMIGGTIW
KIVKDGEEEIVYAVDFNHKREIHLNGCSLEMLSRPSLLITDSFNATYVQPRRKQRDEQLLTNVLETLRGDGNVLIAVDTA
GRVLELAQLLDQIWRTKDAGLGVYSLALLNNVSYNVVEFSKSQVEWMSDKLMRCFEDKRNNPFQFRHLSLCHGLSDLARV
PSPKVVLASQPDLECGFSRDLFIQWCQDPKNSIILTYRTTPGTLARFLIDNPSEKITEIELRKRVKLEGKELEEYLEKEK
LKKEAAKKLEQSKEADIDSSDESDIEEDIDQPSAHKTKHDLMMKGEGSRKGSFFKQAKKSYPMFPAPEERIKWDEYGEII
KPEDFLVPELQATEEEKSKLESGLTNGDEPMDQDLSDVPTKCISTTESIEIKARVTYIDYEGRSDGDSIKKIINQMKPRQ
LIIVHGPPEASQDLAECCRAFGGKDIKVYMPKLHETVDATSETHIYQVRLKDSLVSSLQFCKAKDAELAWIDGVLDMRVS
KVDTGVILEEGELKDDGEDSEMQVEAPSDSSVIAQQKAMKSLFGDDEKETGEESEIIPTLEPLPPHEVPGHQSVFMNEPR
LSDFKQVLLREGIQAEFVGGVLVCNNQVAVRRTETGRIGLEGCLCQDFYRIRDLLYEQYAIV
;
F
#
# COMPACT_ATOMS: atom_id res chain seq x y z
N MET A 1 -7.58 -16.41 15.53
CA MET A 1 -8.04 -15.13 16.06
C MET A 1 -6.87 -14.18 16.23
N TYR A 2 -5.82 -14.66 16.89
CA TYR A 2 -4.68 -13.85 17.28
C TYR A 2 -3.56 -14.08 16.28
N ALA A 3 -2.85 -13.01 15.93
CA ALA A 3 -1.79 -13.10 14.93
C ALA A 3 -0.72 -12.07 15.23
N VAL A 4 0.32 -12.06 14.40
CA VAL A 4 1.39 -11.07 14.47
C VAL A 4 1.76 -10.68 13.05
N TYR A 5 1.82 -9.37 12.80
CA TYR A 5 2.33 -8.85 11.55
C TYR A 5 3.84 -8.76 11.59
N LYS A 6 4.49 -9.13 10.49
CA LYS A 6 5.93 -9.05 10.41
C LYS A 6 6.29 -8.59 9.01
N GLN A 7 7.30 -7.73 8.90
CA GLN A 7 7.69 -7.14 7.63
C GLN A 7 8.92 -7.86 7.09
N ALA A 8 8.80 -8.42 5.89
CA ALA A 8 9.87 -9.18 5.28
C ALA A 8 10.72 -8.37 4.33
N HIS A 9 10.10 -7.51 3.51
CA HIS A 9 10.80 -6.71 2.55
C HIS A 9 10.34 -5.28 2.76
N PRO A 10 11.25 -4.32 2.83
CA PRO A 10 10.86 -2.92 3.01
C PRO A 10 10.21 -2.37 1.75
N PRO A 11 9.41 -1.31 1.86
CA PRO A 11 8.78 -0.76 0.65
C PRO A 11 9.78 -0.04 -0.23
N THR A 12 9.84 -0.45 -1.49
CA THR A 12 10.67 0.19 -2.48
C THR A 12 9.79 1.06 -3.37
N GLY A 13 10.22 2.29 -3.59
CA GLY A 13 9.41 3.24 -4.33
C GLY A 13 9.38 4.57 -3.64
N LEU A 14 9.75 5.62 -4.37
CA LEU A 14 9.96 6.93 -3.79
C LEU A 14 8.89 7.90 -4.30
N GLU A 15 8.48 8.82 -3.43
CA GLU A 15 7.42 9.75 -3.76
C GLU A 15 7.92 11.19 -3.61
N PHE A 16 8.90 11.37 -2.72
CA PHE A 16 9.34 12.66 -2.26
C PHE A 16 10.85 12.73 -2.35
N SER A 17 11.38 13.90 -2.69
CA SER A 17 12.82 14.08 -2.78
C SER A 17 13.14 15.56 -2.62
N MET A 18 14.34 15.83 -2.11
CA MET A 18 14.84 17.19 -1.95
C MET A 18 16.35 17.15 -1.83
N TYR A 19 16.94 18.31 -1.62
CA TYR A 19 18.38 18.50 -1.72
C TYR A 19 18.77 19.55 -0.69
N CYS A 20 19.18 19.10 0.50
CA CYS A 20 19.26 19.96 1.66
C CYS A 20 20.50 19.62 2.49
N ASN A 21 20.81 20.51 3.44
CA ASN A 21 21.96 20.37 4.33
C ASN A 21 21.60 19.47 5.51
N PHE A 22 21.50 18.16 5.23
CA PHE A 22 21.02 17.23 6.23
C PHE A 22 22.05 17.01 7.33
N PHE A 23 23.30 16.74 6.95
CA PHE A 23 24.34 16.48 7.94
C PHE A 23 25.06 17.74 8.39
N ASN A 24 25.33 18.66 7.47
CA ASN A 24 26.13 19.84 7.76
C ASN A 24 25.87 20.87 6.68
N ASN A 25 26.20 22.13 6.98
CA ASN A 25 26.07 23.21 6.00
C ASN A 25 27.18 23.22 4.96
N SER A 26 28.18 22.35 5.08
CA SER A 26 29.25 22.31 4.08
C SER A 26 28.76 21.69 2.78
N GLU A 27 28.15 20.50 2.85
CA GLU A 27 27.67 19.80 1.69
C GLU A 27 26.16 19.61 1.76
N ARG A 28 25.54 19.46 0.59
CA ARG A 28 24.12 19.20 0.46
C ARG A 28 23.92 17.69 0.31
N ASN A 29 22.68 17.26 0.50
CA ASN A 29 22.38 15.83 0.53
C ASN A 29 21.04 15.56 -0.12
N LEU A 30 20.98 14.50 -0.92
CA LEU A 30 19.73 14.05 -1.49
C LEU A 30 18.95 13.28 -0.43
N VAL A 31 17.87 13.87 0.05
CA VAL A 31 17.03 13.26 1.08
C VAL A 31 15.72 12.87 0.40
N VAL A 32 15.58 11.60 0.08
CA VAL A 32 14.38 11.10 -0.57
C VAL A 32 13.52 10.41 0.48
N ALA A 33 12.26 10.18 0.12
CA ALA A 33 11.32 9.54 1.03
C ALA A 33 10.26 8.81 0.21
N GLY A 34 9.52 7.94 0.89
CA GLY A 34 8.48 7.19 0.24
C GLY A 34 7.38 6.78 1.21
N THR A 35 6.89 5.55 1.07
CA THR A 35 5.87 5.05 1.98
C THR A 35 6.52 4.71 3.31
N SER A 36 6.48 5.66 4.25
CA SER A 36 6.84 5.50 5.66
C SER A 36 8.31 5.12 5.87
N GLN A 37 9.20 5.62 5.01
CA GLN A 37 10.62 5.36 5.19
C GLN A 37 11.43 6.45 4.51
N LEU A 38 12.51 6.87 5.17
CA LEU A 38 13.30 8.03 4.77
C LEU A 38 14.72 7.59 4.46
N TYR A 39 15.25 8.03 3.31
CA TYR A 39 16.58 7.67 2.84
C TYR A 39 17.38 8.92 2.58
N VAL A 40 18.63 8.95 3.04
CA VAL A 40 19.53 10.09 2.86
C VAL A 40 20.74 9.62 2.07
N TYR A 41 21.07 10.34 1.01
CA TYR A 41 22.06 9.94 0.03
C TYR A 41 23.24 10.90 -0.02
N ARG A 42 24.38 10.39 -0.47
CA ARG A 42 25.51 11.18 -0.90
C ARG A 42 25.80 10.88 -2.37
N LEU A 43 26.72 11.65 -2.94
CA LEU A 43 27.07 11.50 -4.35
C LEU A 43 28.58 11.30 -4.45
N ASN A 44 28.99 10.07 -4.76
CA ASN A 44 30.40 9.79 -5.01
C ASN A 44 30.74 10.09 -6.46
N ARG A 45 31.85 10.79 -6.66
CA ARG A 45 32.35 11.09 -7.99
C ARG A 45 33.36 10.07 -8.49
N ASP A 46 34.31 9.68 -7.63
CA ASP A 46 35.29 8.65 -7.99
C ASP A 46 34.82 7.33 -7.39
N ALA A 47 33.87 6.70 -8.06
CA ALA A 47 33.31 5.42 -7.65
C ALA A 47 33.91 4.31 -8.53
N GLU A 48 34.19 3.16 -7.92
CA GLU A 48 34.77 2.05 -8.66
C GLU A 48 33.73 1.42 -9.60
N ALA A 49 32.61 0.98 -9.05
CA ALA A 49 31.56 0.37 -9.84
C ALA A 49 30.21 0.58 -9.18
N ARG A 63 32.89 7.50 -12.84
CA ARG A 63 31.45 7.26 -12.91
C ARG A 63 30.80 7.60 -11.58
N GLU A 64 29.66 8.29 -11.63
CA GLU A 64 28.97 8.72 -10.42
C GLU A 64 28.07 7.63 -9.89
N LYS A 65 27.81 7.67 -8.58
CA LYS A 65 26.97 6.67 -7.93
C LYS A 65 26.43 7.27 -6.63
N LEU A 66 25.17 6.98 -6.34
CA LEU A 66 24.55 7.43 -5.10
C LEU A 66 24.89 6.47 -3.97
N GLU A 67 25.38 7.01 -2.86
CA GLU A 67 25.77 6.23 -1.70
C GLU A 67 24.82 6.52 -0.54
N LEU A 68 24.25 5.48 0.04
CA LEU A 68 23.34 5.65 1.16
C LEU A 68 24.09 6.09 2.41
N ALA A 69 23.63 7.17 3.02
CA ALA A 69 24.25 7.71 4.22
C ALA A 69 23.47 7.41 5.49
N ALA A 70 22.14 7.41 5.42
CA ALA A 70 21.29 7.11 6.57
C ALA A 70 19.93 6.67 6.06
N SER A 71 19.32 5.71 6.76
CA SER A 71 18.00 5.19 6.41
C SER A 71 17.15 5.13 7.67
N PHE A 72 15.93 5.65 7.57
CA PHE A 72 15.10 5.96 8.73
C PHE A 72 13.69 5.45 8.49
N SER A 73 13.10 4.79 9.47
CA SER A 73 11.79 4.16 9.33
C SER A 73 10.79 4.82 10.28
N PHE A 74 9.54 4.90 9.83
CA PHE A 74 8.51 5.71 10.45
C PHE A 74 7.28 4.87 10.74
N PHE A 75 6.58 5.22 11.84
CA PHE A 75 5.26 4.66 12.12
C PHE A 75 4.17 5.55 11.53
N GLY A 76 4.23 5.73 10.22
CA GLY A 76 3.28 6.59 9.54
C GLY A 76 3.73 6.97 8.15
N ASN A 77 2.80 6.99 7.20
CA ASN A 77 3.13 7.29 5.82
C ASN A 77 3.31 8.79 5.63
N VAL A 78 4.39 9.16 4.97
CA VAL A 78 4.70 10.57 4.72
C VAL A 78 3.81 11.08 3.60
N MET A 79 3.14 12.22 3.85
CA MET A 79 2.25 12.82 2.87
C MET A 79 2.81 14.06 2.20
N SER A 80 3.81 14.70 2.80
CA SER A 80 4.53 15.82 2.20
C SER A 80 5.83 15.99 2.96
N MET A 81 6.76 16.71 2.36
CA MET A 81 8.08 16.87 2.97
C MET A 81 8.73 18.13 2.41
N ALA A 82 9.22 18.99 3.31
CA ALA A 82 9.90 20.22 2.92
C ALA A 82 11.08 20.42 3.87
N SER A 83 11.85 21.49 3.64
CA SER A 83 13.02 21.75 4.48
C SER A 83 13.25 23.25 4.61
N VAL A 84 13.78 23.64 5.76
CA VAL A 84 14.07 25.04 6.05
C VAL A 84 15.26 25.10 7.00
N GLN A 85 16.13 26.09 6.81
CA GLN A 85 17.25 26.30 7.73
C GLN A 85 16.83 27.34 8.75
N LEU A 86 16.69 26.90 10.00
CA LEU A 86 16.24 27.76 11.08
C LEU A 86 17.35 28.72 11.50
N ALA A 87 16.98 29.72 12.28
CA ALA A 87 17.92 30.76 12.71
C ALA A 87 18.89 30.19 13.73
N GLY A 88 20.18 30.32 13.45
CA GLY A 88 21.21 29.81 14.32
C GLY A 88 21.47 28.33 14.22
N ALA A 89 20.86 27.64 13.26
CA ALA A 89 21.01 26.20 13.15
C ALA A 89 22.21 25.85 12.27
N LYS A 90 22.88 24.76 12.62
CA LYS A 90 24.03 24.27 11.87
C LYS A 90 23.63 23.31 10.75
N ARG A 91 22.35 22.99 10.62
CA ARG A 91 21.87 22.01 9.66
C ARG A 91 20.59 22.53 9.03
N ASP A 92 19.88 21.65 8.34
CA ASP A 92 18.68 21.98 7.58
C ASP A 92 17.60 21.02 8.04
N ALA A 93 16.68 21.51 8.86
CA ALA A 93 15.61 20.69 9.42
C ALA A 93 14.63 20.27 8.33
N LEU A 94 13.97 19.14 8.57
CA LEU A 94 12.98 18.59 7.66
C LEU A 94 11.58 18.81 8.23
N LEU A 95 10.60 18.99 7.36
CA LEU A 95 9.21 19.18 7.76
C LEU A 95 8.40 18.04 7.17
N LEU A 96 8.34 16.93 7.91
CA LEU A 96 7.55 15.79 7.51
C LEU A 96 6.08 16.06 7.76
N SER A 97 5.23 15.30 7.09
CA SER A 97 3.80 15.55 7.09
C SER A 97 3.06 14.22 6.96
N PHE A 98 2.22 13.93 7.95
CA PHE A 98 1.57 12.63 8.03
C PHE A 98 0.06 12.80 7.92
N LYS A 99 -0.62 11.69 7.68
CA LYS A 99 -2.00 11.72 7.20
C LYS A 99 -2.95 12.22 8.28
N ASP A 100 -3.91 13.04 7.83
CA ASP A 100 -4.87 13.78 8.67
C ASP A 100 -4.17 14.70 9.66
N ALA A 101 -3.47 15.69 9.11
CA ALA A 101 -3.01 16.90 9.79
C ALA A 101 -2.05 16.58 10.95
N LYS A 102 -0.88 16.06 10.57
CA LYS A 102 0.22 15.89 11.51
C LYS A 102 1.46 16.52 10.90
N LEU A 103 2.14 17.37 11.66
CA LEU A 103 3.40 17.95 11.23
C LEU A 103 4.47 17.57 12.23
N SER A 104 5.69 17.36 11.72
CA SER A 104 6.81 17.02 12.56
C SER A 104 8.06 17.67 11.99
N VAL A 105 8.80 18.38 12.83
CA VAL A 105 10.07 18.99 12.43
C VAL A 105 11.20 18.18 13.05
N VAL A 106 12.03 17.60 12.20
CA VAL A 106 13.14 16.76 12.64
C VAL A 106 14.46 17.30 12.08
N GLU A 107 15.52 17.11 12.85
CA GLU A 107 16.87 17.32 12.38
C GLU A 107 17.66 16.01 12.51
N TYR A 108 18.75 15.95 11.77
CA TYR A 108 19.77 14.94 12.03
C TYR A 108 20.43 15.21 13.37
N ASP A 109 20.65 14.17 14.12
CA ASP A 109 21.30 14.35 15.40
C ASP A 109 22.73 13.86 15.32
N PRO A 110 23.72 14.71 15.56
CA PRO A 110 25.08 14.22 15.82
C PRO A 110 25.15 13.71 17.26
N GLY A 111 26.30 13.16 17.63
CA GLY A 111 26.28 12.46 18.90
C GLY A 111 25.87 11.04 18.61
N THR A 112 24.57 10.80 18.64
CA THR A 112 23.99 9.61 18.03
C THR A 112 23.97 9.76 16.50
N HIS A 113 23.23 8.87 15.85
CA HIS A 113 23.11 8.90 14.40
C HIS A 113 21.64 8.79 13.99
N ASP A 114 20.75 9.28 14.85
CA ASP A 114 19.31 9.21 14.68
C ASP A 114 18.74 10.54 14.23
N LEU A 115 17.43 10.62 14.16
CA LEU A 115 16.71 11.88 14.02
C LEU A 115 16.38 12.43 15.39
N LYS A 116 16.22 13.76 15.45
CA LYS A 116 15.83 14.45 16.66
C LYS A 116 14.62 15.31 16.36
N THR A 117 13.52 15.06 17.06
CA THR A 117 12.30 15.84 16.84
C THR A 117 12.41 17.17 17.56
N LEU A 118 12.18 18.26 16.82
CA LEU A 118 12.23 19.60 17.38
C LEU A 118 10.85 20.16 17.68
N SER A 119 9.84 19.75 16.93
CA SER A 119 8.50 20.29 17.07
C SER A 119 7.50 19.26 16.56
N LEU A 120 6.36 19.17 17.23
CA LEU A 120 5.29 18.27 16.87
C LEU A 120 3.98 19.04 16.85
N HIS A 121 3.19 18.86 15.80
CA HIS A 121 2.00 19.67 15.57
C HIS A 121 0.83 18.76 15.23
N TYR A 122 -0.25 18.87 16.00
CA TYR A 122 -1.39 17.94 15.96
C TYR A 122 -2.64 18.75 15.65
N PHE A 123 -3.05 18.78 14.38
CA PHE A 123 -4.14 19.63 13.93
C PHE A 123 -5.37 18.84 13.49
N GLU A 124 -5.68 17.74 14.17
CA GLU A 124 -6.89 16.97 13.84
C GLU A 124 -7.86 17.02 15.02
N GLU A 125 -8.78 17.97 14.95
CA GLU A 125 -9.89 18.22 15.85
C GLU A 125 -11.20 18.20 15.05
N PRO A 126 -12.33 17.87 15.69
CA PRO A 126 -13.58 17.80 14.92
C PRO A 126 -14.11 19.14 14.44
N GLU A 127 -13.63 20.26 14.96
CA GLU A 127 -14.05 21.56 14.46
C GLU A 127 -13.24 22.02 13.25
N LEU A 128 -12.13 21.34 12.94
CA LEU A 128 -11.39 21.63 11.72
C LEU A 128 -11.81 20.74 10.55
N ARG A 129 -12.39 19.58 10.83
CA ARG A 129 -12.88 18.70 9.77
C ARG A 129 -14.15 19.23 9.13
N ASP A 130 -14.83 20.18 9.78
CA ASP A 130 -16.00 20.89 9.27
C ASP A 130 -17.16 19.92 8.97
N GLY A 131 -17.27 18.86 9.76
CA GLY A 131 -18.29 17.86 9.57
C GLY A 131 -17.97 16.77 8.58
N PHE A 132 -16.98 16.97 7.70
CA PHE A 132 -16.57 15.95 6.75
C PHE A 132 -15.71 14.92 7.47
N VAL A 133 -16.18 13.67 7.51
CA VAL A 133 -15.44 12.59 8.14
C VAL A 133 -14.46 11.95 7.17
N GLN A 134 -14.90 11.68 5.95
CA GLN A 134 -14.05 11.06 4.94
C GLN A 134 -13.11 12.12 4.38
N ASN A 135 -11.90 12.16 4.92
CA ASN A 135 -10.89 13.11 4.45
C ASN A 135 -10.29 12.63 3.15
N VAL A 136 -10.11 13.55 2.21
CA VAL A 136 -9.46 13.27 0.95
C VAL A 136 -8.16 14.06 0.81
N HIS A 137 -8.15 15.30 1.28
CA HIS A 137 -7.04 16.20 1.02
C HIS A 137 -5.86 15.87 1.93
N THR A 138 -4.69 15.71 1.31
CA THR A 138 -3.48 15.44 2.05
C THR A 138 -2.87 16.75 2.55
N PRO A 139 -2.22 16.74 3.72
CA PRO A 139 -1.54 17.96 4.17
C PRO A 139 -0.31 18.24 3.34
N ARG A 140 -0.15 19.51 2.98
CA ARG A 140 0.83 19.96 2.00
C ARG A 140 1.75 21.00 2.62
N VAL A 141 2.96 20.60 2.99
CA VAL A 141 3.91 21.53 3.60
C VAL A 141 4.61 22.32 2.50
N ARG A 142 4.57 23.64 2.60
CA ARG A 142 5.34 24.53 1.75
C ARG A 142 6.14 25.47 2.63
N VAL A 143 7.36 25.81 2.20
CA VAL A 143 8.23 26.67 2.98
C VAL A 143 8.62 27.88 2.13
N ASP A 144 9.14 28.89 2.81
CA ASP A 144 9.60 30.10 2.14
C ASP A 144 10.93 29.87 1.43
N PRO A 145 11.17 30.59 0.34
CA PRO A 145 12.54 30.62 -0.21
C PRO A 145 13.52 31.35 0.69
N ASP A 146 13.04 32.26 1.53
CA ASP A 146 13.87 33.01 2.45
C ASP A 146 13.83 32.47 3.87
N GLY A 147 12.98 31.47 4.13
CA GLY A 147 12.94 30.84 5.44
C GLY A 147 12.20 31.61 6.50
N ARG A 148 11.21 32.40 6.12
CA ARG A 148 10.49 33.23 7.09
C ARG A 148 9.32 32.49 7.75
N CYS A 149 8.62 31.64 7.00
CA CYS A 149 7.54 30.85 7.60
C CYS A 149 7.41 29.54 6.83
N ALA A 150 6.37 28.78 7.17
CA ALA A 150 6.06 27.50 6.53
C ALA A 150 4.56 27.26 6.66
N ALA A 151 3.96 26.73 5.60
CA ALA A 151 2.52 26.60 5.53
C ALA A 151 2.10 25.16 5.23
N MET A 152 1.18 24.64 6.02
CA MET A 152 0.54 23.35 5.79
C MET A 152 -0.93 23.55 5.47
N LEU A 153 -1.40 22.94 4.39
CA LEU A 153 -2.81 22.99 4.02
C LEU A 153 -3.52 21.81 4.67
N VAL A 154 -4.03 22.06 5.88
CA VAL A 154 -4.81 21.06 6.59
C VAL A 154 -6.22 20.99 6.00
N TYR A 155 -6.63 19.79 5.60
CA TYR A 155 -7.98 19.42 5.18
C TYR A 155 -8.46 20.12 3.91
N GLY A 156 -7.59 20.85 3.22
CA GLY A 156 -7.97 21.62 2.06
C GLY A 156 -8.73 22.89 2.35
N THR A 157 -9.06 23.17 3.62
CA THR A 157 -9.80 24.37 4.00
C THR A 157 -9.14 25.11 5.16
N ARG A 158 -7.94 24.70 5.59
CA ARG A 158 -7.24 25.38 6.67
C ARG A 158 -5.79 25.58 6.27
N LEU A 159 -5.24 26.75 6.59
CA LEU A 159 -3.83 27.03 6.44
C LEU A 159 -3.18 27.15 7.81
N VAL A 160 -2.41 26.15 8.18
CA VAL A 160 -1.54 26.24 9.35
C VAL A 160 -0.29 27.02 8.95
N VAL A 161 0.00 28.08 9.69
CA VAL A 161 1.18 28.90 9.43
C VAL A 161 2.14 28.72 10.60
N LEU A 162 3.36 28.27 10.30
CA LEU A 162 4.41 28.17 11.30
C LEU A 162 5.34 29.36 11.18
N PRO A 163 5.34 30.28 12.13
CA PRO A 163 6.31 31.37 12.09
C PRO A 163 7.68 30.91 12.56
N PHE A 164 8.70 31.53 11.99
CA PHE A 164 10.09 31.23 12.29
C PHE A 164 10.75 32.48 12.87
N ARG A 165 11.96 32.31 13.38
CA ARG A 165 12.69 33.44 13.95
C ARG A 165 13.74 33.97 12.96
N SER A 183 14.04 28.96 22.04
CA SER A 183 13.39 28.10 21.07
C SER A 183 13.57 28.62 19.66
N SER A 184 13.30 27.77 18.67
CA SER A 184 13.40 28.15 17.27
C SER A 184 12.05 28.34 16.61
N PHE A 185 10.96 28.24 17.37
CA PHE A 185 9.62 28.30 16.79
C PHE A 185 8.76 29.26 17.59
N LEU A 186 7.85 29.92 16.86
CA LEU A 186 6.79 30.76 17.38
C LEU A 186 5.49 29.99 17.31
N PRO A 187 4.51 30.28 18.18
CA PRO A 187 3.28 29.47 18.19
C PRO A 187 2.45 29.66 16.92
N SER A 188 2.00 28.55 16.36
CA SER A 188 1.31 28.55 15.08
C SER A 188 -0.10 29.09 15.22
N TYR A 189 -0.69 29.41 14.07
CA TYR A 189 -2.04 29.95 14.01
C TYR A 189 -2.70 29.46 12.73
N ILE A 190 -3.98 29.10 12.84
CA ILE A 190 -4.73 28.50 11.75
C ILE A 190 -5.49 29.58 11.01
N ILE A 191 -5.31 29.63 9.70
CA ILE A 191 -6.04 30.57 8.83
C ILE A 191 -7.17 29.79 8.16
N ASP A 192 -8.41 30.23 8.38
CA ASP A 192 -9.54 29.62 7.69
C ASP A 192 -9.54 30.07 6.24
N VAL A 193 -9.46 29.10 5.33
CA VAL A 193 -9.37 29.38 3.90
C VAL A 193 -10.67 29.98 3.37
N ARG A 194 -11.81 29.44 3.81
CA ARG A 194 -13.10 29.93 3.32
C ARG A 194 -13.52 31.26 3.94
N ALA A 195 -12.77 31.78 4.91
CA ALA A 195 -13.07 33.06 5.53
C ALA A 195 -12.26 34.20 4.96
N LEU A 196 -11.63 33.99 3.80
CA LEU A 196 -10.88 35.02 3.11
C LEU A 196 -11.78 35.73 2.11
N ASP A 197 -11.18 36.53 1.24
CA ASP A 197 -11.88 36.98 0.05
C ASP A 197 -11.95 35.85 -0.97
N GLU A 198 -12.89 36.00 -1.91
CA GLU A 198 -13.06 35.22 -3.13
C GLU A 198 -13.56 33.78 -2.92
N LYS A 199 -13.66 33.33 -1.65
CA LYS A 199 -14.28 32.07 -1.24
C LYS A 199 -13.63 30.87 -1.95
N LEU A 200 -12.39 30.60 -1.54
CA LEU A 200 -11.45 29.75 -2.27
C LEU A 200 -11.95 28.31 -2.47
N LEU A 201 -12.08 27.57 -1.38
CA LEU A 201 -12.92 26.38 -1.21
C LEU A 201 -12.49 25.10 -1.95
N ASN A 202 -11.56 25.18 -2.91
CA ASN A 202 -11.05 23.97 -3.58
C ASN A 202 -9.62 24.26 -4.02
N ILE A 203 -8.67 23.97 -3.16
CA ILE A 203 -7.29 24.36 -3.40
C ILE A 203 -6.62 23.30 -4.26
N ILE A 204 -5.96 23.73 -5.34
CA ILE A 204 -5.30 22.82 -6.26
C ILE A 204 -3.83 22.68 -5.88
N ASP A 205 -3.10 23.79 -5.92
CA ASP A 205 -1.72 23.83 -5.45
C ASP A 205 -1.46 25.21 -4.88
N LEU A 206 -0.50 25.29 -3.95
CA LEU A 206 -0.15 26.55 -3.35
C LEU A 206 1.36 26.63 -3.18
N GLN A 207 1.94 27.76 -3.57
CA GLN A 207 3.38 27.96 -3.60
C GLN A 207 3.72 29.33 -3.06
N PHE A 208 4.78 29.42 -2.25
CA PHE A 208 5.33 30.72 -1.92
C PHE A 208 6.13 31.27 -3.11
N LEU A 209 6.25 32.58 -3.16
CA LEU A 209 6.85 33.27 -4.30
C LEU A 209 8.12 34.01 -3.88
N HIS A 210 8.86 34.51 -4.86
CA HIS A 210 10.10 35.21 -4.55
C HIS A 210 9.96 36.73 -4.32
N GLY A 211 10.90 37.30 -3.58
CA GLY A 211 10.87 38.71 -3.24
C GLY A 211 9.66 39.01 -2.38
N TYR A 212 8.89 40.03 -2.76
CA TYR A 212 7.65 40.41 -2.07
C TYR A 212 7.81 40.63 -0.57
N TYR A 213 8.90 41.23 -0.11
CA TYR A 213 9.27 41.40 1.33
C TYR A 213 8.71 40.47 2.48
N GLU A 214 7.41 40.27 2.62
CA GLU A 214 6.82 39.35 3.60
C GLU A 214 6.61 37.99 2.94
N PRO A 215 6.34 36.92 3.72
CA PRO A 215 6.08 35.68 2.99
C PRO A 215 4.81 35.88 2.18
N THR A 216 4.86 35.59 0.89
CA THR A 216 3.71 35.75 0.01
C THR A 216 3.38 34.36 -0.43
N LEU A 217 2.10 34.01 -0.38
CA LEU A 217 1.73 32.63 -0.70
C LEU A 217 0.72 32.67 -1.84
N LEU A 218 1.13 32.19 -3.01
CA LEU A 218 0.20 32.03 -4.11
C LEU A 218 -0.64 30.79 -3.90
N ILE A 219 -1.90 30.85 -4.33
CA ILE A 219 -2.85 29.75 -4.18
C ILE A 219 -3.62 29.62 -5.48
N LEU A 220 -3.52 28.46 -6.13
CA LEU A 220 -4.48 28.09 -7.15
C LEU A 220 -5.70 27.48 -6.49
N PHE A 221 -6.87 27.82 -7.01
CA PHE A 221 -8.11 27.27 -6.48
C PHE A 221 -9.19 27.29 -7.54
N GLU A 222 -10.32 26.68 -7.22
CA GLU A 222 -11.51 26.73 -8.05
C GLU A 222 -12.67 27.14 -7.16
N PRO A 223 -13.26 28.33 -7.36
CA PRO A 223 -14.44 28.69 -6.55
C PRO A 223 -15.68 27.92 -6.95
N ASN A 224 -15.83 27.56 -8.22
CA ASN A 224 -16.99 26.83 -8.72
C ASN A 224 -16.44 25.64 -9.51
N GLN A 225 -16.23 24.52 -8.81
CA GLN A 225 -15.54 23.38 -9.38
C GLN A 225 -16.39 22.71 -10.46
N THR A 226 -15.73 22.31 -11.54
CA THR A 226 -16.37 21.56 -12.62
C THR A 226 -15.57 20.30 -12.88
N TRP A 227 -16.03 19.51 -13.85
CA TRP A 227 -15.47 18.22 -14.15
C TRP A 227 -15.18 18.12 -15.64
N PRO A 228 -14.01 17.63 -16.05
CA PRO A 228 -13.76 17.43 -17.48
C PRO A 228 -14.59 16.29 -18.03
N GLY A 229 -15.62 16.66 -18.80
CA GLY A 229 -16.71 15.76 -19.09
C GLY A 229 -18.00 16.53 -19.00
N ARG A 230 -18.02 17.54 -18.13
CA ARG A 230 -19.08 18.52 -18.09
C ARG A 230 -18.42 19.87 -18.33
N VAL A 231 -18.10 20.15 -19.59
CA VAL A 231 -17.66 21.48 -19.99
C VAL A 231 -18.51 21.88 -21.19
N ALA A 232 -19.70 22.39 -20.91
CA ALA A 232 -20.43 23.28 -21.79
C ALA A 232 -21.15 24.35 -21.00
N VAL A 233 -21.26 24.17 -19.69
CA VAL A 233 -21.93 25.12 -18.82
C VAL A 233 -20.96 25.76 -17.83
N ARG A 234 -19.80 25.17 -17.60
CA ARG A 234 -18.73 25.77 -16.79
C ARG A 234 -17.44 25.63 -17.60
N GLN A 235 -17.07 26.69 -18.33
CA GLN A 235 -15.96 26.60 -19.26
C GLN A 235 -14.62 26.63 -18.55
N ASP A 236 -14.31 27.71 -17.85
CA ASP A 236 -12.99 27.91 -17.28
C ASP A 236 -13.12 28.55 -15.89
N THR A 237 -12.95 27.74 -14.85
CA THR A 237 -13.05 28.22 -13.47
C THR A 237 -11.80 27.77 -12.71
N CYS A 238 -10.76 28.58 -12.79
CA CYS A 238 -9.63 28.53 -11.86
C CYS A 238 -9.19 29.96 -11.60
N SER A 239 -8.59 30.17 -10.43
CA SER A 239 -8.29 31.52 -10.00
C SER A 239 -7.06 31.50 -9.10
N ILE A 240 -6.55 32.69 -8.80
CA ILE A 240 -5.30 32.86 -8.06
C ILE A 240 -5.52 33.90 -6.97
N VAL A 241 -5.08 33.58 -5.75
CA VAL A 241 -4.95 34.54 -4.66
C VAL A 241 -3.51 34.49 -4.17
N ALA A 242 -2.85 35.64 -4.16
CA ALA A 242 -1.50 35.77 -3.61
C ALA A 242 -1.66 36.46 -2.25
N ILE A 243 -1.94 35.66 -1.22
CA ILE A 243 -2.10 36.20 0.12
C ILE A 243 -0.75 36.64 0.66
N SER A 244 -0.74 37.74 1.42
CA SER A 244 0.49 38.32 1.96
C SER A 244 0.47 38.18 3.48
N LEU A 245 1.35 37.34 4.01
CA LEU A 245 1.31 36.96 5.42
C LEU A 245 2.10 37.95 6.26
N ASN A 246 1.47 38.44 7.32
CA ASN A 246 2.16 39.27 8.28
C ASN A 246 2.32 38.30 9.44
N ILE A 247 3.56 37.98 9.78
CA ILE A 247 3.88 37.03 10.84
C ILE A 247 3.50 37.58 12.21
N THR A 248 3.90 38.82 12.49
CA THR A 248 3.66 39.40 13.81
C THR A 248 2.21 39.82 13.99
N GLN A 249 1.66 40.58 13.04
CA GLN A 249 0.33 41.15 13.20
C GLN A 249 -0.79 40.14 12.97
N LYS A 250 -0.47 38.99 12.34
CA LYS A 250 -1.43 37.92 12.02
C LYS A 250 -2.58 38.42 11.17
N VAL A 251 -2.31 39.37 10.28
CA VAL A 251 -3.27 39.85 9.30
C VAL A 251 -2.73 39.53 7.91
N HIS A 252 -3.64 39.39 6.95
CA HIS A 252 -3.25 38.97 5.62
C HIS A 252 -4.22 39.42 4.55
N PRO A 253 -3.86 40.42 3.75
CA PRO A 253 -4.74 40.87 2.67
C PRO A 253 -4.50 40.14 1.36
N VAL A 254 -5.58 40.01 0.59
CA VAL A 254 -5.51 39.40 -0.73
C VAL A 254 -5.06 40.46 -1.74
N ILE A 255 -3.91 40.23 -2.36
CA ILE A 255 -3.44 41.08 -3.46
C ILE A 255 -3.25 40.19 -4.69
N TRP A 256 -3.39 40.81 -5.87
CA TRP A 256 -3.09 40.22 -7.17
C TRP A 256 -3.93 38.96 -7.42
N SER A 257 -5.22 39.19 -7.65
CA SER A 257 -6.14 38.14 -8.01
C SER A 257 -6.36 38.09 -9.52
N LEU A 258 -6.41 36.87 -10.06
CA LEU A 258 -6.92 36.61 -11.40
C LEU A 258 -8.11 35.67 -11.28
N THR A 259 -8.94 35.64 -12.32
CA THR A 259 -10.16 34.85 -12.24
C THR A 259 -10.55 34.12 -13.52
N SER A 260 -9.74 34.17 -14.58
CA SER A 260 -10.18 33.64 -15.87
C SER A 260 -9.27 32.52 -16.36
N LEU A 261 -8.62 31.81 -15.43
CA LEU A 261 -7.72 30.72 -15.78
C LEU A 261 -8.51 29.54 -16.32
N PRO A 262 -7.88 28.69 -17.15
CA PRO A 262 -8.59 27.51 -17.69
C PRO A 262 -8.97 26.52 -16.59
N PHE A 263 -9.89 25.61 -16.93
CA PHE A 263 -10.51 24.80 -15.90
C PHE A 263 -9.59 23.69 -15.40
N ASP A 264 -8.79 23.11 -16.29
CA ASP A 264 -7.97 21.95 -15.95
C ASP A 264 -6.54 22.37 -15.56
N CYS A 265 -6.45 23.30 -14.61
CA CYS A 265 -5.16 23.77 -14.11
C CYS A 265 -4.69 22.86 -12.98
N THR A 266 -3.62 22.12 -13.23
CA THR A 266 -2.87 21.40 -12.21
C THR A 266 -1.82 22.36 -11.63
N GLN A 267 -0.77 21.79 -11.01
CA GLN A 267 0.18 22.49 -10.13
C GLN A 267 0.78 23.77 -10.73
N ALA A 268 1.16 24.67 -9.84
CA ALA A 268 1.88 25.89 -10.19
C ALA A 268 3.31 25.81 -9.65
N LEU A 269 4.20 26.58 -10.27
CA LEU A 269 5.61 26.58 -9.93
C LEU A 269 6.13 28.00 -9.84
N ALA A 270 6.78 28.33 -8.73
CA ALA A 270 7.32 29.66 -8.52
C ALA A 270 8.59 29.86 -9.34
N VAL A 271 8.54 30.81 -10.28
CA VAL A 271 9.73 31.19 -11.05
C VAL A 271 10.69 31.93 -10.13
N PRO A 272 12.00 31.63 -10.15
CA PRO A 272 12.94 32.27 -9.22
C PRO A 272 13.14 33.77 -9.41
N LYS A 273 13.93 34.34 -8.51
CA LYS A 273 14.04 35.77 -8.21
C LYS A 273 14.44 36.72 -9.35
N PRO A 274 15.40 36.41 -10.26
CA PRO A 274 15.72 37.40 -11.30
C PRO A 274 14.59 37.67 -12.29
N ILE A 275 13.70 36.72 -12.51
CA ILE A 275 12.50 36.96 -13.31
C ILE A 275 11.27 37.14 -12.43
N GLY A 276 11.04 36.21 -11.51
CA GLY A 276 9.90 36.28 -10.63
C GLY A 276 8.61 35.83 -11.30
N GLY A 277 7.56 35.78 -10.51
CA GLY A 277 6.26 35.40 -11.03
C GLY A 277 5.91 33.95 -10.77
N VAL A 278 5.13 33.36 -11.66
CA VAL A 278 4.68 31.98 -11.50
C VAL A 278 4.40 31.40 -12.88
N VAL A 279 4.68 30.11 -13.05
CA VAL A 279 4.21 29.34 -14.19
C VAL A 279 3.15 28.36 -13.67
N VAL A 280 2.10 28.19 -14.45
CA VAL A 280 0.94 27.39 -14.03
C VAL A 280 0.75 26.29 -15.06
N PHE A 281 0.94 25.04 -14.64
CA PHE A 281 0.64 23.92 -15.50
C PHE A 281 -0.86 23.72 -15.61
N ALA A 282 -1.36 23.68 -16.83
CA ALA A 282 -2.67 23.14 -17.12
C ALA A 282 -2.50 21.89 -17.96
N VAL A 283 -3.59 21.15 -18.14
CA VAL A 283 -3.51 19.87 -18.84
C VAL A 283 -3.21 20.10 -20.32
N ASN A 284 -3.81 21.12 -20.92
CA ASN A 284 -3.62 21.37 -22.35
C ASN A 284 -2.97 22.72 -22.64
N SER A 285 -2.45 23.41 -21.62
CA SER A 285 -1.86 24.72 -21.85
C SER A 285 -0.85 25.01 -20.75
N LEU A 286 -0.11 26.11 -20.94
CA LEU A 286 0.94 26.53 -20.03
C LEU A 286 0.94 28.05 -19.94
N LEU A 287 0.78 28.56 -18.73
CA LEU A 287 0.61 29.99 -18.50
C LEU A 287 1.78 30.55 -17.71
N TYR A 288 2.22 31.75 -18.07
CA TYR A 288 3.11 32.55 -17.23
C TYR A 288 2.33 33.75 -16.72
N LEU A 289 2.26 33.90 -15.41
CA LEU A 289 1.45 34.94 -14.78
C LEU A 289 2.32 35.74 -13.82
N ASN A 290 2.17 37.07 -13.85
CA ASN A 290 2.99 37.96 -13.03
C ASN A 290 2.11 39.13 -12.61
N GLN A 291 2.51 39.79 -11.53
CA GLN A 291 1.73 40.87 -10.96
C GLN A 291 1.52 42.07 -11.87
N SER A 292 2.54 42.41 -12.63
CA SER A 292 2.49 43.58 -13.49
C SER A 292 2.34 43.25 -14.97
N VAL A 293 2.84 42.09 -15.39
CA VAL A 293 2.81 41.65 -16.78
C VAL A 293 1.37 41.24 -17.10
N PRO A 294 0.85 41.51 -18.30
CA PRO A 294 -0.43 40.93 -18.72
C PRO A 294 -0.36 39.41 -18.79
N PRO A 295 -1.49 38.72 -18.68
CA PRO A 295 -1.48 37.24 -18.69
C PRO A 295 -1.06 36.67 -20.02
N TYR A 296 0.05 35.93 -20.01
CA TYR A 296 0.59 35.27 -21.20
C TYR A 296 0.53 33.77 -21.03
N GLY A 297 0.11 33.08 -22.09
CA GLY A 297 0.04 31.64 -22.08
C GLY A 297 -0.22 31.06 -23.46
N VAL A 298 0.32 29.88 -23.73
CA VAL A 298 0.16 29.23 -25.02
C VAL A 298 -0.56 27.91 -24.83
N ALA A 299 -1.15 27.42 -25.91
CA ALA A 299 -1.82 26.13 -25.92
C ALA A 299 -0.88 25.07 -26.47
N LEU A 300 -0.95 23.88 -25.89
CA LEU A 300 -0.02 22.81 -26.23
C LEU A 300 -0.60 21.81 -27.22
N ASN A 301 -1.92 21.76 -27.35
CA ASN A 301 -2.58 20.98 -28.38
C ASN A 301 -3.94 21.61 -28.67
N SER A 302 -4.61 21.12 -29.71
CA SER A 302 -5.90 21.69 -30.12
C SER A 302 -7.06 20.98 -29.41
N LEU A 303 -6.99 21.03 -28.08
CA LEU A 303 -8.10 20.61 -27.24
C LEU A 303 -8.60 21.76 -26.36
N THR A 304 -8.04 22.96 -26.54
CA THR A 304 -8.54 24.17 -25.91
C THR A 304 -9.43 24.97 -26.87
N THR A 305 -9.98 24.32 -27.89
CA THR A 305 -10.76 25.05 -28.89
C THR A 305 -12.13 25.45 -28.34
N GLY A 306 -12.88 24.49 -27.83
CA GLY A 306 -14.18 24.75 -27.25
C GLY A 306 -14.27 24.61 -25.74
N THR A 307 -13.14 24.47 -25.06
CA THR A 307 -13.14 24.26 -23.62
C THR A 307 -12.41 25.36 -22.85
N THR A 308 -11.86 26.35 -23.52
CA THR A 308 -11.09 27.40 -22.86
C THR A 308 -11.32 28.72 -23.58
N ALA A 309 -11.80 29.73 -22.85
CA ALA A 309 -11.98 31.06 -23.38
C ALA A 309 -10.85 32.00 -23.00
N PHE A 310 -9.83 31.49 -22.32
CA PHE A 310 -8.65 32.28 -22.00
C PHE A 310 -7.86 32.54 -23.28
N PRO A 311 -7.25 33.73 -23.43
CA PRO A 311 -6.44 33.99 -24.63
C PRO A 311 -5.14 33.21 -24.65
N LEU A 312 -5.09 32.18 -25.49
CA LEU A 312 -3.95 31.28 -25.60
C LEU A 312 -3.43 31.28 -27.01
N ARG A 313 -2.11 31.37 -27.16
CA ARG A 313 -1.47 31.29 -28.45
C ARG A 313 -1.19 29.83 -28.77
N THR A 314 -0.64 29.56 -29.95
CA THR A 314 -0.34 28.21 -30.39
C THR A 314 1.18 28.02 -30.37
N GLN A 315 1.64 27.09 -29.53
CA GLN A 315 3.06 26.76 -29.48
C GLN A 315 3.45 26.00 -30.74
N GLU A 316 4.61 26.33 -31.29
CA GLU A 316 5.02 25.82 -32.59
C GLU A 316 5.74 24.48 -32.44
N GLY A 317 5.27 23.48 -33.19
CA GLY A 317 5.92 22.18 -33.22
C GLY A 317 5.81 21.38 -31.94
N VAL A 318 4.80 21.64 -31.12
CA VAL A 318 4.63 20.99 -29.83
C VAL A 318 3.21 20.46 -29.73
N ARG A 319 3.06 19.15 -29.54
CA ARG A 319 1.77 18.52 -29.31
C ARG A 319 1.88 17.54 -28.14
N ILE A 320 1.77 18.05 -26.92
CA ILE A 320 1.84 17.26 -25.71
C ILE A 320 0.80 17.76 -24.72
N THR A 321 0.82 17.18 -23.52
CA THR A 321 -0.09 17.54 -22.44
C THR A 321 0.67 17.51 -21.12
N LEU A 322 0.22 18.34 -20.17
CA LEU A 322 0.85 18.43 -18.86
C LEU A 322 -0.23 18.17 -17.80
N ASP A 323 -0.52 16.91 -17.56
CA ASP A 323 -1.55 16.57 -16.58
C ASP A 323 -1.01 15.89 -15.33
N CYS A 324 -0.12 14.91 -15.49
CA CYS A 324 0.64 14.35 -14.37
C CYS A 324 2.10 14.53 -14.74
N ALA A 325 2.65 15.70 -14.44
CA ALA A 325 3.98 16.08 -14.88
C ALA A 325 4.73 16.71 -13.73
N GLN A 326 5.98 16.31 -13.57
CA GLN A 326 6.86 16.88 -12.56
C GLN A 326 7.83 17.83 -13.24
N ALA A 327 8.28 18.84 -12.49
CA ALA A 327 9.20 19.81 -13.06
C ALA A 327 10.01 20.47 -11.94
N THR A 328 11.16 21.00 -12.33
CA THR A 328 12.06 21.67 -11.42
C THR A 328 12.79 22.75 -12.20
N PHE A 329 13.33 23.73 -11.50
CA PHE A 329 14.04 24.79 -12.17
C PHE A 329 15.54 24.60 -12.09
N ILE A 330 16.18 24.62 -13.25
CA ILE A 330 17.62 24.52 -13.33
C ILE A 330 17.99 25.98 -13.47
N SER A 331 18.81 26.49 -12.55
CA SER A 331 19.21 27.90 -12.55
C SER A 331 17.95 28.76 -12.58
N TYR A 332 17.90 29.72 -13.48
CA TYR A 332 16.73 30.57 -13.66
C TYR A 332 16.45 30.60 -15.15
N ASP A 333 15.17 30.57 -15.51
CA ASP A 333 14.61 30.62 -16.88
C ASP A 333 14.66 29.31 -17.67
N LYS A 334 15.21 28.28 -17.06
CA LYS A 334 15.29 26.97 -17.69
C LYS A 334 14.55 26.00 -16.80
N MET A 335 13.59 25.29 -17.37
CA MET A 335 12.82 24.32 -16.59
C MET A 335 12.79 22.96 -17.26
N VAL A 336 13.06 21.92 -16.49
CA VAL A 336 13.02 20.56 -17.04
C VAL A 336 11.74 19.88 -16.56
N ILE A 337 10.95 19.39 -17.51
CA ILE A 337 9.63 18.81 -17.23
C ILE A 337 9.65 17.34 -17.58
N SER A 338 9.22 16.49 -16.64
CA SER A 338 9.03 15.06 -16.91
C SER A 338 7.55 14.81 -17.09
N LEU A 339 7.16 14.47 -18.32
CA LEU A 339 5.75 14.27 -18.65
C LEU A 339 5.30 12.87 -18.25
N LYS A 340 4.02 12.58 -18.46
CA LYS A 340 3.59 11.20 -18.50
C LYS A 340 4.09 10.56 -19.78
N GLY A 341 4.39 9.28 -19.71
CA GLY A 341 5.22 8.63 -20.71
C GLY A 341 6.71 8.73 -20.43
N GLY A 342 7.10 9.50 -19.41
CA GLY A 342 8.49 9.64 -19.02
C GLY A 342 9.31 10.59 -19.88
N GLU A 343 8.68 11.29 -20.81
CA GLU A 343 9.40 12.14 -21.75
C GLU A 343 9.86 13.42 -21.08
N ILE A 344 11.12 13.78 -21.30
CA ILE A 344 11.75 14.94 -20.68
C ILE A 344 11.80 16.07 -21.69
N TYR A 345 11.19 17.20 -21.35
CA TYR A 345 11.36 18.44 -22.09
C TYR A 345 12.09 19.44 -21.23
N VAL A 346 12.65 20.47 -21.87
CA VAL A 346 13.31 21.56 -21.18
C VAL A 346 12.67 22.86 -21.65
N LEU A 347 11.98 23.54 -20.75
CA LEU A 347 11.34 24.81 -21.06
C LEU A 347 12.32 25.96 -20.83
N THR A 348 12.45 26.84 -21.81
CA THR A 348 13.25 28.05 -21.69
C THR A 348 12.32 29.24 -21.69
N LEU A 349 12.44 30.09 -20.68
CA LEU A 349 11.64 31.32 -20.59
C LEU A 349 12.38 32.40 -21.37
N ILE A 350 11.86 32.75 -22.54
CA ILE A 350 12.50 33.76 -23.39
C ILE A 350 12.27 35.12 -22.77
N THR A 351 13.35 35.76 -22.33
CA THR A 351 13.31 36.93 -21.46
C THR A 351 13.61 38.18 -22.27
N ASP A 352 12.81 39.21 -22.06
CA ASP A 352 13.04 40.51 -22.69
C ASP A 352 14.08 41.29 -21.90
N GLY A 353 14.23 42.59 -22.22
CA GLY A 353 15.21 43.41 -21.52
C GLY A 353 14.79 43.80 -20.13
N MET A 354 13.48 43.88 -19.87
CA MET A 354 12.95 44.28 -18.58
C MET A 354 12.56 43.09 -17.71
N ARG A 355 13.19 41.92 -17.93
CA ARG A 355 12.90 40.66 -17.24
C ARG A 355 11.43 40.26 -17.35
N SER A 356 10.86 40.45 -18.54
CA SER A 356 9.49 40.06 -18.82
C SER A 356 9.47 38.91 -19.82
N VAL A 357 8.72 37.87 -19.49
CA VAL A 357 8.67 36.65 -20.30
C VAL A 357 7.82 36.93 -21.53
N ARG A 358 8.42 36.79 -22.70
CA ARG A 358 7.75 37.05 -23.97
C ARG A 358 7.23 35.80 -24.66
N ALA A 359 8.03 34.73 -24.69
CA ALA A 359 7.64 33.51 -25.39
C ALA A 359 8.24 32.30 -24.69
N PHE A 360 7.84 31.12 -25.15
CA PHE A 360 8.27 29.84 -24.61
C PHE A 360 9.07 29.08 -25.66
N HIS A 361 9.91 28.17 -25.20
CA HIS A 361 10.71 27.32 -26.10
C HIS A 361 10.78 25.91 -25.52
N PHE A 362 10.42 24.92 -26.35
CA PHE A 362 10.45 23.52 -25.97
C PHE A 362 11.44 22.75 -26.83
N ASP A 363 11.97 21.68 -26.25
CA ASP A 363 12.76 20.71 -27.01
C ASP A 363 12.54 19.32 -26.42
N LYS A 364 12.61 18.31 -27.29
CA LYS A 364 12.39 16.93 -26.87
C LYS A 364 13.74 16.29 -26.55
N ALA A 365 14.04 16.18 -25.27
CA ALA A 365 15.26 15.52 -24.81
C ALA A 365 14.99 14.04 -24.60
N ALA A 366 15.93 13.34 -23.97
CA ALA A 366 15.82 11.89 -23.84
C ALA A 366 14.77 11.49 -22.82
N ALA A 367 13.99 10.47 -23.15
CA ALA A 367 12.97 9.95 -22.26
C ALA A 367 13.59 9.22 -21.08
N SER A 368 12.82 9.08 -20.01
CA SER A 368 13.30 8.44 -18.80
C SER A 368 12.13 7.78 -18.08
N VAL A 369 12.32 7.46 -16.80
CA VAL A 369 11.36 6.71 -16.00
C VAL A 369 10.13 7.58 -15.71
N LEU A 370 8.98 6.92 -15.52
CA LEU A 370 7.74 7.56 -15.11
C LEU A 370 7.87 8.07 -13.68
N THR A 371 8.22 9.35 -13.54
CA THR A 371 8.64 9.89 -12.25
C THR A 371 7.45 10.20 -11.35
N THR A 372 7.75 10.37 -10.07
CA THR A 372 6.86 11.01 -9.12
C THR A 372 7.52 12.21 -8.45
N SER A 373 8.79 12.47 -8.73
CA SER A 373 9.51 13.56 -8.10
C SER A 373 10.61 14.03 -9.04
N MET A 374 11.20 15.18 -8.70
CA MET A 374 12.11 15.87 -9.61
C MET A 374 12.94 16.86 -8.81
N VAL A 375 14.25 16.66 -8.73
CA VAL A 375 15.13 17.49 -7.91
C VAL A 375 16.48 17.68 -8.61
N THR A 376 16.94 18.93 -8.71
CA THR A 376 18.31 19.22 -9.10
C THR A 376 19.25 19.00 -7.91
N MET A 377 20.28 18.21 -8.13
CA MET A 377 21.43 18.10 -7.24
C MET A 377 22.46 19.15 -7.65
N GLU A 378 23.75 18.93 -7.31
CA GLU A 378 24.92 19.67 -7.83
C GLU A 378 24.76 19.99 -9.31
N PRO A 379 25.09 21.24 -9.75
CA PRO A 379 24.62 21.72 -11.05
C PRO A 379 25.17 20.94 -12.24
N GLY A 380 24.26 20.20 -12.86
CA GLY A 380 24.63 19.23 -13.87
C GLY A 380 24.00 17.87 -13.62
N TYR A 381 23.16 17.75 -12.59
CA TYR A 381 22.56 16.47 -12.23
C TYR A 381 21.07 16.64 -11.93
N LEU A 382 20.29 15.62 -12.29
CA LEU A 382 18.88 15.51 -11.92
C LEU A 382 18.62 14.14 -11.31
N PHE A 383 18.01 14.12 -10.13
CA PHE A 383 17.46 12.89 -9.60
C PHE A 383 16.00 12.78 -9.99
N LEU A 384 15.56 11.56 -10.27
CA LEU A 384 14.20 11.28 -10.74
C LEU A 384 13.60 10.19 -9.88
N GLY A 385 12.97 10.58 -8.77
CA GLY A 385 12.30 9.60 -7.95
C GLY A 385 11.05 9.05 -8.61
N SER A 386 10.78 7.76 -8.37
CA SER A 386 9.61 7.14 -8.96
C SER A 386 9.13 5.97 -8.10
N ARG A 387 7.81 5.82 -8.00
CA ARG A 387 7.23 4.63 -7.41
C ARG A 387 7.30 3.45 -8.38
N LEU A 388 6.80 3.67 -9.60
CA LEU A 388 6.65 2.60 -10.57
C LEU A 388 7.79 2.68 -11.58
N GLY A 389 8.86 1.95 -11.29
CA GLY A 389 10.07 2.01 -12.09
C GLY A 389 11.27 2.34 -11.24
N ASN A 390 12.47 2.07 -11.75
CA ASN A 390 13.68 2.35 -11.00
C ASN A 390 13.95 3.84 -10.98
N SER A 391 13.99 4.43 -9.79
CA SER A 391 14.29 5.84 -9.65
C SER A 391 15.77 6.08 -9.95
N LEU A 392 16.06 6.86 -10.97
CA LEU A 392 17.43 7.01 -11.46
C LEU A 392 17.91 8.45 -11.45
N LEU A 393 19.23 8.57 -11.35
CA LEU A 393 19.94 9.84 -11.39
C LEU A 393 20.41 10.15 -12.80
N LEU A 394 20.31 11.41 -13.21
CA LEU A 394 20.71 11.84 -14.54
C LEU A 394 21.91 12.79 -14.47
N LYS A 395 22.37 13.18 -15.67
CA LYS A 395 23.42 14.16 -15.83
C LYS A 395 23.16 14.91 -17.12
N TYR A 396 23.14 16.24 -17.07
CA TYR A 396 22.88 17.05 -18.25
C TYR A 396 24.08 17.94 -18.56
N THR A 397 24.47 17.93 -19.83
CA THR A 397 25.46 18.85 -20.37
C THR A 397 24.83 19.56 -21.57
N GLU A 398 25.39 20.71 -21.92
CA GLU A 398 24.89 21.46 -23.07
C GLU A 398 25.47 20.90 -24.37
N LYS A 399 24.65 20.91 -25.41
CA LYS A 399 25.09 20.42 -26.71
C LYS A 399 25.84 21.51 -27.46
N LEU A 400 26.75 21.09 -28.32
CA LEU A 400 27.61 22.02 -29.04
C LEU A 400 27.17 22.17 -30.49
N LEU A 458 19.63 28.84 -29.27
CA LEU A 458 19.32 28.56 -27.88
C LEU A 458 20.00 27.27 -27.41
N ALA A 459 20.14 27.13 -26.11
CA ALA A 459 20.85 25.98 -25.55
C ALA A 459 19.96 24.74 -25.56
N THR A 460 20.56 23.61 -25.93
CA THR A 460 19.89 22.31 -25.94
C THR A 460 20.72 21.34 -25.12
N TYR A 461 20.04 20.57 -24.26
CA TYR A 461 20.71 19.71 -23.31
C TYR A 461 20.57 18.25 -23.71
N SER A 462 21.51 17.43 -23.24
CA SER A 462 21.51 16.00 -23.46
C SER A 462 21.65 15.30 -22.13
N PHE A 463 20.83 14.29 -21.90
CA PHE A 463 20.73 13.62 -20.61
C PHE A 463 21.31 12.21 -20.69
N GLU A 464 22.20 11.89 -19.76
CA GLU A 464 22.74 10.54 -19.60
C GLU A 464 22.41 10.02 -18.22
N VAL A 465 22.40 8.70 -18.07
CA VAL A 465 22.04 8.03 -16.83
C VAL A 465 23.31 7.70 -16.07
N CYS A 466 23.41 8.17 -14.83
CA CYS A 466 24.56 7.87 -13.98
C CYS A 466 24.30 6.66 -13.08
N ASP A 467 23.22 6.69 -12.31
CA ASP A 467 22.93 5.65 -11.34
C ASP A 467 21.42 5.43 -11.33
N SER A 468 21.00 4.24 -10.92
CA SER A 468 19.60 3.92 -10.76
C SER A 468 19.42 3.14 -9.46
N ILE A 469 18.26 3.32 -8.84
CA ILE A 469 17.93 2.70 -7.56
C ILE A 469 16.85 1.65 -7.82
N LEU A 470 17.09 0.43 -7.36
CA LEU A 470 16.24 -0.69 -7.70
C LEU A 470 14.90 -0.62 -6.96
N ASN A 471 13.85 -1.02 -7.66
CA ASN A 471 12.48 -0.76 -7.23
C ASN A 471 11.61 -1.95 -7.58
N ILE A 472 11.27 -2.74 -6.57
CA ILE A 472 10.13 -3.65 -6.68
C ILE A 472 8.88 -2.79 -6.65
N GLY A 473 8.21 -2.64 -7.79
CA GLY A 473 7.25 -1.59 -7.97
C GLY A 473 5.88 -1.86 -7.37
N PRO A 474 4.84 -1.33 -8.02
CA PRO A 474 3.47 -1.57 -7.55
C PRO A 474 3.01 -2.98 -7.84
N CYS A 475 3.28 -3.89 -6.89
CA CYS A 475 3.10 -5.33 -7.04
C CYS A 475 1.65 -5.70 -7.29
N ALA A 476 1.31 -6.03 -8.54
CA ALA A 476 -0.08 -6.24 -8.92
C ALA A 476 -0.55 -7.66 -8.59
N ASN A 477 0.02 -8.64 -9.28
CA ASN A 477 -0.18 -10.05 -8.97
C ASN A 477 1.20 -10.68 -8.84
N ALA A 478 1.29 -11.75 -8.08
CA ALA A 478 2.57 -12.37 -7.85
C ALA A 478 2.39 -13.86 -7.54
N ALA A 479 3.12 -14.69 -8.27
CA ALA A 479 2.96 -16.14 -8.24
C ALA A 479 4.16 -16.79 -7.57
N VAL A 480 3.90 -17.91 -6.91
CA VAL A 480 4.94 -18.69 -6.24
C VAL A 480 5.33 -19.85 -7.15
N GLY A 481 6.64 -20.02 -7.38
CA GLY A 481 7.11 -21.10 -8.23
C GLY A 481 8.41 -21.68 -7.70
N GLU A 482 8.85 -22.75 -8.36
CA GLU A 482 10.09 -23.44 -8.01
C GLU A 482 11.20 -23.04 -8.96
N PRO A 483 12.39 -22.71 -8.46
CA PRO A 483 13.50 -22.38 -9.36
C PRO A 483 14.06 -23.62 -10.06
N ALA A 484 14.73 -23.37 -11.19
CA ALA A 484 15.15 -24.44 -12.07
C ALA A 484 16.59 -24.91 -11.83
N PHE A 485 17.39 -24.15 -11.09
CA PHE A 485 18.81 -24.49 -10.96
C PHE A 485 19.19 -24.87 -9.54
N LEU A 486 18.39 -25.68 -8.88
CA LEU A 486 18.79 -26.27 -7.61
C LEU A 486 19.85 -27.33 -7.86
N SER A 487 20.93 -27.29 -7.09
CA SER A 487 22.01 -28.25 -7.28
C SER A 487 21.60 -29.63 -6.77
N GLU A 488 22.27 -30.65 -7.30
CA GLU A 488 21.89 -32.03 -7.04
C GLU A 488 22.24 -32.50 -5.63
N GLU A 489 23.11 -31.76 -4.91
CA GLU A 489 23.38 -32.10 -3.53
C GLU A 489 22.22 -31.65 -2.63
N PHE A 490 21.51 -30.60 -3.02
CA PHE A 490 20.47 -30.00 -2.20
C PHE A 490 19.09 -30.52 -2.56
N GLN A 491 19.01 -31.57 -3.36
CA GLN A 491 17.72 -32.03 -3.89
C GLN A 491 16.90 -32.75 -2.85
N ASN A 492 17.54 -33.46 -1.91
CA ASN A 492 16.85 -34.22 -0.89
C ASN A 492 16.64 -33.43 0.40
N SER A 493 16.49 -32.12 0.30
CA SER A 493 16.18 -31.29 1.45
C SER A 493 14.70 -31.45 1.81
N PRO A 494 14.35 -31.46 3.10
CA PRO A 494 12.94 -31.69 3.46
C PRO A 494 12.02 -30.52 3.17
N GLU A 495 12.50 -29.29 3.36
CA GLU A 495 11.65 -28.14 3.11
C GLU A 495 11.56 -27.85 1.61
N PRO A 496 10.41 -27.37 1.14
CA PRO A 496 10.28 -27.04 -0.29
C PRO A 496 11.13 -25.83 -0.66
N ASP A 497 11.69 -25.90 -1.86
CA ASP A 497 12.63 -24.90 -2.36
C ASP A 497 11.91 -24.11 -3.45
N LEU A 498 11.56 -22.87 -3.14
CA LEU A 498 10.64 -22.13 -4.00
C LEU A 498 10.96 -20.63 -3.94
N GLU A 499 10.42 -19.90 -4.92
CA GLU A 499 10.64 -18.47 -5.05
C GLU A 499 9.36 -17.81 -5.53
N ILE A 500 9.37 -16.48 -5.54
CA ILE A 500 8.22 -15.67 -5.92
C ILE A 500 8.57 -14.77 -7.09
N VAL A 501 7.64 -14.65 -8.03
CA VAL A 501 7.80 -13.82 -9.22
C VAL A 501 6.70 -12.76 -9.18
N VAL A 502 7.09 -11.50 -9.22
CA VAL A 502 6.20 -10.38 -8.91
C VAL A 502 6.05 -9.50 -10.14
N CYS A 503 4.81 -9.20 -10.52
CA CYS A 503 4.52 -8.22 -11.57
C CYS A 503 4.75 -6.83 -11.00
N SER A 504 5.90 -6.23 -11.29
CA SER A 504 6.24 -4.91 -10.79
C SER A 504 6.13 -3.87 -11.89
N GLY A 505 6.15 -2.60 -11.48
CA GLY A 505 6.20 -1.48 -12.41
C GLY A 505 4.89 -1.26 -13.17
N HIS A 506 4.93 -0.23 -14.02
CA HIS A 506 3.80 0.10 -14.87
C HIS A 506 4.31 0.71 -16.18
N GLY A 507 3.62 0.40 -17.27
CA GLY A 507 3.81 1.08 -18.54
C GLY A 507 5.12 0.77 -19.22
N LYS A 508 5.92 1.81 -19.48
CA LYS A 508 7.24 1.62 -20.06
C LYS A 508 8.18 0.94 -19.07
N ASN A 509 7.99 1.18 -17.78
CA ASN A 509 8.80 0.57 -16.74
C ASN A 509 8.16 -0.68 -16.17
N GLY A 510 7.25 -1.31 -16.90
CA GLY A 510 6.68 -2.57 -16.46
C GLY A 510 7.69 -3.68 -16.52
N ALA A 511 7.63 -4.58 -15.53
CA ALA A 511 8.69 -5.55 -15.36
C ALA A 511 8.19 -6.74 -14.58
N LEU A 512 9.06 -7.75 -14.46
CA LEU A 512 8.91 -8.86 -13.54
C LEU A 512 10.06 -8.84 -12.54
N SER A 513 9.80 -9.33 -11.34
CA SER A 513 10.79 -9.32 -10.28
C SER A 513 10.85 -10.71 -9.66
N VAL A 514 11.98 -11.39 -9.83
CA VAL A 514 12.13 -12.76 -9.33
C VAL A 514 12.79 -12.63 -7.96
N LEU A 515 11.95 -12.47 -6.94
CA LEU A 515 12.42 -12.32 -5.57
C LEU A 515 12.68 -13.70 -4.97
N GLN A 516 13.70 -13.76 -4.12
CA GLN A 516 14.16 -15.02 -3.52
C GLN A 516 14.97 -14.65 -2.30
N LYS A 517 14.50 -15.01 -1.11
CA LYS A 517 15.01 -14.43 0.12
C LYS A 517 16.39 -14.94 0.48
N SER A 518 16.61 -16.25 0.39
CA SER A 518 17.86 -16.85 0.85
C SER A 518 18.80 -17.11 -0.31
N ILE A 519 20.10 -17.11 0.01
CA ILE A 519 21.14 -17.43 -0.96
C ILE A 519 21.29 -18.94 -1.07
N ARG A 520 21.22 -19.45 -2.29
CA ARG A 520 21.36 -20.87 -2.57
C ARG A 520 22.60 -21.09 -3.41
N PRO A 521 23.67 -21.68 -2.86
CA PRO A 521 24.91 -21.83 -3.63
C PRO A 521 24.80 -22.91 -4.70
N GLN A 522 25.72 -22.84 -5.65
CA GLN A 522 25.89 -23.87 -6.67
C GLN A 522 27.10 -24.71 -6.30
N VAL A 523 26.86 -25.85 -5.64
CA VAL A 523 27.94 -26.77 -5.31
C VAL A 523 28.37 -27.49 -6.58
N VAL A 524 29.57 -27.17 -7.07
CA VAL A 524 30.08 -27.81 -8.27
C VAL A 524 30.98 -29.01 -7.96
N THR A 525 31.54 -29.09 -6.77
CA THR A 525 32.37 -30.23 -6.37
C THR A 525 32.29 -30.39 -4.86
N THR A 526 31.89 -31.57 -4.42
CA THR A 526 31.80 -31.87 -2.99
C THR A 526 32.91 -32.82 -2.58
N PHE A 527 33.12 -32.92 -1.28
CA PHE A 527 34.09 -33.84 -0.70
C PHE A 527 33.52 -34.44 0.58
N GLU A 528 34.25 -35.41 1.13
CA GLU A 528 33.92 -36.05 2.40
C GLU A 528 35.20 -36.06 3.22
N LEU A 529 35.40 -35.00 4.01
CA LEU A 529 36.59 -34.84 4.84
C LEU A 529 36.16 -34.72 6.29
N PRO A 530 36.05 -35.84 7.01
CA PRO A 530 35.70 -35.77 8.43
C PRO A 530 36.92 -35.43 9.28
N GLY A 531 36.63 -34.98 10.50
CA GLY A 531 37.66 -34.65 11.48
C GLY A 531 38.14 -33.22 11.45
N CYS A 532 38.35 -32.68 10.25
CA CYS A 532 38.82 -31.30 10.12
C CYS A 532 37.68 -30.32 10.31
N TYR A 533 37.95 -29.26 11.06
CA TYR A 533 36.93 -28.29 11.47
C TYR A 533 37.22 -26.87 11.03
N ASP A 534 38.47 -26.41 11.15
CA ASP A 534 38.86 -25.10 10.64
C ASP A 534 39.44 -25.22 9.24
N MET A 535 39.47 -24.08 8.55
CA MET A 535 39.94 -24.04 7.18
C MET A 535 40.40 -22.64 6.83
N TRP A 536 41.37 -22.56 5.92
CA TRP A 536 41.89 -21.28 5.43
C TRP A 536 42.32 -21.46 3.98
N THR A 537 42.21 -20.39 3.22
CA THR A 537 42.74 -20.33 1.86
C THR A 537 43.70 -19.16 1.77
N VAL A 538 44.92 -19.44 1.33
CA VAL A 538 45.94 -18.42 1.16
C VAL A 538 46.25 -18.27 -0.32
N ILE A 539 46.89 -17.16 -0.65
CA ILE A 539 47.24 -16.83 -2.03
C ILE A 539 48.72 -17.08 -2.23
N ALA A 540 49.05 -18.05 -3.08
CA ALA A 540 50.44 -18.38 -3.36
C ALA A 540 50.76 -18.11 -4.82
N PRO A 541 51.95 -17.57 -5.11
CA PRO A 541 52.34 -17.29 -6.51
C PRO A 541 52.83 -18.54 -7.23
N ARG A 570 45.82 -13.43 -8.65
CA ARG A 570 45.21 -13.34 -7.32
C ARG A 570 44.43 -14.61 -6.97
N ARG A 571 44.70 -15.68 -7.71
CA ARG A 571 44.08 -16.97 -7.42
C ARG A 571 44.64 -17.53 -6.10
N HIS A 572 43.80 -18.26 -5.39
CA HIS A 572 44.23 -18.90 -4.15
C HIS A 572 45.06 -20.13 -4.45
N GLY A 573 46.15 -20.30 -3.72
CA GLY A 573 47.09 -21.36 -4.00
C GLY A 573 46.89 -22.61 -3.16
N PHE A 574 46.67 -22.44 -1.86
CA PHE A 574 46.61 -23.55 -0.92
C PHE A 574 45.26 -23.58 -0.23
N LEU A 575 44.93 -24.75 0.32
CA LEU A 575 43.80 -24.93 1.23
C LEU A 575 44.32 -25.63 2.48
N ILE A 576 44.21 -24.97 3.62
CA ILE A 576 44.87 -25.37 4.84
C ILE A 576 43.80 -25.82 5.83
N LEU A 577 43.71 -27.12 6.05
CA LEU A 577 42.67 -27.73 6.88
C LEU A 577 43.27 -28.16 8.21
N SER A 578 42.66 -27.72 9.31
CA SER A 578 43.14 -28.03 10.64
C SER A 578 42.31 -29.14 11.25
N ARG A 579 42.99 -30.17 11.76
CA ARG A 579 42.36 -31.30 12.44
C ARG A 579 42.66 -31.21 13.94
N GLU A 580 42.14 -32.19 14.69
CA GLU A 580 42.37 -32.23 16.12
C GLU A 580 43.78 -32.66 16.47
N ASP A 581 44.48 -33.34 15.56
CA ASP A 581 45.85 -33.79 15.80
C ASP A 581 46.82 -33.52 14.67
N SER A 582 46.35 -33.24 13.45
CA SER A 582 47.24 -33.00 12.32
C SER A 582 46.72 -31.80 11.54
N THR A 583 47.29 -31.58 10.36
CA THR A 583 46.93 -30.47 9.50
C THR A 583 47.04 -30.92 8.05
N MET A 584 45.98 -30.71 7.28
CA MET A 584 45.98 -31.08 5.87
C MET A 584 46.34 -29.89 5.00
N ILE A 585 46.89 -30.18 3.83
CA ILE A 585 47.27 -29.19 2.83
C ILE A 585 46.68 -29.64 1.50
N LEU A 586 46.10 -28.70 0.75
CA LEU A 586 45.57 -29.01 -0.58
C LEU A 586 46.17 -28.03 -1.58
N GLN A 587 47.04 -28.53 -2.44
CA GLN A 587 47.55 -27.77 -3.57
C GLN A 587 46.43 -27.53 -4.57
N THR A 588 46.07 -26.28 -4.79
CA THR A 588 45.00 -25.96 -5.73
C THR A 588 45.57 -25.54 -7.08
N GLY A 589 44.70 -25.52 -8.08
CA GLY A 589 45.10 -25.21 -9.44
C GLY A 589 44.18 -25.81 -10.47
N GLN A 590 44.75 -26.52 -11.44
CA GLN A 590 43.93 -27.17 -12.48
C GLN A 590 43.11 -28.31 -11.89
N GLU A 591 43.71 -29.07 -10.98
CA GLU A 591 43.02 -30.11 -10.23
C GLU A 591 43.57 -30.10 -8.82
N ILE A 592 42.69 -29.93 -7.83
CA ILE A 592 43.13 -29.79 -6.45
C ILE A 592 43.55 -31.14 -5.90
N MET A 593 44.61 -31.15 -5.11
CA MET A 593 45.27 -32.39 -4.73
C MET A 593 45.97 -32.20 -3.38
N GLU A 594 45.90 -33.22 -2.53
CA GLU A 594 46.46 -33.14 -1.20
C GLU A 594 47.99 -33.20 -1.27
N LEU A 595 48.64 -32.32 -0.51
CA LEU A 595 50.08 -32.15 -0.56
C LEU A 595 50.75 -32.80 0.65
N ASP A 596 51.87 -33.48 0.40
CA ASP A 596 52.56 -34.23 1.45
C ASP A 596 54.01 -33.82 1.66
N THR A 597 54.48 -32.76 1.01
CA THR A 597 55.89 -32.38 1.13
C THR A 597 56.10 -31.53 2.39
N SER A 598 57.30 -30.98 2.54
CA SER A 598 57.66 -30.19 3.71
C SER A 598 57.11 -28.77 3.59
N GLY A 599 57.60 -27.87 4.44
CA GLY A 599 57.03 -26.54 4.52
C GLY A 599 56.16 -26.35 5.75
N PHE A 600 54.85 -26.50 5.57
CA PHE A 600 53.88 -26.42 6.65
C PHE A 600 54.14 -27.45 7.74
N ALA A 601 53.68 -27.15 8.95
CA ALA A 601 53.66 -28.10 10.05
C ALA A 601 52.40 -28.92 9.95
N THR A 602 52.54 -30.24 9.75
CA THR A 602 51.41 -31.15 9.74
C THR A 602 51.41 -32.09 10.94
N GLN A 603 52.36 -31.92 11.87
CA GLN A 603 52.38 -32.77 13.05
C GLN A 603 51.32 -32.37 14.07
N GLY A 604 50.80 -31.15 13.99
CA GLY A 604 49.79 -30.69 14.92
C GLY A 604 48.80 -29.76 14.26
N PRO A 605 47.87 -29.22 15.04
CA PRO A 605 46.88 -28.30 14.49
C PRO A 605 47.48 -26.92 14.25
N THR A 606 46.73 -26.10 13.52
CA THR A 606 47.05 -24.70 13.29
C THR A 606 45.87 -23.85 13.74
N VAL A 607 46.17 -22.71 14.37
CA VAL A 607 45.10 -21.85 14.86
C VAL A 607 44.80 -20.69 13.91
N PHE A 608 45.73 -20.34 13.01
CA PHE A 608 45.50 -19.33 11.99
C PHE A 608 46.50 -19.56 10.87
N ALA A 609 46.10 -19.20 9.65
CA ALA A 609 46.97 -19.30 8.49
C ALA A 609 46.53 -18.27 7.46
N GLY A 610 47.38 -17.28 7.20
CA GLY A 610 47.02 -16.22 6.27
C GLY A 610 48.24 -15.58 5.65
N ASN A 611 47.97 -14.60 4.79
CA ASN A 611 49.04 -13.91 4.07
C ASN A 611 49.54 -12.70 4.83
N ILE A 612 50.81 -12.38 4.63
CA ILE A 612 51.44 -11.19 5.19
C ILE A 612 52.09 -10.45 4.03
N GLY A 613 52.38 -9.16 4.25
CA GLY A 613 52.86 -8.32 3.17
C GLY A 613 51.72 -7.94 2.26
N ASP A 614 51.92 -8.10 0.95
CA ASP A 614 50.82 -7.99 -0.01
C ASP A 614 50.84 -9.23 -0.92
N ASN A 615 50.26 -10.32 -0.39
CA ASN A 615 50.14 -11.62 -1.06
C ASN A 615 51.49 -12.17 -1.52
N ARG A 616 52.56 -11.85 -0.81
CA ARG A 616 53.89 -12.31 -1.16
C ARG A 616 54.41 -13.40 -0.22
N TYR A 617 53.77 -13.60 0.92
CA TYR A 617 54.19 -14.62 1.86
C TYR A 617 52.96 -15.31 2.43
N ILE A 618 53.21 -16.38 3.19
CA ILE A 618 52.18 -17.14 3.88
C ILE A 618 52.62 -17.30 5.33
N VAL A 619 51.77 -16.90 6.26
CA VAL A 619 52.03 -17.01 7.68
C VAL A 619 50.98 -17.93 8.29
N GLN A 620 51.42 -19.04 8.85
CA GLN A 620 50.55 -19.87 9.66
C GLN A 620 51.00 -19.80 11.11
N VAL A 621 50.06 -20.04 12.03
CA VAL A 621 50.33 -19.96 13.46
C VAL A 621 50.00 -21.32 14.05
N SER A 622 51.02 -22.03 14.50
CA SER A 622 50.85 -23.21 15.34
C SER A 622 50.65 -22.78 16.78
N PRO A 623 50.16 -23.65 17.65
CA PRO A 623 50.13 -23.32 19.09
C PRO A 623 51.51 -23.22 19.74
N LEU A 624 52.59 -23.59 19.05
CA LEU A 624 53.95 -23.44 19.55
C LEU A 624 54.65 -22.24 18.94
N GLY A 625 54.45 -21.98 17.65
CA GLY A 625 55.12 -20.87 17.01
C GLY A 625 54.52 -20.42 15.69
N ILE A 626 55.29 -19.64 14.92
CA ILE A 626 54.84 -19.07 13.66
C ILE A 626 55.90 -19.32 12.59
N ARG A 627 55.49 -19.86 11.45
CA ARG A 627 56.36 -20.12 10.32
C ARG A 627 56.13 -19.07 9.23
N LEU A 628 57.20 -18.70 8.54
CA LEU A 628 57.08 -17.91 7.32
C LEU A 628 57.26 -18.81 6.12
N LEU A 629 56.65 -18.42 5.00
CA LEU A 629 56.53 -19.28 3.84
C LEU A 629 56.48 -18.44 2.59
N GLU A 630 57.27 -18.80 1.58
CA GLU A 630 57.20 -18.20 0.25
C GLU A 630 56.41 -19.09 -0.71
N GLY A 631 55.36 -19.74 -0.21
CA GLY A 631 54.67 -20.76 -0.95
C GLY A 631 54.85 -22.10 -0.26
N VAL A 632 55.59 -23.00 -0.89
CA VAL A 632 55.91 -24.27 -0.24
C VAL A 632 57.12 -24.10 0.67
N ASN A 633 58.07 -23.26 0.27
CA ASN A 633 59.36 -23.15 0.94
C ASN A 633 59.22 -22.36 2.24
N GLN A 634 59.58 -22.98 3.35
CA GLN A 634 59.57 -22.30 4.65
C GLN A 634 60.78 -21.40 4.77
N LEU A 635 60.55 -20.16 5.20
CA LEU A 635 61.65 -19.23 5.41
C LEU A 635 62.32 -19.46 6.76
N HIS A 636 61.59 -19.24 7.85
CA HIS A 636 62.12 -19.50 9.19
C HIS A 636 60.95 -19.71 10.16
N PHE A 637 61.27 -19.84 11.44
CA PHE A 637 60.33 -20.24 12.47
C PHE A 637 60.66 -19.53 13.78
N ILE A 638 59.63 -19.03 14.47
CA ILE A 638 59.81 -18.35 15.75
C ILE A 638 58.91 -19.00 16.79
N PRO A 639 59.50 -19.78 17.69
CA PRO A 639 58.75 -20.45 18.76
C PRO A 639 58.13 -19.37 19.63
N VAL A 640 57.00 -19.67 20.26
CA VAL A 640 56.35 -18.69 21.11
C VAL A 640 55.73 -19.33 22.35
N ASP A 641 56.43 -19.24 23.48
CA ASP A 641 55.91 -19.79 24.71
C ASP A 641 54.66 -19.00 25.07
N LEU A 642 54.85 -17.71 25.32
CA LEU A 642 53.75 -16.80 25.64
C LEU A 642 52.79 -17.34 26.69
N GLY A 643 53.33 -17.79 27.82
CA GLY A 643 52.51 -18.31 28.89
C GLY A 643 51.82 -19.62 28.55
N ALA A 644 50.68 -19.52 27.85
CA ALA A 644 49.92 -20.69 27.46
C ALA A 644 49.91 -20.84 25.94
N PRO A 645 49.25 -21.90 25.44
CA PRO A 645 49.17 -22.15 24.00
C PRO A 645 48.33 -21.10 23.28
N ILE A 646 48.69 -20.79 22.05
CA ILE A 646 48.06 -19.76 21.23
C ILE A 646 46.64 -20.19 20.86
N VAL A 647 45.66 -19.31 21.12
CA VAL A 647 44.28 -19.64 20.84
C VAL A 647 43.76 -18.96 19.57
N GLN A 648 44.18 -17.74 19.26
CA GLN A 648 43.82 -17.10 18.00
C GLN A 648 44.83 -16.02 17.67
N CYS A 649 44.83 -15.62 16.40
CA CYS A 649 45.66 -14.52 15.93
C CYS A 649 44.88 -13.70 14.91
N ALA A 650 45.26 -12.43 14.79
CA ALA A 650 44.72 -11.53 13.79
C ALA A 650 45.88 -10.98 12.96
N VAL A 651 45.58 -10.56 11.74
CA VAL A 651 46.62 -10.18 10.79
C VAL A 651 46.33 -8.79 10.22
N ALA A 652 47.40 -8.00 10.07
CA ALA A 652 47.42 -6.75 9.34
C ALA A 652 48.41 -6.90 8.19
N ASP A 653 48.75 -5.80 7.53
CA ASP A 653 49.63 -6.00 6.38
C ASP A 653 51.09 -6.17 6.81
N PRO A 654 51.68 -5.37 7.75
CA PRO A 654 52.95 -5.80 8.33
C PRO A 654 52.83 -6.42 9.71
N TYR A 655 51.67 -6.37 10.33
CA TYR A 655 51.51 -6.70 11.75
C TYR A 655 50.82 -8.06 11.92
N VAL A 656 51.32 -8.85 12.87
CA VAL A 656 50.70 -10.09 13.32
C VAL A 656 50.63 -10.04 14.84
N VAL A 657 49.42 -10.13 15.38
CA VAL A 657 49.19 -10.01 16.82
C VAL A 657 48.71 -11.35 17.35
N ILE A 658 49.42 -11.86 18.36
CA ILE A 658 49.19 -13.18 18.94
C ILE A 658 48.47 -13.00 20.26
N MET A 659 47.60 -13.94 20.60
CA MET A 659 46.96 -13.97 21.91
C MET A 659 46.97 -15.39 22.45
N SER A 660 47.47 -15.57 23.66
CA SER A 660 47.50 -16.87 24.31
C SER A 660 46.19 -17.11 25.05
N ALA A 661 46.12 -18.22 25.78
CA ALA A 661 44.90 -18.57 26.49
C ALA A 661 44.75 -17.82 27.81
N GLU A 662 45.81 -17.19 28.30
CA GLU A 662 45.78 -16.45 29.55
C GLU A 662 45.90 -14.94 29.35
N GLY A 663 45.61 -14.45 28.15
CA GLY A 663 45.57 -13.03 27.88
C GLY A 663 46.90 -12.39 27.51
N HIS A 664 47.97 -13.17 27.37
CA HIS A 664 49.25 -12.61 26.98
C HIS A 664 49.23 -12.27 25.49
N VAL A 665 49.64 -11.06 25.16
CA VAL A 665 49.60 -10.55 23.79
C VAL A 665 51.01 -10.18 23.37
N THR A 666 51.43 -10.70 22.22
CA THR A 666 52.68 -10.29 21.57
C THR A 666 52.37 -9.89 20.14
N MET A 667 53.31 -9.19 19.51
CA MET A 667 53.11 -8.67 18.17
C MET A 667 54.34 -8.90 17.31
N PHE A 668 54.14 -9.35 16.09
CA PHE A 668 55.21 -9.53 15.11
C PHE A 668 55.07 -8.50 13.99
N LEU A 669 56.21 -8.07 13.47
CA LEU A 669 56.29 -7.00 12.48
C LEU A 669 57.23 -7.38 11.35
N LEU A 670 56.77 -7.20 10.11
CA LEU A 670 57.67 -7.39 8.97
C LEU A 670 58.67 -6.26 8.88
N LYS A 671 59.95 -6.61 8.81
CA LYS A 671 61.02 -5.69 8.49
C LYS A 671 61.74 -6.19 7.25
N SER A 672 61.91 -5.33 6.27
CA SER A 672 62.58 -5.72 5.04
C SER A 672 64.08 -5.88 5.29
N ASP A 673 64.58 -7.09 5.05
CA ASP A 673 65.98 -7.40 5.31
C ASP A 673 66.66 -7.81 4.02
N HIS A 679 63.82 -9.45 0.88
CA HIS A 679 63.75 -10.38 2.00
C HIS A 679 63.05 -9.75 3.20
N HIS A 680 62.06 -10.46 3.74
CA HIS A 680 61.32 -9.97 4.89
C HIS A 680 61.43 -10.95 6.04
N ARG A 681 61.15 -10.45 7.25
CA ARG A 681 61.38 -11.23 8.46
C ARG A 681 60.54 -10.67 9.60
N LEU A 682 59.76 -11.53 10.28
CA LEU A 682 58.94 -11.05 11.39
C LEU A 682 59.80 -10.74 12.61
N ALA A 683 59.52 -9.61 13.24
CA ALA A 683 60.30 -9.12 14.38
C ALA A 683 59.39 -8.97 15.59
N LEU A 684 59.84 -9.47 16.73
CA LEU A 684 59.05 -9.40 17.95
C LEU A 684 59.03 -7.97 18.50
N HIS A 685 57.82 -7.48 18.80
CA HIS A 685 57.62 -6.20 19.47
C HIS A 685 56.56 -6.44 20.54
N LYS A 686 56.98 -6.51 21.80
CA LYS A 686 56.04 -6.75 22.88
C LYS A 686 55.23 -5.49 23.16
N PRO A 687 53.91 -5.56 23.19
CA PRO A 687 53.09 -4.35 23.39
C PRO A 687 53.09 -3.92 24.84
N PRO A 688 53.21 -2.61 25.09
CA PRO A 688 52.92 -2.11 26.44
C PRO A 688 51.42 -1.99 26.70
N LEU A 689 50.88 -2.92 27.48
CA LEU A 689 49.46 -2.97 27.77
C LEU A 689 49.27 -3.14 29.27
N HIS A 690 48.64 -2.16 29.90
CA HIS A 690 48.37 -2.18 31.33
C HIS A 690 47.22 -3.15 31.56
N HIS A 691 47.53 -4.35 32.06
CA HIS A 691 46.52 -5.39 32.27
C HIS A 691 45.94 -5.27 33.67
N GLN A 692 44.95 -4.39 33.80
CA GLN A 692 44.12 -4.40 35.00
C GLN A 692 43.16 -5.58 34.98
N SER A 693 42.82 -6.07 33.80
CA SER A 693 42.04 -7.29 33.64
C SER A 693 42.51 -8.02 32.39
N LYS A 694 42.11 -9.28 32.28
CA LYS A 694 42.62 -10.16 31.23
C LYS A 694 41.98 -9.81 29.88
N VAL A 695 42.80 -9.87 28.82
CA VAL A 695 42.30 -9.67 27.48
C VAL A 695 41.57 -10.93 27.02
N ILE A 696 40.32 -10.76 26.58
CA ILE A 696 39.50 -11.89 26.17
C ILE A 696 39.66 -12.21 24.69
N THR A 697 39.55 -11.20 23.83
CA THR A 697 39.65 -11.43 22.40
C THR A 697 40.27 -10.20 21.74
N LEU A 698 40.71 -10.37 20.49
CA LEU A 698 41.44 -9.33 19.78
C LEU A 698 40.91 -9.18 18.37
N CYS A 699 41.30 -8.08 17.74
CA CYS A 699 40.98 -7.78 16.36
C CYS A 699 41.96 -6.72 15.85
N LEU A 700 42.36 -6.86 14.59
CA LEU A 700 43.17 -5.87 13.92
C LEU A 700 42.37 -5.25 12.78
N TYR A 701 42.81 -4.07 12.35
CA TYR A 701 42.08 -3.30 11.36
C TYR A 701 43.01 -2.25 10.75
N ARG A 702 42.85 -2.03 9.45
CA ARG A 702 43.56 -0.97 8.75
C ARG A 702 42.56 -0.01 8.11
N ASP A 703 43.00 1.22 7.91
CA ASP A 703 42.21 2.27 7.25
C ASP A 703 42.60 2.32 5.79
N LEU A 704 41.61 2.34 4.90
CA LEU A 704 41.89 2.67 3.51
C LEU A 704 41.10 3.87 3.01
N SER A 705 40.02 4.22 3.70
CA SER A 705 39.35 5.52 3.55
C SER A 705 39.12 5.99 4.98
N GLY A 706 40.07 6.77 5.48
CA GLY A 706 40.20 6.98 6.91
C GLY A 706 39.22 7.91 7.56
N MET A 707 38.27 7.35 8.32
CA MET A 707 37.53 8.12 9.29
C MET A 707 38.11 8.00 10.69
N PHE A 708 39.04 7.06 10.91
CA PHE A 708 39.77 6.99 12.17
C PHE A 708 40.88 8.03 12.09
N THR A 709 40.52 9.28 12.38
CA THR A 709 41.42 10.40 12.12
C THR A 709 42.26 10.75 13.34
N THR A 710 41.77 10.37 14.53
CA THR A 710 42.31 10.61 15.89
C THR A 710 42.94 12.00 16.10
N GLU A 711 42.29 13.03 15.54
CA GLU A 711 42.78 14.42 15.48
C GLU A 711 44.17 14.49 14.87
N GLU A 780 46.90 7.22 2.63
CA GLU A 780 47.87 6.50 3.45
C GLU A 780 47.17 5.63 4.49
N PRO A 781 47.52 4.35 4.55
CA PRO A 781 46.85 3.45 5.49
C PRO A 781 47.30 3.70 6.92
N THR A 782 46.40 3.43 7.86
CA THR A 782 46.65 3.57 9.29
C THR A 782 46.11 2.34 9.98
N HIS A 783 46.90 1.75 10.86
CA HIS A 783 46.59 0.45 11.45
C HIS A 783 46.08 0.63 12.88
N TRP A 784 45.10 -0.20 13.24
CA TRP A 784 44.41 -0.09 14.52
C TRP A 784 44.20 -1.47 15.12
N CYS A 785 44.16 -1.52 16.44
CA CYS A 785 43.97 -2.77 17.17
C CYS A 785 42.76 -2.64 18.09
N LEU A 786 42.05 -3.74 18.27
CA LEU A 786 40.85 -3.76 19.11
C LEU A 786 40.97 -4.89 20.12
N LEU A 787 40.56 -4.61 21.35
CA LEU A 787 40.95 -5.41 22.50
C LEU A 787 39.84 -5.36 23.54
N VAL A 788 39.17 -6.49 23.75
CA VAL A 788 38.08 -6.60 24.71
C VAL A 788 38.60 -7.30 25.95
N ARG A 789 38.37 -6.69 27.11
CA ARG A 789 38.82 -7.23 28.39
C ARG A 789 37.66 -7.84 29.16
N GLU A 790 38.00 -8.62 30.18
CA GLU A 790 37.00 -9.38 30.92
C GLU A 790 36.18 -8.54 31.89
N ASN A 791 36.62 -7.32 32.20
CA ASN A 791 35.81 -6.43 33.03
C ASN A 791 34.72 -5.73 32.24
N GLY A 792 34.60 -5.98 30.94
CA GLY A 792 33.62 -5.35 30.11
C GLY A 792 34.09 -4.12 29.36
N THR A 793 35.35 -3.76 29.49
CA THR A 793 35.88 -2.57 28.84
C THR A 793 36.46 -2.93 27.48
N MET A 794 36.14 -2.10 26.48
CA MET A 794 36.65 -2.26 25.13
C MET A 794 37.62 -1.13 24.82
N GLU A 795 38.79 -1.46 24.28
CA GLU A 795 39.87 -0.51 24.10
C GLU A 795 40.38 -0.58 22.66
N ILE A 796 40.50 0.58 22.01
CA ILE A 796 41.15 0.69 20.71
C ILE A 796 42.51 1.33 20.89
N TYR A 797 43.54 0.70 20.35
CA TYR A 797 44.90 1.21 20.37
C TYR A 797 45.36 1.52 18.96
N GLN A 798 46.08 2.63 18.80
CA GLN A 798 46.72 2.91 17.52
C GLN A 798 47.96 2.04 17.39
N LEU A 799 47.94 1.14 16.41
CA LEU A 799 48.78 -0.06 16.36
C LEU A 799 50.31 0.12 16.26
N PRO A 800 50.88 1.13 15.57
CA PRO A 800 52.35 1.28 15.65
C PRO A 800 52.86 1.63 17.04
N ASP A 801 52.19 2.53 17.74
CA ASP A 801 52.41 2.74 19.16
C ASP A 801 51.49 1.77 19.92
N TRP A 802 51.31 1.96 21.22
CA TRP A 802 50.24 1.27 21.95
C TRP A 802 49.54 2.22 22.91
N ARG A 803 49.16 3.40 22.41
CA ARG A 803 48.45 4.36 23.23
C ARG A 803 46.94 4.13 23.14
N LEU A 804 46.26 4.39 24.25
CA LEU A 804 44.81 4.19 24.33
C LEU A 804 44.11 5.34 23.64
N VAL A 805 43.25 5.01 22.67
CA VAL A 805 42.58 6.02 21.86
C VAL A 805 41.08 6.04 22.10
N PHE A 806 40.46 4.92 22.43
CA PHE A 806 39.01 4.80 22.52
C PHE A 806 38.69 3.83 23.65
N LEU A 807 37.61 4.09 24.38
CA LEU A 807 37.31 3.30 25.58
C LEU A 807 35.81 3.31 25.86
N VAL A 808 35.16 2.16 25.67
CA VAL A 808 33.79 1.93 26.11
C VAL A 808 33.85 1.17 27.43
N LYS A 809 33.28 1.73 28.49
CA LYS A 809 33.45 1.14 29.81
C LYS A 809 32.53 -0.06 30.04
N ASN A 810 31.35 -0.10 29.42
CA ASN A 810 30.43 -1.22 29.59
C ASN A 810 30.01 -1.69 28.21
N PHE A 811 30.84 -2.53 27.60
CA PHE A 811 30.66 -3.00 26.23
C PHE A 811 29.74 -4.22 26.01
N PRO A 812 29.81 -5.32 26.77
CA PRO A 812 29.00 -6.50 26.39
C PRO A 812 27.50 -6.36 26.65
N VAL A 813 27.03 -5.22 27.16
CA VAL A 813 25.61 -5.02 27.37
C VAL A 813 24.88 -4.90 26.04
N GLY A 814 25.48 -4.20 25.08
CA GLY A 814 24.88 -4.08 23.76
C GLY A 814 24.18 -2.76 23.56
N GLN A 815 24.84 -1.67 23.96
CA GLN A 815 24.26 -0.34 23.90
C GLN A 815 24.03 0.10 22.46
N ARG A 816 23.13 1.07 22.30
CA ARG A 816 22.75 1.52 20.97
C ARG A 816 23.86 2.34 20.32
N VAL A 817 24.43 3.28 21.06
CA VAL A 817 25.51 4.13 20.58
C VAL A 817 26.72 3.94 21.49
N LEU A 818 27.87 3.65 20.89
CA LEU A 818 29.10 3.46 21.64
C LEU A 818 29.88 4.76 21.70
N VAL A 819 30.04 5.29 22.91
CA VAL A 819 30.70 6.56 23.14
C VAL A 819 31.94 6.31 23.98
N ASP A 820 33.03 6.99 23.65
CA ASP A 820 34.26 6.84 24.42
C ASP A 820 34.15 7.50 25.79
N SER A 821 34.97 7.02 26.72
CA SER A 821 34.97 7.52 28.08
C SER A 821 36.30 8.07 28.54
N SER A 822 37.41 7.65 27.93
CA SER A 822 38.73 8.12 28.32
C SER A 822 38.98 9.55 27.84
N LEU A 843 29.06 -10.49 33.34
CA LEU A 843 28.55 -10.01 32.07
C LEU A 843 28.19 -11.17 31.15
N PRO A 844 27.67 -10.84 29.95
CA PRO A 844 27.26 -11.81 28.93
C PRO A 844 28.38 -12.57 28.22
N LEU A 845 29.65 -12.17 28.43
CA LEU A 845 30.87 -12.77 27.83
C LEU A 845 31.05 -12.58 26.31
N VAL A 846 32.11 -11.87 25.92
CA VAL A 846 32.33 -11.58 24.51
C VAL A 846 33.16 -12.69 23.89
N LYS A 847 32.66 -13.29 22.81
CA LYS A 847 33.33 -14.42 22.18
C LYS A 847 34.32 -13.96 21.11
N GLU A 848 33.81 -13.26 20.09
CA GLU A 848 34.56 -12.94 18.88
C GLU A 848 34.26 -11.52 18.47
N VAL A 849 35.28 -10.79 18.02
CA VAL A 849 35.16 -9.40 17.59
C VAL A 849 35.84 -9.24 16.24
N LEU A 850 35.20 -8.52 15.31
CA LEU A 850 35.79 -8.27 14.00
C LEU A 850 35.48 -6.86 13.51
N LEU A 851 36.51 -6.07 13.25
CA LEU A 851 36.39 -4.82 12.51
C LEU A 851 36.70 -5.04 11.03
N VAL A 852 35.81 -4.59 10.17
CA VAL A 852 35.96 -4.73 8.72
C VAL A 852 35.43 -3.48 8.03
N ALA A 853 36.18 -3.01 7.03
CA ALA A 853 35.73 -1.91 6.19
C ALA A 853 35.04 -2.48 4.95
N LEU A 854 33.90 -1.88 4.60
CA LEU A 854 33.12 -2.34 3.46
C LEU A 854 32.67 -1.15 2.64
N GLY A 855 32.40 -1.40 1.37
CA GLY A 855 31.86 -0.37 0.48
C GLY A 855 32.85 0.07 -0.59
N SER A 856 32.61 1.28 -1.10
CA SER A 856 33.49 1.86 -2.11
C SER A 856 34.82 2.26 -1.49
N ARG A 857 35.89 1.60 -1.93
CA ARG A 857 37.27 1.89 -1.53
C ARG A 857 37.47 1.76 -0.01
N GLN A 858 36.79 0.76 0.57
CA GLN A 858 36.89 0.40 1.99
C GLN A 858 36.51 1.57 2.89
N SER A 859 35.35 2.16 2.60
CA SER A 859 35.01 3.46 3.19
C SER A 859 34.56 3.34 4.64
N ARG A 860 33.49 2.60 4.89
CA ARG A 860 32.85 2.60 6.19
C ARG A 860 33.16 1.33 6.97
N PRO A 861 33.69 1.44 8.18
CA PRO A 861 33.94 0.24 8.99
C PRO A 861 32.69 -0.24 9.70
N TYR A 862 32.71 -1.53 10.03
CA TYR A 862 31.65 -2.18 10.80
C TYR A 862 32.30 -2.95 11.94
N LEU A 863 31.57 -3.05 13.05
CA LEU A 863 32.02 -3.82 14.20
C LEU A 863 31.04 -4.96 14.44
N LEU A 864 31.53 -6.20 14.32
CA LEU A 864 30.72 -7.40 14.50
C LEU A 864 31.23 -8.11 15.73
N VAL A 865 30.39 -8.23 16.77
CA VAL A 865 30.80 -8.90 17.99
C VAL A 865 29.83 -10.04 18.31
N HIS A 866 30.29 -10.94 19.18
CA HIS A 866 29.56 -12.14 19.58
C HIS A 866 29.49 -12.17 21.10
N VAL A 867 28.29 -11.97 21.65
CA VAL A 867 28.06 -11.88 23.09
C VAL A 867 26.89 -12.78 23.46
N ASP A 868 27.17 -13.91 24.10
CA ASP A 868 26.14 -14.82 24.58
C ASP A 868 25.04 -15.23 23.61
N GLN A 869 25.44 -15.94 22.56
CA GLN A 869 24.51 -16.48 21.56
C GLN A 869 23.64 -15.38 20.95
N GLU A 870 24.23 -14.20 20.76
CA GLU A 870 23.51 -13.05 20.23
C GLU A 870 24.44 -12.26 19.34
N LEU A 871 23.96 -11.93 18.14
CA LEU A 871 24.71 -11.10 17.21
C LEU A 871 24.26 -9.65 17.32
N LEU A 872 25.19 -8.76 17.65
CA LEU A 872 24.91 -7.34 17.67
C LEU A 872 26.03 -6.61 16.96
N ILE A 873 25.69 -5.93 15.87
CA ILE A 873 26.69 -5.34 14.97
C ILE A 873 26.52 -3.82 14.98
N TYR A 874 27.60 -3.13 14.63
CA TYR A 874 27.67 -1.68 14.71
C TYR A 874 28.10 -1.08 13.38
N GLU A 875 27.53 0.08 13.05
CA GLU A 875 28.09 0.93 12.01
C GLU A 875 29.18 1.80 12.63
N ALA A 876 29.67 2.78 11.89
CA ALA A 876 30.59 3.76 12.42
C ALA A 876 30.39 5.06 11.67
N PHE A 877 30.39 6.17 12.40
CA PHE A 877 30.17 7.49 11.83
C PHE A 877 31.11 8.47 12.50
N PRO A 878 31.57 9.48 11.77
CA PRO A 878 32.50 10.45 12.37
C PRO A 878 31.79 11.36 13.35
N HIS A 879 32.53 11.81 14.36
CA HIS A 879 31.97 12.66 15.40
C HIS A 879 33.09 13.47 16.03
N ASP A 880 33.10 14.77 15.76
CA ASP A 880 34.13 15.67 16.30
C ASP A 880 33.68 16.11 17.69
N SER A 881 34.20 15.44 18.72
CA SER A 881 33.89 15.79 20.10
C SER A 881 35.14 16.39 20.74
N GLN A 882 35.06 17.68 21.03
CA GLN A 882 36.19 18.40 21.62
C GLN A 882 36.30 18.11 23.11
N LEU A 883 36.69 16.89 23.46
CA LEU A 883 36.80 16.49 24.86
C LEU A 883 38.09 15.69 25.05
N GLY A 884 39.17 16.18 24.46
CA GLY A 884 40.45 15.50 24.57
C GLY A 884 41.26 15.68 23.31
N GLN A 885 42.53 15.33 23.43
CA GLN A 885 43.45 15.44 22.29
C GLN A 885 43.56 14.11 21.57
N GLY A 886 44.03 13.08 22.27
CA GLY A 886 44.27 11.79 21.67
C GLY A 886 43.11 10.83 21.74
N ASN A 887 42.04 11.11 20.98
CA ASN A 887 40.87 10.25 20.95
C ASN A 887 40.38 10.12 19.52
N LEU A 888 39.76 8.98 19.22
CA LEU A 888 39.12 8.79 17.92
C LEU A 888 37.94 9.72 17.75
N LYS A 889 37.81 10.27 16.55
CA LYS A 889 36.65 11.07 16.19
C LYS A 889 35.60 10.22 15.49
N VAL A 890 35.25 9.08 16.10
CA VAL A 890 34.21 8.19 15.59
C VAL A 890 33.36 7.71 16.75
N ARG A 891 32.12 7.32 16.42
CA ARG A 891 31.27 6.58 17.33
C ARG A 891 30.59 5.47 16.53
N PHE A 892 30.08 4.48 17.25
CA PHE A 892 29.50 3.29 16.64
C PHE A 892 28.01 3.24 16.97
N LYS A 893 27.20 2.90 15.98
CA LYS A 893 25.75 2.80 16.15
C LYS A 893 25.28 1.38 15.87
N LYS A 894 24.56 0.80 16.83
CA LYS A 894 23.94 -0.50 16.65
C LYS A 894 22.87 -0.45 15.56
N VAL A 895 22.82 -1.49 14.74
CA VAL A 895 21.81 -1.59 13.68
C VAL A 895 21.04 -2.90 13.84
N PRO A 896 19.74 -2.97 13.45
CA PRO A 896 18.92 -4.16 13.74
C PRO A 896 19.29 -5.43 13.02
N HIS A 897 18.59 -6.53 13.36
CA HIS A 897 18.92 -7.86 12.87
C HIS A 897 17.65 -8.64 12.58
N ASN A 898 17.85 -9.83 12.02
CA ASN A 898 16.86 -10.89 11.99
C ASN A 898 17.55 -12.21 12.35
N ILE A 899 18.79 -12.15 12.83
CA ILE A 899 19.66 -13.30 13.00
C ILE A 899 19.91 -13.55 14.48
N ASN A 900 19.70 -14.78 14.91
CA ASN A 900 20.05 -15.21 16.26
C ASN A 900 21.03 -16.37 16.21
N PHE A 901 21.90 -16.43 17.22
CA PHE A 901 22.83 -17.55 17.36
C PHE A 901 22.27 -18.62 18.29
N ARG A 902 21.05 -19.07 18.05
CA ARG A 902 20.39 -20.04 18.91
C ARG A 902 20.34 -21.39 18.22
N GLU A 903 20.89 -22.41 18.88
CA GLU A 903 20.91 -23.77 18.32
C GLU A 903 19.52 -24.39 18.35
N GLY A 926 42.07 -23.46 18.87
CA GLY A 926 40.98 -24.17 19.52
C GLY A 926 39.65 -23.46 19.39
N ARG A 927 39.68 -22.28 18.77
CA ARG A 927 38.49 -21.48 18.55
C ARG A 927 38.17 -21.42 17.07
N VAL A 928 36.87 -21.48 16.74
CA VAL A 928 36.39 -21.42 15.37
C VAL A 928 35.77 -20.06 15.15
N ALA A 929 36.34 -19.28 14.23
CA ALA A 929 35.86 -17.95 13.96
C ALA A 929 34.57 -17.99 13.16
N ARG A 930 33.53 -17.35 13.68
CA ARG A 930 32.27 -17.21 12.95
C ARG A 930 32.31 -16.06 11.96
N PHE A 931 33.04 -15.00 12.27
CA PHE A 931 33.04 -13.77 11.50
C PHE A 931 34.21 -13.86 10.54
N ARG A 932 33.94 -14.22 9.29
CA ARG A 932 35.01 -14.45 8.32
C ARG A 932 34.83 -13.52 7.12
N TYR A 933 35.69 -12.50 7.08
CA TYR A 933 35.64 -11.49 6.04
C TYR A 933 36.07 -12.06 4.69
N PHE A 934 35.29 -11.78 3.65
CA PHE A 934 35.67 -12.13 2.30
C PHE A 934 35.73 -10.87 1.44
N GLU A 935 36.63 -10.90 0.47
CA GLU A 935 36.74 -9.86 -0.53
C GLU A 935 36.62 -10.50 -1.91
N ASP A 936 35.73 -9.94 -2.73
CA ASP A 936 35.53 -10.32 -4.13
C ASP A 936 35.11 -11.79 -4.27
N ILE A 937 33.94 -12.08 -3.73
CA ILE A 937 33.17 -13.26 -4.12
C ILE A 937 32.06 -12.74 -5.03
N TYR A 938 32.22 -12.99 -6.34
CA TYR A 938 31.34 -12.49 -7.40
C TYR A 938 31.25 -10.96 -7.35
N GLY A 939 32.38 -10.32 -7.06
CA GLY A 939 32.44 -8.87 -6.98
C GLY A 939 32.11 -8.31 -5.61
N TYR A 940 31.21 -9.01 -4.91
CA TYR A 940 30.71 -8.56 -3.62
C TYR A 940 31.72 -8.82 -2.52
N SER A 941 31.88 -7.85 -1.63
CA SER A 941 32.77 -7.98 -0.49
C SER A 941 31.96 -7.85 0.78
N GLY A 942 32.30 -8.65 1.79
CA GLY A 942 31.59 -8.60 3.05
C GLY A 942 32.05 -9.67 4.01
N VAL A 943 31.18 -10.03 4.92
CA VAL A 943 31.46 -10.99 5.98
C VAL A 943 30.45 -12.13 5.86
N PHE A 944 30.93 -13.36 5.96
CA PHE A 944 30.05 -14.51 6.14
C PHE A 944 30.04 -14.88 7.61
N ILE A 945 28.86 -15.00 8.17
CA ILE A 945 28.68 -15.26 9.60
C ILE A 945 28.23 -16.71 9.75
N CYS A 946 29.13 -17.57 10.24
CA CYS A 946 28.84 -18.98 10.37
C CYS A 946 27.99 -19.25 11.61
N GLY A 947 27.51 -20.48 11.73
CA GLY A 947 26.81 -20.90 12.91
C GLY A 947 25.54 -21.68 12.63
N PRO A 948 24.59 -21.66 13.57
CA PRO A 948 23.34 -22.42 13.36
C PRO A 948 22.42 -21.78 12.33
N SER A 949 22.55 -20.47 12.10
CA SER A 949 21.79 -19.79 11.06
C SER A 949 22.77 -18.92 10.29
N PRO A 950 23.35 -19.45 9.22
CA PRO A 950 24.39 -18.69 8.49
C PRO A 950 23.79 -17.56 7.66
N HIS A 951 24.47 -16.41 7.69
CA HIS A 951 24.03 -15.23 6.97
C HIS A 951 25.18 -14.60 6.21
N TRP A 952 24.85 -13.94 5.10
CA TRP A 952 25.79 -13.20 4.28
C TRP A 952 25.64 -11.72 4.56
N LEU A 953 26.70 -11.09 5.06
CA LEU A 953 26.73 -9.64 5.27
C LEU A 953 27.35 -9.00 4.04
N LEU A 954 26.64 -8.06 3.42
CA LEU A 954 27.10 -7.47 2.17
C LEU A 954 26.90 -5.96 2.17
N VAL A 955 27.94 -5.23 1.81
CA VAL A 955 27.86 -3.80 1.51
C VAL A 955 28.59 -3.57 0.19
N THR A 956 27.85 -3.11 -0.82
CA THR A 956 28.42 -2.77 -2.11
C THR A 956 28.79 -1.29 -2.11
N GLY A 957 29.00 -0.71 -3.30
CA GLY A 957 29.21 0.71 -3.42
C GLY A 957 28.00 1.57 -3.08
N ARG A 958 26.81 0.96 -2.95
CA ARG A 958 25.63 1.68 -2.46
C ARG A 958 25.80 2.10 -1.01
N GLY A 959 26.53 1.32 -0.21
CA GLY A 959 26.66 1.61 1.20
C GLY A 959 25.50 1.12 2.05
N ALA A 960 24.61 0.32 1.48
CA ALA A 960 23.45 -0.19 2.19
C ALA A 960 23.77 -1.57 2.74
N LEU A 961 23.44 -1.80 4.01
CA LEU A 961 23.74 -3.05 4.69
C LEU A 961 22.76 -4.11 4.24
N ARG A 962 23.29 -5.29 3.88
CA ARG A 962 22.48 -6.38 3.34
C ARG A 962 22.80 -7.65 4.10
N LEU A 963 21.78 -8.24 4.72
CA LEU A 963 21.91 -9.50 5.44
C LEU A 963 21.03 -10.54 4.75
N HIS A 964 21.67 -11.52 4.11
CA HIS A 964 20.94 -12.55 3.39
C HIS A 964 21.19 -13.90 4.05
N PRO A 965 20.16 -14.69 4.33
CA PRO A 965 20.38 -15.99 4.97
C PRO A 965 20.80 -17.05 3.95
N MET A 966 21.37 -18.13 4.49
CA MET A 966 21.69 -19.33 3.70
C MET A 966 21.23 -20.52 4.54
N ALA A 967 19.97 -20.92 4.37
CA ALA A 967 19.35 -21.92 5.23
C ALA A 967 19.48 -23.34 4.69
N ILE A 968 19.70 -23.50 3.39
CA ILE A 968 19.96 -24.82 2.81
C ILE A 968 21.33 -25.28 3.30
N ASP A 969 21.50 -26.61 3.38
CA ASP A 969 22.69 -27.34 3.84
C ASP A 969 22.93 -27.14 5.35
N GLY A 970 21.92 -26.66 6.07
CA GLY A 970 21.93 -26.65 7.51
C GLY A 970 22.92 -25.67 8.10
N PRO A 971 23.35 -25.93 9.34
CA PRO A 971 24.37 -25.09 9.96
C PRO A 971 25.73 -25.30 9.30
N VAL A 972 26.51 -24.22 9.26
CA VAL A 972 27.79 -24.19 8.57
C VAL A 972 28.88 -23.87 9.59
N ASP A 973 29.89 -24.73 9.65
CA ASP A 973 30.93 -24.64 10.67
C ASP A 973 32.05 -23.67 10.31
N SER A 974 32.44 -23.61 9.04
CA SER A 974 33.58 -22.80 8.64
C SER A 974 33.35 -22.27 7.23
N PHE A 975 34.25 -21.40 6.79
CA PHE A 975 34.06 -20.69 5.53
C PHE A 975 35.40 -20.16 5.06
N ALA A 976 35.56 -20.07 3.73
CA ALA A 976 36.76 -19.49 3.13
C ALA A 976 36.44 -19.05 1.71
N PRO A 977 37.00 -17.94 1.25
CA PRO A 977 36.91 -17.60 -0.18
C PRO A 977 37.80 -18.52 -0.99
N PHE A 978 37.45 -18.69 -2.26
CA PHE A 978 38.18 -19.65 -3.08
C PHE A 978 38.07 -19.25 -4.55
N HIS A 979 39.12 -18.66 -5.09
CA HIS A 979 39.24 -18.35 -6.50
C HIS A 979 40.23 -19.33 -7.13
N ASN A 980 39.79 -20.03 -8.17
CA ASN A 980 40.61 -21.06 -8.79
C ASN A 980 40.37 -20.97 -10.30
N VAL A 981 40.76 -22.01 -11.04
CA VAL A 981 40.56 -22.06 -12.48
C VAL A 981 39.24 -22.78 -12.77
N ASN A 982 39.12 -24.02 -12.29
CA ASN A 982 37.89 -24.78 -12.48
C ASN A 982 36.74 -24.22 -11.64
N CYS A 983 37.05 -23.46 -10.60
CA CYS A 983 36.05 -22.73 -9.84
C CYS A 983 36.27 -21.23 -10.03
N PRO A 984 35.29 -20.48 -10.53
CA PRO A 984 35.44 -19.01 -10.62
C PRO A 984 35.39 -18.32 -9.28
N ARG A 985 35.25 -16.99 -9.28
CA ARG A 985 35.19 -16.19 -8.05
C ARG A 985 34.08 -16.70 -7.13
N GLY A 986 34.47 -17.33 -6.03
CA GLY A 986 33.55 -18.12 -5.26
C GLY A 986 34.12 -18.45 -3.91
N PHE A 987 33.49 -19.42 -3.25
CA PHE A 987 33.76 -19.65 -1.84
C PHE A 987 33.84 -21.16 -1.59
N LEU A 988 33.93 -21.50 -0.31
CA LEU A 988 34.28 -22.84 0.12
C LEU A 988 33.93 -23.02 1.60
N TYR A 989 33.11 -24.01 1.94
CA TYR A 989 32.64 -24.11 3.31
C TYR A 989 32.47 -25.56 3.72
N PHE A 990 32.49 -25.78 5.04
CA PHE A 990 32.21 -27.09 5.64
C PHE A 990 30.72 -27.23 5.92
N ASN A 991 30.17 -28.37 5.55
CA ASN A 991 28.87 -28.77 6.06
C ASN A 991 29.02 -29.20 7.53
N ARG A 992 27.89 -29.29 8.23
CA ARG A 992 27.92 -29.78 9.61
C ARG A 992 28.21 -31.29 9.66
N GLN A 993 27.91 -32.02 8.58
CA GLN A 993 28.27 -33.43 8.48
C GLN A 993 29.69 -33.65 7.98
N GLY A 994 30.54 -32.62 7.94
CA GLY A 994 31.91 -32.77 7.52
C GLY A 994 32.07 -32.99 6.03
N GLU A 995 31.61 -32.04 5.22
CA GLU A 995 31.66 -32.13 3.77
C GLU A 995 32.20 -30.82 3.21
N LEU A 996 33.34 -30.88 2.54
CA LEU A 996 33.88 -29.73 1.85
C LEU A 996 33.12 -29.51 0.55
N ARG A 997 32.77 -28.26 0.25
CA ARG A 997 31.90 -27.94 -0.87
C ARG A 997 32.48 -26.78 -1.68
N ILE A 998 33.04 -27.10 -2.85
CA ILE A 998 33.41 -26.08 -3.83
C ILE A 998 32.13 -25.45 -4.36
N SER A 999 31.91 -24.18 -4.07
CA SER A 999 30.64 -23.55 -4.40
C SER A 999 30.86 -22.19 -5.05
N VAL A 1000 29.94 -21.83 -5.94
CA VAL A 1000 29.92 -20.55 -6.63
C VAL A 1000 28.53 -19.95 -6.43
N LEU A 1001 28.47 -18.63 -6.20
CA LEU A 1001 27.17 -17.95 -6.16
C LEU A 1001 26.52 -17.98 -7.54
N PRO A 1002 25.21 -18.24 -7.61
CA PRO A 1002 24.52 -18.21 -8.91
C PRO A 1002 24.44 -16.79 -9.45
N ALA A 1003 24.70 -16.67 -10.75
CA ALA A 1003 25.02 -15.38 -11.36
C ALA A 1003 23.80 -14.63 -11.88
N TYR A 1004 22.60 -15.18 -11.76
CA TYR A 1004 21.44 -14.52 -12.34
C TYR A 1004 20.74 -13.55 -11.38
N LEU A 1005 21.12 -13.53 -10.11
CA LEU A 1005 20.49 -12.65 -9.15
C LEU A 1005 21.40 -11.46 -8.82
N SER A 1006 20.80 -10.45 -8.22
CA SER A 1006 21.51 -9.27 -7.73
C SER A 1006 21.37 -9.24 -6.22
N TYR A 1007 22.50 -9.34 -5.52
CA TYR A 1007 22.52 -9.39 -4.06
C TYR A 1007 22.71 -8.02 -3.43
N ASP A 1008 22.47 -6.95 -4.19
CA ASP A 1008 22.60 -5.59 -3.70
C ASP A 1008 21.28 -5.06 -3.14
N ALA A 1009 20.18 -5.66 -3.52
CA ALA A 1009 18.83 -5.36 -3.06
C ALA A 1009 18.58 -6.06 -1.73
N PRO A 1010 17.57 -5.62 -0.95
CA PRO A 1010 17.27 -6.31 0.32
C PRO A 1010 16.91 -7.78 0.18
N TRP A 1011 16.20 -8.16 -0.88
CA TRP A 1011 16.22 -9.57 -1.23
C TRP A 1011 16.97 -9.76 -2.54
N PRO A 1012 17.67 -10.88 -2.70
CA PRO A 1012 18.26 -11.23 -4.01
C PRO A 1012 17.20 -11.35 -5.08
N VAL A 1013 17.31 -10.49 -6.10
CA VAL A 1013 16.26 -10.33 -7.09
C VAL A 1013 16.88 -10.19 -8.48
N ARG A 1014 16.20 -10.75 -9.48
CA ARG A 1014 16.48 -10.48 -10.88
C ARG A 1014 15.33 -9.67 -11.45
N LYS A 1015 15.64 -8.49 -11.94
CA LYS A 1015 14.64 -7.58 -12.50
C LYS A 1015 14.51 -7.86 -13.98
N ILE A 1016 13.32 -8.24 -14.43
CA ILE A 1016 13.09 -8.66 -15.81
C ILE A 1016 12.31 -7.59 -16.56
N PRO A 1017 12.97 -6.78 -17.42
CA PRO A 1017 12.26 -5.71 -18.11
C PRO A 1017 11.35 -6.26 -19.19
N LEU A 1018 10.06 -5.96 -19.08
CA LEU A 1018 9.10 -6.33 -20.11
C LEU A 1018 8.74 -5.18 -21.04
N ARG A 1019 8.95 -3.94 -20.60
CA ARG A 1019 8.61 -2.70 -21.33
C ARG A 1019 7.13 -2.64 -21.67
N CYS A 1020 6.31 -3.19 -20.78
CA CYS A 1020 4.86 -3.30 -20.91
C CYS A 1020 4.33 -3.69 -19.55
N THR A 1021 3.07 -3.33 -19.27
CA THR A 1021 2.51 -3.47 -17.94
C THR A 1021 2.14 -4.94 -17.70
N ALA A 1022 2.81 -5.57 -16.74
CA ALA A 1022 2.48 -6.94 -16.36
C ALA A 1022 1.32 -6.92 -15.38
N HIS A 1023 0.25 -7.64 -15.72
CA HIS A 1023 -0.95 -7.65 -14.89
C HIS A 1023 -1.05 -8.87 -13.98
N TYR A 1024 -0.94 -10.07 -14.54
CA TYR A 1024 -1.10 -11.31 -13.80
C TYR A 1024 0.00 -12.28 -14.16
N VAL A 1025 0.44 -13.05 -13.18
CA VAL A 1025 1.43 -14.10 -13.40
C VAL A 1025 0.94 -15.36 -12.71
N ALA A 1026 1.14 -16.50 -13.36
CA ALA A 1026 0.62 -17.77 -12.87
C ALA A 1026 1.62 -18.87 -13.22
N TYR A 1027 2.16 -19.53 -12.20
CA TYR A 1027 3.11 -20.62 -12.43
C TYR A 1027 2.35 -21.90 -12.73
N HIS A 1028 2.62 -22.48 -13.90
CA HIS A 1028 2.04 -23.75 -14.31
C HIS A 1028 2.98 -24.86 -13.85
N VAL A 1029 2.48 -25.77 -13.03
CA VAL A 1029 3.34 -26.74 -12.35
C VAL A 1029 3.87 -27.78 -13.34
N GLU A 1030 2.99 -28.34 -14.15
CA GLU A 1030 3.44 -29.12 -15.30
C GLU A 1030 4.10 -28.19 -16.31
N SER A 1031 5.25 -28.62 -16.84
CA SER A 1031 6.15 -27.94 -17.78
C SER A 1031 6.92 -26.78 -17.15
N LYS A 1032 6.57 -26.41 -15.91
CA LYS A 1032 7.34 -25.56 -15.02
C LYS A 1032 7.65 -24.18 -15.63
N VAL A 1033 6.60 -23.48 -16.05
CA VAL A 1033 6.72 -22.17 -16.67
C VAL A 1033 5.78 -21.18 -15.99
N TYR A 1034 5.91 -19.92 -16.39
CA TYR A 1034 5.06 -18.83 -15.92
C TYR A 1034 4.29 -18.26 -17.10
N ALA A 1035 3.01 -17.97 -16.87
CA ALA A 1035 2.16 -17.32 -17.87
C ALA A 1035 1.89 -15.90 -17.40
N VAL A 1036 2.39 -14.92 -18.15
CA VAL A 1036 2.33 -13.52 -17.74
C VAL A 1036 1.39 -12.77 -18.68
N ALA A 1037 0.41 -12.08 -18.11
CA ALA A 1037 -0.49 -11.22 -18.88
C ALA A 1037 0.13 -9.82 -18.94
N THR A 1038 0.35 -9.34 -20.16
CA THR A 1038 0.97 -8.04 -20.38
C THR A 1038 0.05 -7.13 -21.17
N SER A 1039 0.47 -5.87 -21.30
CA SER A 1039 -0.32 -4.87 -22.00
C SER A 1039 0.57 -3.71 -22.45
N THR A 1040 0.33 -3.23 -23.67
CA THR A 1040 1.02 -2.05 -24.18
C THR A 1040 -0.03 -1.05 -24.66
N ASN A 1041 0.38 0.21 -24.74
CA ASN A 1041 -0.52 1.30 -25.10
C ASN A 1041 -0.37 1.62 -26.58
N THR A 1042 -1.46 1.47 -27.32
CA THR A 1042 -1.60 1.85 -28.71
C THR A 1042 -2.54 3.05 -28.82
N PRO A 1043 -2.40 3.90 -29.84
CA PRO A 1043 -3.33 5.02 -30.00
C PRO A 1043 -4.72 4.54 -30.43
N CYS A 1044 -5.73 5.07 -29.76
CA CYS A 1044 -7.11 4.76 -30.11
C CYS A 1044 -7.51 5.49 -31.39
N ALA A 1045 -8.34 4.83 -32.21
CA ALA A 1045 -8.73 5.37 -33.49
C ALA A 1045 -10.22 5.26 -33.80
N ARG A 1046 -10.98 4.43 -33.09
CA ARG A 1046 -12.39 4.24 -33.37
C ARG A 1046 -13.20 4.37 -32.08
N ILE A 1047 -14.50 4.62 -32.25
CA ILE A 1047 -15.43 4.76 -31.14
C ILE A 1047 -16.61 3.84 -31.39
N PRO A 1048 -16.89 2.87 -30.53
CA PRO A 1048 -18.06 2.00 -30.74
C PRO A 1048 -19.35 2.73 -30.44
N ARG A 1049 -20.35 2.48 -31.28
CA ARG A 1049 -21.70 3.00 -31.09
C ARG A 1049 -22.66 1.83 -30.95
N MET A 1050 -23.95 2.14 -30.88
CA MET A 1050 -24.98 1.11 -30.75
C MET A 1050 -26.25 1.63 -31.39
N THR A 1051 -26.67 0.97 -32.46
CA THR A 1051 -27.88 1.35 -33.19
C THR A 1051 -29.01 0.34 -33.01
N GLY A 1052 -28.86 -0.60 -32.08
CA GLY A 1052 -29.93 -1.54 -31.79
C GLY A 1052 -29.65 -2.96 -32.24
N GLU A 1053 -29.07 -3.13 -33.42
CA GLU A 1053 -28.84 -4.44 -33.99
C GLU A 1053 -27.37 -4.85 -34.02
N GLU A 1054 -26.47 -3.92 -34.29
CA GLU A 1054 -25.05 -4.25 -34.40
C GLU A 1054 -24.22 -3.03 -34.00
N LYS A 1055 -22.92 -3.23 -33.92
CA LYS A 1055 -21.98 -2.18 -33.55
C LYS A 1055 -21.55 -1.40 -34.77
N GLU A 1056 -21.40 -0.09 -34.61
CA GLU A 1056 -20.87 0.79 -35.63
C GLU A 1056 -19.70 1.55 -35.05
N PHE A 1057 -18.66 1.77 -35.85
CA PHE A 1057 -17.44 2.39 -35.40
C PHE A 1057 -17.25 3.73 -36.08
N GLU A 1058 -16.94 4.76 -35.29
CA GLU A 1058 -16.70 6.10 -35.79
C GLU A 1058 -15.20 6.39 -35.67
N THR A 1059 -14.56 6.63 -36.80
CA THR A 1059 -13.13 6.92 -36.81
C THR A 1059 -12.87 8.31 -36.25
N ILE A 1060 -11.98 8.40 -35.27
CA ILE A 1060 -11.63 9.69 -34.67
C ILE A 1060 -10.83 10.48 -35.70
N GLU A 1061 -11.46 11.48 -36.30
CA GLU A 1061 -10.85 12.30 -37.35
C GLU A 1061 -10.80 13.74 -36.81
N ARG A 1062 -9.60 14.15 -36.40
CA ARG A 1062 -9.42 15.45 -35.74
C ARG A 1062 -8.35 16.26 -36.43
N ASP A 1063 -7.92 17.34 -35.79
CA ASP A 1063 -6.83 18.18 -36.27
C ASP A 1063 -5.51 17.40 -36.20
N GLU A 1064 -4.50 17.92 -36.90
CA GLU A 1064 -3.17 17.32 -36.81
C GLU A 1064 -2.48 17.65 -35.50
N ARG A 1065 -2.95 18.69 -34.79
CA ARG A 1065 -2.41 19.08 -33.49
C ARG A 1065 -3.30 18.45 -32.42
N TYR A 1066 -3.27 17.12 -32.34
CA TYR A 1066 -4.23 16.41 -31.50
C TYR A 1066 -3.57 15.16 -30.95
N ILE A 1067 -3.60 15.01 -29.63
CA ILE A 1067 -3.12 13.78 -29.00
C ILE A 1067 -4.25 12.77 -28.97
N HIS A 1068 -3.88 11.52 -29.11
CA HIS A 1068 -4.83 10.41 -29.16
C HIS A 1068 -4.94 9.74 -27.80
N PRO A 1069 -6.13 9.23 -27.46
CA PRO A 1069 -6.26 8.45 -26.24
C PRO A 1069 -5.58 7.10 -26.37
N GLN A 1070 -5.14 6.56 -25.24
CA GLN A 1070 -4.33 5.35 -25.23
C GLN A 1070 -5.22 4.12 -25.12
N GLN A 1071 -5.24 3.30 -26.17
CA GLN A 1071 -5.89 2.01 -26.17
C GLN A 1071 -4.93 0.94 -25.65
N GLU A 1072 -5.42 0.10 -24.75
CA GLU A 1072 -4.64 -1.00 -24.22
C GLU A 1072 -4.99 -2.29 -24.96
N ALA A 1073 -3.96 -2.95 -25.50
CA ALA A 1073 -4.12 -4.24 -26.14
C ALA A 1073 -3.33 -5.26 -25.33
N PHE A 1074 -3.97 -6.38 -25.00
CA PHE A 1074 -3.34 -7.31 -24.07
C PHE A 1074 -2.76 -8.50 -24.83
N SER A 1075 -1.85 -9.20 -24.16
CA SER A 1075 -1.25 -10.42 -24.68
C SER A 1075 -0.76 -11.23 -23.50
N ILE A 1076 -0.69 -12.55 -23.69
CA ILE A 1076 -0.29 -13.47 -22.63
C ILE A 1076 1.06 -14.06 -23.01
N GLN A 1077 2.08 -13.70 -22.25
CA GLN A 1077 3.44 -14.15 -22.48
C GLN A 1077 3.61 -15.58 -21.97
N LEU A 1078 4.85 -16.09 -22.05
CA LEU A 1078 5.19 -17.39 -21.46
C LEU A 1078 6.68 -17.34 -21.11
N ILE A 1079 6.98 -17.07 -19.85
CA ILE A 1079 8.35 -16.86 -19.38
C ILE A 1079 8.90 -18.19 -18.86
N SER A 1080 10.16 -18.49 -19.22
CA SER A 1080 10.81 -19.72 -18.77
C SER A 1080 11.74 -19.42 -17.60
N PRO A 1081 11.73 -20.24 -16.55
CA PRO A 1081 12.62 -19.98 -15.41
C PRO A 1081 14.07 -20.33 -15.65
N VAL A 1082 14.40 -21.05 -16.73
CA VAL A 1082 15.78 -21.44 -16.99
C VAL A 1082 16.58 -20.22 -17.45
N SER A 1083 16.21 -19.66 -18.58
CA SER A 1083 16.62 -18.33 -18.99
C SER A 1083 15.36 -17.49 -19.05
N TRP A 1084 15.36 -16.33 -18.42
CA TRP A 1084 14.12 -15.60 -18.14
C TRP A 1084 13.61 -14.80 -19.33
N GLU A 1085 14.03 -15.11 -20.55
CA GLU A 1085 13.44 -14.53 -21.73
C GLU A 1085 12.07 -15.17 -21.99
N ALA A 1086 11.26 -14.48 -22.80
CA ALA A 1086 9.99 -15.03 -23.21
C ALA A 1086 10.20 -16.14 -24.23
N ILE A 1087 9.37 -17.17 -24.15
CA ILE A 1087 9.43 -18.29 -25.10
C ILE A 1087 8.95 -17.81 -26.46
N PRO A 1088 9.74 -17.98 -27.52
CA PRO A 1088 9.32 -17.51 -28.84
C PRO A 1088 8.19 -18.36 -29.41
N ASN A 1089 7.33 -17.68 -30.18
CA ASN A 1089 6.16 -18.27 -30.85
C ASN A 1089 5.19 -18.88 -29.84
N ALA A 1090 5.14 -18.31 -28.63
CA ALA A 1090 4.18 -18.71 -27.59
C ALA A 1090 3.64 -17.42 -26.98
N ARG A 1091 2.59 -16.87 -27.60
CA ARG A 1091 2.00 -15.61 -27.14
C ARG A 1091 0.56 -15.56 -27.61
N ILE A 1092 -0.38 -15.73 -26.69
CA ILE A 1092 -1.79 -15.59 -27.01
C ILE A 1092 -2.12 -14.11 -27.04
N GLU A 1093 -2.60 -13.64 -28.19
CA GLU A 1093 -3.04 -12.25 -28.33
C GLU A 1093 -4.55 -12.21 -28.41
N LEU A 1094 -5.13 -11.23 -27.73
CA LEU A 1094 -6.57 -11.15 -27.57
C LEU A 1094 -7.20 -10.32 -28.68
N GLN A 1095 -8.46 -9.93 -28.50
CA GLN A 1095 -9.15 -9.09 -29.45
C GLN A 1095 -8.72 -7.64 -29.29
N GLU A 1096 -9.43 -6.72 -29.95
CA GLU A 1096 -8.98 -5.34 -30.03
C GLU A 1096 -9.20 -4.58 -28.73
N TRP A 1097 -10.35 -4.78 -28.08
CA TRP A 1097 -10.72 -4.00 -26.91
C TRP A 1097 -10.79 -4.86 -25.66
N GLU A 1098 -10.08 -5.97 -25.63
CA GLU A 1098 -10.33 -7.04 -24.67
C GLU A 1098 -9.29 -6.99 -23.57
N HIS A 1099 -9.75 -7.07 -22.32
CA HIS A 1099 -8.92 -6.84 -21.13
C HIS A 1099 -9.02 -8.04 -20.21
N VAL A 1100 -7.89 -8.69 -19.97
CA VAL A 1100 -7.79 -9.75 -18.96
C VAL A 1100 -8.08 -9.16 -17.58
N THR A 1101 -9.11 -9.67 -16.93
CA THR A 1101 -9.45 -9.26 -15.57
C THR A 1101 -8.90 -10.18 -14.50
N CYS A 1102 -8.53 -11.41 -14.86
CA CYS A 1102 -7.96 -12.37 -13.91
C CYS A 1102 -7.24 -13.47 -14.66
N MET A 1103 -6.14 -13.95 -14.08
CA MET A 1103 -5.49 -15.19 -14.50
C MET A 1103 -5.02 -15.94 -13.26
N LYS A 1104 -5.47 -17.19 -13.14
CA LYS A 1104 -5.02 -18.07 -12.07
C LYS A 1104 -4.70 -19.43 -12.66
N THR A 1105 -3.84 -20.16 -11.97
CA THR A 1105 -3.61 -21.57 -12.29
C THR A 1105 -4.74 -22.38 -11.66
N VAL A 1106 -5.50 -23.08 -12.50
CA VAL A 1106 -6.76 -23.69 -12.10
C VAL A 1106 -6.61 -25.20 -12.17
N SER A 1107 -6.85 -25.87 -11.04
CA SER A 1107 -6.71 -27.32 -10.94
C SER A 1107 -8.05 -27.98 -11.24
N LEU A 1108 -8.37 -28.04 -12.53
CA LEU A 1108 -9.56 -28.75 -12.96
C LEU A 1108 -9.32 -30.26 -12.88
N ARG A 1109 -10.41 -31.01 -12.84
CA ARG A 1109 -10.32 -32.45 -12.71
C ARG A 1109 -10.29 -33.11 -14.09
N SER A 1110 -9.70 -34.30 -14.13
CA SER A 1110 -9.54 -35.03 -15.38
C SER A 1110 -9.38 -36.51 -15.04
N GLU A 1111 -9.87 -37.36 -15.94
CA GLU A 1111 -9.82 -38.80 -15.78
C GLU A 1111 -8.66 -39.43 -16.54
N GLU A 1112 -7.53 -38.71 -16.64
CA GLU A 1112 -6.36 -39.17 -17.37
C GLU A 1112 -5.16 -39.43 -16.46
N THR A 1113 -4.84 -38.48 -15.58
CA THR A 1113 -3.69 -38.62 -14.70
C THR A 1113 -4.02 -39.54 -13.53
N VAL A 1114 -3.02 -39.80 -12.68
CA VAL A 1114 -3.19 -40.74 -11.58
C VAL A 1114 -4.06 -40.15 -10.48
N SER A 1115 -4.04 -38.83 -10.32
CA SER A 1115 -4.96 -38.14 -9.43
C SER A 1115 -6.18 -37.70 -10.24
N GLY A 1116 -7.00 -36.84 -9.66
CA GLY A 1116 -8.08 -36.25 -10.42
C GLY A 1116 -7.65 -34.97 -11.09
N LEU A 1117 -6.88 -34.17 -10.38
CA LEU A 1117 -6.61 -32.79 -10.76
C LEU A 1117 -5.57 -32.73 -11.88
N LYS A 1118 -5.68 -31.68 -12.70
CA LYS A 1118 -4.83 -31.50 -13.88
C LYS A 1118 -3.96 -30.26 -13.81
N GLY A 1119 -4.52 -29.10 -13.43
CA GLY A 1119 -3.74 -27.89 -13.37
C GLY A 1119 -3.56 -27.14 -14.69
N TYR A 1120 -4.65 -26.61 -15.23
CA TYR A 1120 -4.61 -25.79 -16.43
C TYR A 1120 -4.27 -24.34 -16.06
N VAL A 1121 -4.39 -23.43 -17.03
CA VAL A 1121 -4.32 -22.00 -16.81
C VAL A 1121 -5.55 -21.37 -17.44
N ALA A 1122 -6.37 -20.71 -16.64
CA ALA A 1122 -7.61 -20.09 -17.10
C ALA A 1122 -7.49 -18.58 -17.01
N ALA A 1123 -8.01 -17.89 -18.02
CA ALA A 1123 -7.99 -16.44 -18.09
C ALA A 1123 -9.41 -15.92 -18.24
N GLY A 1124 -9.76 -14.94 -17.42
CA GLY A 1124 -11.05 -14.28 -17.51
C GLY A 1124 -10.87 -12.90 -18.12
N THR A 1125 -11.57 -12.66 -19.23
CA THR A 1125 -11.33 -11.47 -20.00
C THR A 1125 -12.63 -10.97 -20.61
N CYS A 1126 -12.69 -9.67 -20.90
CA CYS A 1126 -13.90 -9.02 -21.36
C CYS A 1126 -13.57 -7.69 -22.03
N LEU A 1127 -14.51 -7.20 -22.83
CA LEU A 1127 -14.28 -6.11 -23.77
C LEU A 1127 -14.79 -4.79 -23.18
N MET A 1128 -13.86 -3.86 -22.90
CA MET A 1128 -14.23 -2.51 -22.51
C MET A 1128 -14.42 -1.67 -23.76
N GLN A 1129 -15.66 -1.26 -24.03
CA GLN A 1129 -15.98 -0.40 -25.16
C GLN A 1129 -16.92 0.72 -24.74
N GLY A 1130 -16.61 1.34 -23.60
CA GLY A 1130 -17.44 2.44 -23.10
C GLY A 1130 -18.66 1.95 -22.36
N GLU A 1131 -19.42 2.91 -21.85
CA GLU A 1131 -20.59 2.60 -21.03
C GLU A 1131 -21.88 2.46 -21.83
N GLU A 1132 -21.89 2.88 -23.10
CA GLU A 1132 -23.08 2.73 -23.93
C GLU A 1132 -23.10 1.41 -24.70
N VAL A 1133 -22.07 0.57 -24.54
CA VAL A 1133 -21.99 -0.71 -25.21
C VAL A 1133 -22.01 -1.81 -24.15
N THR A 1134 -22.80 -2.85 -24.38
CA THR A 1134 -22.95 -3.94 -23.42
C THR A 1134 -21.66 -4.75 -23.33
N CYS A 1135 -21.07 -4.80 -22.14
CA CYS A 1135 -19.81 -5.50 -21.93
C CYS A 1135 -20.06 -6.99 -21.76
N ARG A 1136 -19.49 -7.79 -22.66
CA ARG A 1136 -19.54 -9.24 -22.57
C ARG A 1136 -18.14 -9.79 -22.40
N GLY A 1137 -18.06 -11.04 -21.94
CA GLY A 1137 -16.77 -11.62 -21.61
C GLY A 1137 -16.41 -12.88 -22.37
N ARG A 1138 -15.30 -13.51 -21.97
CA ARG A 1138 -14.83 -14.73 -22.59
C ARG A 1138 -13.92 -15.44 -21.60
N ILE A 1139 -14.11 -16.75 -21.45
CA ILE A 1139 -13.25 -17.57 -20.60
C ILE A 1139 -12.23 -18.26 -21.48
N LEU A 1140 -10.95 -18.12 -21.14
CA LEU A 1140 -9.84 -18.61 -21.95
C LEU A 1140 -9.04 -19.60 -21.11
N ILE A 1141 -9.33 -20.90 -21.28
CA ILE A 1141 -8.62 -21.96 -20.57
C ILE A 1141 -7.48 -22.46 -21.45
N MET A 1142 -6.27 -22.45 -20.92
CA MET A 1142 -5.08 -22.78 -21.67
C MET A 1142 -4.31 -23.90 -20.98
N ASP A 1143 -3.58 -24.67 -21.78
CA ASP A 1143 -2.68 -25.69 -21.28
C ASP A 1143 -1.29 -25.45 -21.87
N VAL A 1144 -0.26 -25.80 -21.11
CA VAL A 1144 1.11 -25.70 -21.57
C VAL A 1144 1.63 -27.13 -21.77
N ILE A 1145 1.83 -27.52 -23.02
CA ILE A 1145 2.19 -28.89 -23.36
C ILE A 1145 3.58 -28.88 -23.99
N GLU A 1146 4.46 -29.76 -23.49
CA GLU A 1146 5.80 -29.89 -24.03
C GLU A 1146 5.75 -30.56 -25.39
N VAL A 1147 6.20 -29.84 -26.42
CA VAL A 1147 6.33 -30.38 -27.77
C VAL A 1147 7.80 -30.47 -28.10
N VAL A 1148 8.12 -31.00 -29.28
CA VAL A 1148 9.54 -31.10 -29.67
C VAL A 1148 10.06 -29.71 -30.03
N PRO A 1149 11.27 -29.35 -29.62
CA PRO A 1149 11.76 -27.99 -29.88
C PRO A 1149 12.27 -27.82 -31.29
N GLU A 1150 12.10 -26.60 -31.79
CA GLU A 1150 12.72 -26.23 -33.06
C GLU A 1150 14.23 -26.19 -32.90
N PRO A 1151 14.99 -26.69 -33.88
CA PRO A 1151 16.45 -26.69 -33.75
C PRO A 1151 17.02 -25.28 -33.79
N GLY A 1152 17.94 -25.01 -32.85
CA GLY A 1152 18.51 -23.69 -32.68
C GLY A 1152 17.90 -22.88 -31.56
N GLN A 1153 16.74 -23.30 -31.05
CA GLN A 1153 16.06 -22.59 -29.96
C GLN A 1153 15.58 -23.63 -28.94
N PRO A 1154 16.30 -23.78 -27.82
CA PRO A 1154 15.88 -24.78 -26.82
C PRO A 1154 14.62 -24.41 -26.05
N LEU A 1155 14.26 -23.13 -25.99
CA LEU A 1155 13.13 -22.70 -25.19
C LEU A 1155 11.78 -22.99 -25.84
N THR A 1156 11.75 -23.34 -27.13
CA THR A 1156 10.51 -23.52 -27.85
C THR A 1156 9.92 -24.92 -27.70
N LYS A 1157 10.29 -25.65 -26.65
CA LYS A 1157 9.63 -26.92 -26.37
C LYS A 1157 8.24 -26.73 -25.76
N ASN A 1158 7.97 -25.56 -25.19
CA ASN A 1158 6.69 -25.26 -24.55
C ASN A 1158 5.84 -24.37 -25.45
N LYS A 1159 4.52 -24.57 -25.38
CA LYS A 1159 3.59 -23.92 -26.28
C LYS A 1159 2.21 -23.99 -25.67
N PHE A 1160 1.43 -22.91 -25.81
CA PHE A 1160 0.06 -22.91 -25.35
C PHE A 1160 -0.81 -23.82 -26.21
N LYS A 1161 -1.81 -24.44 -25.58
CA LYS A 1161 -2.89 -25.13 -26.29
C LYS A 1161 -4.20 -24.63 -25.73
N VAL A 1162 -4.88 -23.77 -26.48
CA VAL A 1162 -6.15 -23.20 -26.05
C VAL A 1162 -7.23 -24.27 -26.21
N LEU A 1163 -7.76 -24.76 -25.08
CA LEU A 1163 -8.85 -25.72 -25.13
C LEU A 1163 -10.20 -25.03 -25.23
N TYR A 1164 -10.51 -24.18 -24.25
CA TYR A 1164 -11.80 -23.51 -24.18
C TYR A 1164 -11.63 -22.04 -24.49
N GLU A 1165 -12.38 -21.54 -25.47
CA GLU A 1165 -12.38 -20.13 -25.81
C GLU A 1165 -13.78 -19.80 -26.35
N LYS A 1166 -14.66 -19.36 -25.45
CA LYS A 1166 -16.05 -19.11 -25.79
C LYS A 1166 -16.55 -17.86 -25.08
N GLU A 1167 -17.38 -17.08 -25.77
CA GLU A 1167 -17.97 -15.89 -25.18
C GLU A 1167 -18.98 -16.27 -24.12
N GLN A 1168 -19.06 -15.46 -23.07
CA GLN A 1168 -19.99 -15.68 -21.97
C GLN A 1168 -21.12 -14.65 -22.04
N LYS A 1169 -22.10 -14.81 -21.14
CA LYS A 1169 -23.28 -13.95 -21.11
C LYS A 1169 -23.07 -12.79 -20.13
N GLY A 1170 -21.99 -12.06 -20.34
CA GLY A 1170 -21.61 -10.97 -19.46
C GLY A 1170 -20.12 -11.00 -19.16
N PRO A 1171 -19.63 -10.00 -18.43
CA PRO A 1171 -18.19 -9.88 -18.23
C PRO A 1171 -17.67 -10.89 -17.21
N VAL A 1172 -16.58 -11.57 -17.56
CA VAL A 1172 -15.95 -12.54 -16.68
C VAL A 1172 -14.97 -11.79 -15.80
N THR A 1173 -15.25 -11.71 -14.50
CA THR A 1173 -14.50 -10.83 -13.61
C THR A 1173 -13.70 -11.55 -12.55
N ALA A 1174 -13.93 -12.84 -12.30
CA ALA A 1174 -13.14 -13.61 -11.37
C ALA A 1174 -13.24 -15.08 -11.75
N LEU A 1175 -12.23 -15.85 -11.34
CA LEU A 1175 -12.14 -17.27 -11.66
C LEU A 1175 -11.46 -18.00 -10.51
N CYS A 1176 -11.97 -19.20 -10.20
CA CYS A 1176 -11.33 -20.11 -9.26
C CYS A 1176 -11.70 -21.54 -9.57
N HIS A 1177 -11.30 -22.43 -8.66
CA HIS A 1177 -11.53 -23.87 -8.77
C HIS A 1177 -12.01 -24.42 -7.44
N CYS A 1178 -13.03 -25.27 -7.48
CA CYS A 1178 -13.51 -26.01 -6.30
C CYS A 1178 -13.61 -27.48 -6.65
N ASN A 1179 -12.64 -28.26 -6.15
CA ASN A 1179 -12.56 -29.71 -6.30
C ASN A 1179 -12.59 -30.16 -7.77
N GLY A 1180 -12.00 -29.36 -8.65
CA GLY A 1180 -12.02 -29.66 -10.06
C GLY A 1180 -13.12 -29.00 -10.85
N HIS A 1181 -13.87 -28.10 -10.25
CA HIS A 1181 -14.94 -27.36 -10.92
C HIS A 1181 -14.50 -25.92 -11.09
N LEU A 1182 -14.55 -25.42 -12.33
CA LEU A 1182 -14.21 -24.03 -12.57
C LEU A 1182 -15.33 -23.13 -12.05
N VAL A 1183 -15.01 -22.26 -11.10
CA VAL A 1183 -15.95 -21.30 -10.55
C VAL A 1183 -15.66 -19.96 -11.21
N SER A 1184 -16.69 -19.33 -11.77
CA SER A 1184 -16.55 -18.10 -12.53
C SER A 1184 -17.61 -17.10 -12.11
N ALA A 1185 -17.30 -15.82 -12.27
CA ALA A 1185 -18.17 -14.72 -11.87
C ALA A 1185 -18.52 -13.88 -13.10
N ILE A 1186 -19.64 -14.21 -13.72
CA ILE A 1186 -20.14 -13.49 -14.88
C ILE A 1186 -21.25 -12.57 -14.41
N GLY A 1187 -20.98 -11.26 -14.43
CA GLY A 1187 -22.02 -10.29 -14.11
C GLY A 1187 -22.36 -10.28 -12.63
N GLN A 1188 -23.66 -10.26 -12.33
CA GLN A 1188 -24.16 -10.37 -10.97
C GLN A 1188 -24.47 -11.80 -10.57
N LYS A 1189 -23.88 -12.79 -11.24
CA LYS A 1189 -24.01 -14.19 -10.88
C LYS A 1189 -22.62 -14.79 -10.73
N ILE A 1190 -22.56 -15.89 -9.98
CA ILE A 1190 -21.33 -16.67 -9.84
C ILE A 1190 -21.65 -18.08 -10.31
N PHE A 1191 -21.09 -18.46 -11.45
CA PHE A 1191 -21.32 -19.77 -12.05
C PHE A 1191 -20.32 -20.78 -11.50
N LEU A 1192 -20.59 -22.05 -11.77
CA LEU A 1192 -19.70 -23.14 -11.39
C LEU A 1192 -19.75 -24.17 -12.50
N TRP A 1193 -18.67 -24.25 -13.28
CA TRP A 1193 -18.62 -25.05 -14.50
C TRP A 1193 -17.88 -26.35 -14.25
N SER A 1194 -18.00 -27.26 -15.21
CA SER A 1194 -17.29 -28.54 -15.19
C SER A 1194 -16.67 -28.76 -16.56
N LEU A 1195 -15.37 -29.04 -16.58
CA LEU A 1195 -14.65 -29.19 -17.85
C LEU A 1195 -14.89 -30.59 -18.39
N ARG A 1196 -15.57 -30.67 -19.53
CA ARG A 1196 -15.74 -31.89 -20.29
C ARG A 1196 -14.53 -32.07 -21.21
N ALA A 1197 -14.66 -32.93 -22.23
CA ALA A 1197 -13.58 -33.14 -23.18
C ALA A 1197 -13.21 -31.85 -23.93
N SER A 1198 -14.22 -31.04 -24.28
CA SER A 1198 -13.96 -29.79 -24.99
C SER A 1198 -14.74 -28.59 -24.44
N GLU A 1199 -15.79 -28.79 -23.67
CA GLU A 1199 -16.69 -27.70 -23.29
C GLU A 1199 -16.89 -27.65 -21.79
N LEU A 1200 -17.44 -26.53 -21.33
CA LEU A 1200 -17.86 -26.37 -19.95
C LEU A 1200 -19.37 -26.56 -19.85
N THR A 1201 -19.81 -27.24 -18.81
CA THR A 1201 -21.23 -27.45 -18.55
C THR A 1201 -21.58 -26.84 -17.20
N GLY A 1202 -22.67 -26.08 -17.17
CA GLY A 1202 -23.06 -25.40 -15.94
C GLY A 1202 -23.68 -26.37 -14.94
N MET A 1203 -23.39 -26.15 -13.67
CA MET A 1203 -23.89 -27.02 -12.61
C MET A 1203 -24.65 -26.28 -11.52
N ALA A 1204 -24.19 -25.10 -11.12
CA ALA A 1204 -24.82 -24.36 -10.03
C ALA A 1204 -24.52 -22.89 -10.18
N PHE A 1205 -25.40 -22.06 -9.63
CA PHE A 1205 -25.19 -20.61 -9.64
C PHE A 1205 -25.95 -19.99 -8.48
N ILE A 1206 -25.60 -18.73 -8.19
CA ILE A 1206 -26.32 -17.89 -7.24
C ILE A 1206 -26.42 -16.48 -7.81
N ASP A 1207 -27.16 -15.64 -7.11
CA ASP A 1207 -27.15 -14.20 -7.34
C ASP A 1207 -26.26 -13.55 -6.30
N THR A 1208 -25.40 -12.64 -6.73
CA THR A 1208 -24.39 -12.06 -5.88
C THR A 1208 -24.43 -10.53 -5.98
N GLN A 1209 -23.38 -9.90 -5.45
CA GLN A 1209 -23.31 -8.44 -5.32
C GLN A 1209 -22.99 -7.75 -6.64
N LEU A 1210 -22.57 -6.48 -6.56
CA LEU A 1210 -22.40 -5.62 -7.74
C LEU A 1210 -21.32 -6.17 -8.68
N TYR A 1211 -20.12 -6.36 -8.17
CA TYR A 1211 -18.98 -6.68 -9.02
C TYR A 1211 -18.03 -7.57 -8.22
N ILE A 1212 -18.13 -8.88 -8.40
CA ILE A 1212 -17.21 -9.81 -7.77
C ILE A 1212 -15.89 -9.74 -8.53
N HIS A 1213 -14.88 -9.12 -7.92
CA HIS A 1213 -13.58 -8.96 -8.58
C HIS A 1213 -12.53 -9.91 -8.05
N GLN A 1214 -12.78 -10.58 -6.94
CA GLN A 1214 -11.90 -11.61 -6.40
C GLN A 1214 -12.72 -12.79 -5.93
N MET A 1215 -12.18 -13.98 -6.15
CA MET A 1215 -12.65 -15.18 -5.46
C MET A 1215 -11.45 -15.97 -4.99
N ILE A 1216 -11.67 -16.78 -3.95
CA ILE A 1216 -10.73 -17.80 -3.48
C ILE A 1216 -11.58 -18.98 -3.02
N SER A 1217 -10.89 -20.08 -2.72
CA SER A 1217 -11.60 -21.31 -2.39
C SER A 1217 -10.74 -22.20 -1.53
N VAL A 1218 -11.37 -22.87 -0.55
CA VAL A 1218 -10.77 -24.01 0.13
C VAL A 1218 -11.87 -25.02 0.44
N LYS A 1219 -11.81 -26.16 -0.25
CA LYS A 1219 -12.57 -27.38 0.08
C LYS A 1219 -14.08 -27.12 0.05
N ASN A 1220 -14.53 -26.83 -1.18
CA ASN A 1220 -15.91 -26.46 -1.57
C ASN A 1220 -16.49 -25.27 -0.79
N PHE A 1221 -15.64 -24.36 -0.34
CA PHE A 1221 -16.06 -23.09 0.25
C PHE A 1221 -15.49 -21.95 -0.59
N ILE A 1222 -16.34 -21.32 -1.39
CA ILE A 1222 -15.95 -20.15 -2.17
C ILE A 1222 -15.96 -18.94 -1.24
N LEU A 1223 -14.98 -18.06 -1.37
CA LEU A 1223 -15.00 -16.77 -0.70
C LEU A 1223 -14.87 -15.67 -1.73
N ALA A 1224 -15.97 -14.99 -2.03
CA ALA A 1224 -16.00 -13.93 -3.03
C ALA A 1224 -15.69 -12.58 -2.40
N ALA A 1225 -15.49 -11.59 -3.25
CA ALA A 1225 -15.18 -10.24 -2.79
C ALA A 1225 -15.78 -9.22 -3.76
N ASP A 1226 -16.55 -8.29 -3.23
CA ASP A 1226 -17.15 -7.21 -4.01
C ASP A 1226 -16.26 -5.97 -3.96
N VAL A 1227 -16.39 -5.14 -5.00
CA VAL A 1227 -15.69 -3.86 -5.03
C VAL A 1227 -16.23 -2.92 -3.96
N MET A 1228 -17.56 -2.83 -3.82
CA MET A 1228 -18.14 -1.88 -2.88
C MET A 1228 -18.71 -2.50 -1.61
N LYS A 1229 -19.38 -3.65 -1.68
CA LYS A 1229 -20.10 -4.06 -0.49
C LYS A 1229 -19.22 -4.77 0.53
N SER A 1230 -18.85 -6.03 0.27
CA SER A 1230 -18.09 -6.86 1.20
C SER A 1230 -17.73 -8.21 0.62
N ILE A 1231 -17.16 -9.06 1.48
CA ILE A 1231 -16.96 -10.46 1.15
C ILE A 1231 -18.25 -11.23 1.44
N SER A 1232 -18.35 -12.40 0.79
CA SER A 1232 -19.54 -13.25 0.91
C SER A 1232 -19.10 -14.68 0.66
N LEU A 1233 -19.12 -15.52 1.68
CA LEU A 1233 -18.63 -16.88 1.50
C LEU A 1233 -19.77 -17.74 0.95
N LEU A 1234 -19.42 -18.69 0.10
CA LEU A 1234 -20.38 -19.61 -0.51
C LEU A 1234 -20.02 -21.03 -0.09
N ARG A 1235 -20.82 -21.99 -0.56
CA ARG A 1235 -20.63 -23.39 -0.23
C ARG A 1235 -21.31 -24.22 -1.30
N TYR A 1236 -20.67 -25.33 -1.68
CA TYR A 1236 -21.15 -26.17 -2.77
C TYR A 1236 -21.26 -27.61 -2.27
N GLN A 1237 -22.49 -28.10 -2.16
CA GLN A 1237 -22.69 -29.54 -2.10
C GLN A 1237 -22.44 -30.14 -3.47
N GLU A 1238 -21.84 -31.34 -3.49
CA GLU A 1238 -21.58 -32.03 -4.73
C GLU A 1238 -22.63 -33.10 -5.03
N GLU A 1239 -23.32 -33.59 -4.01
CA GLU A 1239 -24.40 -34.56 -4.22
C GLU A 1239 -25.58 -33.90 -4.95
N SER A 1240 -26.16 -32.87 -4.35
CA SER A 1240 -27.11 -32.02 -5.04
C SER A 1240 -26.36 -30.88 -5.70
N LYS A 1241 -26.67 -30.62 -6.97
CA LYS A 1241 -25.93 -29.62 -7.76
C LYS A 1241 -26.44 -28.22 -7.42
N THR A 1242 -26.09 -27.79 -6.21
CA THR A 1242 -26.59 -26.53 -5.67
C THR A 1242 -25.47 -25.74 -5.02
N LEU A 1243 -25.54 -24.42 -5.17
CA LEU A 1243 -24.59 -23.49 -4.59
C LEU A 1243 -25.38 -22.57 -3.66
N SER A 1244 -24.84 -22.31 -2.47
CA SER A 1244 -25.60 -21.63 -1.44
C SER A 1244 -24.77 -20.60 -0.72
N LEU A 1245 -25.40 -19.46 -0.43
CA LEU A 1245 -24.79 -18.41 0.39
C LEU A 1245 -24.90 -18.83 1.85
N VAL A 1246 -23.77 -19.12 2.48
CA VAL A 1246 -23.78 -19.43 3.90
C VAL A 1246 -23.77 -18.15 4.73
N SER A 1247 -22.76 -17.31 4.53
CA SER A 1247 -22.62 -16.11 5.33
C SER A 1247 -22.02 -15.01 4.48
N ARG A 1248 -22.13 -13.78 4.99
CA ARG A 1248 -21.58 -12.61 4.33
C ARG A 1248 -21.44 -11.50 5.37
N ASP A 1249 -20.89 -10.38 4.93
CA ASP A 1249 -20.82 -9.18 5.74
C ASP A 1249 -21.75 -8.14 5.12
N ALA A 1250 -22.59 -7.53 5.94
CA ALA A 1250 -23.56 -6.56 5.43
C ALA A 1250 -23.03 -5.14 5.44
N LYS A 1251 -21.96 -4.87 6.17
CA LYS A 1251 -21.40 -3.53 6.23
C LYS A 1251 -20.67 -3.21 4.92
N PRO A 1252 -20.69 -1.95 4.49
CA PRO A 1252 -19.97 -1.59 3.27
C PRO A 1252 -18.46 -1.57 3.49
N LEU A 1253 -17.72 -2.04 2.49
CA LEU A 1253 -16.28 -2.21 2.60
C LEU A 1253 -15.70 -2.35 1.20
N GLU A 1254 -14.64 -1.59 0.92
CA GLU A 1254 -14.00 -1.63 -0.40
C GLU A 1254 -12.83 -2.61 -0.32
N VAL A 1255 -13.13 -3.87 -0.62
CA VAL A 1255 -12.15 -4.95 -0.55
C VAL A 1255 -11.24 -4.88 -1.77
N TYR A 1256 -9.94 -5.10 -1.56
CA TYR A 1256 -9.04 -5.26 -2.70
C TYR A 1256 -8.88 -6.73 -3.07
N SER A 1257 -8.42 -7.55 -2.13
CA SER A 1257 -8.30 -8.98 -2.37
C SER A 1257 -8.44 -9.71 -1.03
N VAL A 1258 -8.54 -11.04 -1.12
CA VAL A 1258 -8.91 -11.89 0.00
C VAL A 1258 -7.95 -13.07 0.11
N ASP A 1259 -7.82 -13.59 1.33
CA ASP A 1259 -6.96 -14.72 1.64
C ASP A 1259 -7.72 -15.61 2.63
N PHE A 1260 -7.07 -16.67 3.10
CA PHE A 1260 -7.58 -17.48 4.20
C PHE A 1260 -6.52 -17.50 5.30
N MET A 1261 -6.86 -17.00 6.48
CA MET A 1261 -6.05 -17.23 7.66
C MET A 1261 -6.29 -18.66 8.13
N VAL A 1262 -5.24 -19.47 8.15
CA VAL A 1262 -5.36 -20.90 8.44
C VAL A 1262 -4.66 -21.19 9.76
N ASP A 1263 -5.41 -21.72 10.72
CA ASP A 1263 -4.97 -22.06 12.05
C ASP A 1263 -5.09 -23.58 12.20
N ASN A 1264 -4.95 -24.09 13.42
CA ASN A 1264 -5.01 -25.52 13.67
C ASN A 1264 -6.38 -26.09 13.29
N ALA A 1265 -7.45 -25.51 13.83
CA ALA A 1265 -8.80 -25.85 13.40
C ALA A 1265 -9.61 -24.63 12.97
N GLN A 1266 -9.11 -23.42 13.19
CA GLN A 1266 -9.80 -22.20 12.83
C GLN A 1266 -9.43 -21.78 11.42
N LEU A 1267 -10.40 -21.25 10.68
CA LEU A 1267 -10.21 -20.76 9.32
C LEU A 1267 -10.67 -19.32 9.27
N GLY A 1268 -9.71 -18.38 9.24
CA GLY A 1268 -10.03 -16.98 9.12
C GLY A 1268 -10.16 -16.55 7.67
N PHE A 1269 -10.72 -15.36 7.48
CA PHE A 1269 -11.03 -14.80 6.17
C PHE A 1269 -10.33 -13.44 6.09
N LEU A 1270 -9.09 -13.46 5.60
CA LEU A 1270 -8.26 -12.26 5.59
C LEU A 1270 -8.66 -11.33 4.45
N VAL A 1271 -8.88 -10.06 4.77
CA VAL A 1271 -9.41 -9.07 3.84
C VAL A 1271 -8.51 -7.84 3.86
N SER A 1272 -8.13 -7.35 2.68
CA SER A 1272 -7.43 -6.08 2.54
C SER A 1272 -8.35 -5.05 1.90
N ASP A 1273 -8.12 -3.77 2.22
CA ASP A 1273 -9.11 -2.74 1.95
C ASP A 1273 -8.47 -1.50 1.34
N ARG A 1274 -9.34 -0.56 0.96
CA ARG A 1274 -8.91 0.69 0.32
C ARG A 1274 -8.33 1.66 1.34
N ASP A 1275 -8.72 1.56 2.60
CA ASP A 1275 -8.19 2.39 3.67
C ASP A 1275 -6.94 1.81 4.30
N ARG A 1276 -6.23 0.93 3.58
CA ARG A 1276 -5.00 0.26 4.02
C ARG A 1276 -5.20 -0.54 5.30
N ASN A 1277 -6.22 -1.38 5.31
CA ASN A 1277 -6.58 -2.15 6.51
C ASN A 1277 -6.60 -3.63 6.21
N LEU A 1278 -5.98 -4.42 7.09
CA LEU A 1278 -6.14 -5.86 7.10
C LEU A 1278 -7.13 -6.24 8.19
N MET A 1279 -7.99 -7.22 7.88
CA MET A 1279 -8.97 -7.68 8.84
C MET A 1279 -9.32 -9.14 8.59
N VAL A 1280 -9.61 -9.84 9.68
CA VAL A 1280 -9.83 -11.28 9.67
C VAL A 1280 -11.26 -11.55 10.12
N TYR A 1281 -12.07 -12.11 9.24
CA TYR A 1281 -13.43 -12.54 9.56
C TYR A 1281 -13.46 -14.03 9.87
N MET A 1282 -14.37 -14.41 10.76
CA MET A 1282 -14.66 -15.81 11.02
C MET A 1282 -16.16 -16.07 10.93
N TYR A 1283 -16.49 -17.32 10.68
CA TYR A 1283 -17.88 -17.80 10.63
C TYR A 1283 -18.16 -18.55 11.92
N LEU A 1284 -18.89 -17.90 12.82
CA LEU A 1284 -19.13 -18.44 14.17
C LEU A 1284 -20.62 -18.47 14.44
N PRO A 1285 -21.32 -19.58 14.17
CA PRO A 1285 -22.77 -19.63 14.43
C PRO A 1285 -23.12 -19.70 15.90
N GLU A 1286 -22.19 -20.11 16.76
CA GLU A 1286 -22.46 -20.17 18.19
C GLU A 1286 -22.47 -18.79 18.83
N ALA A 1287 -21.87 -17.79 18.18
CA ALA A 1287 -21.84 -16.45 18.73
C ALA A 1287 -23.21 -15.78 18.60
N LYS A 1288 -23.57 -15.01 19.62
CA LYS A 1288 -24.87 -14.34 19.64
C LYS A 1288 -24.88 -13.02 18.91
N GLU A 1289 -23.72 -12.40 18.70
CA GLU A 1289 -23.67 -11.10 18.05
C GLU A 1289 -23.82 -11.18 16.53
N SER A 1290 -23.83 -12.38 15.96
CA SER A 1290 -24.26 -12.57 14.59
C SER A 1290 -25.73 -12.95 14.58
N PHE A 1291 -26.23 -13.39 13.43
CA PHE A 1291 -27.48 -14.10 13.35
C PHE A 1291 -27.17 -15.60 13.49
N GLY A 1292 -28.12 -16.47 13.15
CA GLY A 1292 -27.77 -17.87 13.20
C GLY A 1292 -27.09 -18.25 11.91
N GLY A 1293 -25.75 -18.22 11.94
CA GLY A 1293 -24.93 -18.53 10.77
C GLY A 1293 -25.10 -17.61 9.59
N MET A 1294 -25.58 -16.39 9.79
CA MET A 1294 -25.87 -15.50 8.66
C MET A 1294 -25.04 -14.23 8.63
N ARG A 1295 -24.05 -14.09 9.49
CA ARG A 1295 -23.25 -12.86 9.55
C ARG A 1295 -21.80 -13.20 9.84
N LEU A 1296 -20.89 -12.63 9.05
CA LEU A 1296 -19.47 -12.78 9.31
C LEU A 1296 -19.01 -11.77 10.35
N LEU A 1297 -18.27 -12.25 11.33
CA LEU A 1297 -17.84 -11.45 12.47
C LEU A 1297 -16.33 -11.30 12.39
N ARG A 1298 -15.85 -10.04 12.33
CA ARG A 1298 -14.42 -9.84 12.30
C ARG A 1298 -13.81 -10.08 13.67
N ARG A 1299 -12.64 -10.71 13.69
CA ARG A 1299 -11.97 -11.08 14.92
C ARG A 1299 -10.57 -10.51 15.03
N ALA A 1300 -10.10 -9.80 14.01
CA ALA A 1300 -8.81 -9.14 14.06
C ALA A 1300 -8.85 -7.95 13.13
N ASP A 1301 -8.28 -6.84 13.57
CA ASP A 1301 -8.19 -5.60 12.80
C ASP A 1301 -6.76 -5.10 12.84
N PHE A 1302 -6.28 -4.63 11.70
CA PHE A 1302 -4.90 -4.17 11.61
C PHE A 1302 -4.77 -3.20 10.45
N HIS A 1303 -3.78 -2.32 10.54
CA HIS A 1303 -3.56 -1.29 9.53
C HIS A 1303 -2.12 -1.38 9.03
N VAL A 1304 -1.92 -2.09 7.93
CA VAL A 1304 -0.66 -1.99 7.22
C VAL A 1304 -0.58 -0.62 6.55
N GLY A 1305 0.63 -0.14 6.33
CA GLY A 1305 0.74 1.16 5.72
C GLY A 1305 0.55 1.23 4.23
N ALA A 1306 0.18 0.13 3.57
CA ALA A 1306 0.09 0.10 2.12
C ALA A 1306 -1.09 -0.77 1.69
N HIS A 1307 -1.40 -0.69 0.41
CA HIS A 1307 -2.43 -1.51 -0.19
C HIS A 1307 -1.89 -2.89 -0.51
N VAL A 1308 -2.78 -3.89 -0.52
CA VAL A 1308 -2.40 -5.28 -0.76
C VAL A 1308 -3.34 -5.85 -1.81
N ASN A 1309 -2.76 -6.39 -2.89
CA ASN A 1309 -3.52 -7.16 -3.88
C ASN A 1309 -3.16 -8.65 -3.91
N THR A 1310 -1.99 -9.04 -3.44
CA THR A 1310 -1.51 -10.40 -3.58
C THR A 1310 -1.57 -11.13 -2.25
N PHE A 1311 -1.79 -12.44 -2.29
CA PHE A 1311 -1.80 -13.25 -1.09
C PHE A 1311 -1.27 -14.65 -1.36
N TRP A 1312 -0.47 -15.16 -0.43
CA TRP A 1312 0.20 -16.45 -0.49
C TRP A 1312 -0.07 -17.21 0.79
N ARG A 1313 -0.01 -18.53 0.74
CA ARG A 1313 0.05 -19.34 1.95
C ARG A 1313 1.15 -20.37 1.81
N THR A 1314 1.80 -20.67 2.93
CA THR A 1314 2.78 -21.73 3.04
C THR A 1314 2.85 -22.18 4.48
N PRO A 1315 3.07 -23.47 4.74
CA PRO A 1315 3.22 -23.93 6.12
C PRO A 1315 4.54 -23.45 6.69
N CYS A 1316 4.57 -23.32 8.02
CA CYS A 1316 5.74 -22.81 8.69
C CYS A 1316 6.84 -23.87 8.74
N ARG A 1317 8.06 -23.42 9.07
CA ARG A 1317 9.21 -24.30 9.21
C ARG A 1317 9.07 -25.22 10.42
N VAL A 1329 1.59 -26.41 18.75
CA VAL A 1329 2.46 -25.25 18.70
C VAL A 1329 3.16 -25.23 17.34
N TRP A 1330 2.60 -24.43 16.42
CA TRP A 1330 2.94 -24.37 15.00
C TRP A 1330 2.89 -25.75 14.33
N GLU A 1331 1.98 -26.62 14.78
CA GLU A 1331 1.91 -27.96 14.23
C GLU A 1331 1.17 -27.97 12.89
N ASN A 1332 0.09 -27.19 12.78
CA ASN A 1332 -0.77 -27.29 11.60
C ASN A 1332 -1.18 -25.91 11.10
N LYS A 1333 -0.40 -24.88 11.39
CA LYS A 1333 -0.68 -23.53 10.96
C LYS A 1333 0.02 -23.21 9.66
N HIS A 1334 -0.42 -22.11 9.03
CA HIS A 1334 0.12 -21.64 7.78
C HIS A 1334 0.40 -20.14 7.89
N ILE A 1335 1.35 -19.67 7.10
CA ILE A 1335 1.75 -18.27 7.09
C ILE A 1335 1.13 -17.59 5.88
N THR A 1336 0.30 -16.59 6.12
CA THR A 1336 -0.35 -15.87 5.04
C THR A 1336 0.54 -14.70 4.64
N TRP A 1337 1.39 -14.95 3.66
CA TRP A 1337 2.28 -13.95 3.10
C TRP A 1337 1.51 -13.03 2.15
N PHE A 1338 1.99 -11.80 2.03
CA PHE A 1338 1.42 -10.87 1.07
C PHE A 1338 2.48 -9.87 0.64
N ALA A 1339 2.29 -9.31 -0.55
CA ALA A 1339 3.18 -8.29 -1.09
C ALA A 1339 2.40 -6.99 -1.26
N THR A 1340 2.88 -5.93 -0.63
CA THR A 1340 2.15 -4.68 -0.62
C THR A 1340 2.28 -3.97 -1.96
N LEU A 1341 1.36 -3.05 -2.21
CA LEU A 1341 1.30 -2.33 -3.48
C LEU A 1341 2.26 -1.16 -3.52
N ASP A 1342 2.95 -0.87 -2.42
CA ASP A 1342 4.02 0.11 -2.39
C ASP A 1342 5.40 -0.53 -2.43
N GLY A 1343 5.47 -1.83 -2.67
CA GLY A 1343 6.74 -2.50 -2.92
C GLY A 1343 7.35 -3.26 -1.77
N GLY A 1344 6.58 -3.63 -0.75
CA GLY A 1344 7.08 -4.42 0.36
C GLY A 1344 6.39 -5.77 0.44
N ILE A 1345 6.88 -6.59 1.36
CA ILE A 1345 6.34 -7.93 1.61
C ILE A 1345 6.18 -8.09 3.12
N GLY A 1346 4.98 -8.51 3.54
CA GLY A 1346 4.67 -8.70 4.94
C GLY A 1346 4.20 -10.12 5.23
N LEU A 1347 3.84 -10.34 6.50
CA LEU A 1347 3.41 -11.64 6.97
C LEU A 1347 2.29 -11.49 7.98
N LEU A 1348 1.54 -12.56 8.17
CA LEU A 1348 0.65 -12.72 9.32
C LEU A 1348 0.78 -14.14 9.83
N LEU A 1349 1.46 -14.30 10.96
CA LEU A 1349 1.69 -15.59 11.58
C LEU A 1349 0.69 -15.80 12.70
N PRO A 1350 -0.19 -16.81 12.63
CA PRO A 1350 -1.14 -17.03 13.72
C PRO A 1350 -0.45 -17.58 14.96
N MET A 1351 -1.04 -17.28 16.12
CA MET A 1351 -0.45 -17.67 17.39
C MET A 1351 -1.54 -18.14 18.35
N GLN A 1352 -1.10 -18.74 19.45
CA GLN A 1352 -1.99 -19.06 20.55
C GLN A 1352 -2.36 -17.79 21.31
N GLU A 1353 -3.37 -17.93 22.18
CA GLU A 1353 -3.84 -16.78 22.95
C GLU A 1353 -2.85 -16.42 24.06
N LYS A 1354 -2.17 -17.42 24.63
CA LYS A 1354 -1.25 -17.15 25.73
C LYS A 1354 0.02 -16.45 25.25
N THR A 1355 0.50 -16.82 24.05
CA THR A 1355 1.68 -16.18 23.49
C THR A 1355 1.37 -14.77 23.02
N TYR A 1356 0.13 -14.53 22.57
CA TYR A 1356 -0.30 -13.19 22.17
C TYR A 1356 -0.29 -12.22 23.34
N ARG A 1357 -0.72 -12.67 24.52
CA ARG A 1357 -0.93 -11.76 25.63
C ARG A 1357 0.31 -11.53 26.47
N ARG A 1358 1.32 -12.39 26.35
CA ARG A 1358 2.62 -12.05 26.91
C ARG A 1358 3.28 -10.94 26.11
N LEU A 1359 3.07 -10.91 24.80
CA LEU A 1359 3.70 -9.92 23.94
C LEU A 1359 2.85 -8.67 23.76
N LEU A 1360 1.55 -8.73 24.02
CA LEU A 1360 0.74 -7.52 24.01
C LEU A 1360 1.04 -6.64 25.21
N MET A 1361 1.42 -7.25 26.34
CA MET A 1361 1.95 -6.48 27.47
C MET A 1361 3.28 -5.82 27.11
N LEU A 1362 4.07 -6.46 26.25
CA LEU A 1362 5.31 -5.85 25.80
C LEU A 1362 5.05 -4.72 24.82
N GLN A 1363 4.07 -4.90 23.92
CA GLN A 1363 3.80 -3.93 22.87
C GLN A 1363 3.31 -2.61 23.45
N ASN A 1364 2.52 -2.67 24.52
CA ASN A 1364 2.11 -1.43 25.20
C ASN A 1364 3.26 -0.80 25.95
N ALA A 1365 4.19 -1.62 26.46
CA ALA A 1365 5.38 -1.08 27.10
C ALA A 1365 6.37 -0.51 26.10
N LEU A 1366 6.41 -1.05 24.89
CA LEU A 1366 7.29 -0.52 23.85
C LEU A 1366 6.72 0.74 23.21
N THR A 1367 5.39 0.92 23.26
CA THR A 1367 4.78 2.11 22.68
C THR A 1367 5.09 3.35 23.52
N THR A 1368 4.92 3.26 24.84
CA THR A 1368 5.04 4.43 25.69
C THR A 1368 6.50 4.71 26.07
N MET A 1369 7.26 3.67 26.41
CA MET A 1369 8.56 3.83 27.05
C MET A 1369 9.72 3.85 26.07
N LEU A 1370 9.47 4.16 24.80
CA LEU A 1370 10.54 4.34 23.83
C LEU A 1370 10.25 5.56 22.96
N PRO A 1371 11.26 6.37 22.65
CA PRO A 1371 11.06 7.47 21.71
C PRO A 1371 10.94 6.95 20.29
N HIS A 1372 10.09 7.58 19.50
CA HIS A 1372 9.84 7.14 18.14
C HIS A 1372 10.19 8.27 17.18
N HIS A 1373 10.53 7.88 15.95
CA HIS A 1373 10.90 8.85 14.92
C HIS A 1373 9.71 9.68 14.50
N ALA A 1374 9.93 10.99 14.39
CA ALA A 1374 8.92 12.00 14.03
C ALA A 1374 7.75 12.04 15.02
N GLY A 1375 7.98 11.59 16.26
CA GLY A 1375 6.97 11.63 17.30
C GLY A 1375 5.74 10.80 17.06
N LEU A 1376 5.80 9.83 16.15
CA LEU A 1376 4.62 9.09 15.75
C LEU A 1376 4.29 8.03 16.78
N ASN A 1377 2.99 7.75 16.91
CA ASN A 1377 2.51 6.79 17.88
C ASN A 1377 2.29 5.46 17.17
N PRO A 1378 2.96 4.37 17.59
CA PRO A 1378 2.76 3.09 16.92
C PRO A 1378 1.39 2.50 17.16
N ARG A 1379 0.77 2.80 18.30
CA ARG A 1379 -0.60 2.37 18.53
C ARG A 1379 -1.56 3.10 17.61
N ALA A 1380 -1.38 4.41 17.44
CA ALA A 1380 -2.27 5.20 16.60
C ALA A 1380 -2.12 4.88 15.13
N PHE A 1381 -0.97 4.34 14.71
CA PHE A 1381 -0.78 3.99 13.32
C PHE A 1381 -1.33 2.60 12.98
N ARG A 1382 -1.32 1.67 13.93
CA ARG A 1382 -1.77 0.32 13.66
C ARG A 1382 -3.22 0.09 14.10
N MET A 1383 -3.94 1.13 14.52
CA MET A 1383 -5.37 0.99 14.72
C MET A 1383 -6.11 1.14 13.40
N LEU A 1384 -7.35 0.67 13.40
CA LEU A 1384 -8.18 0.69 12.21
C LEU A 1384 -8.54 2.13 11.83
N HIS A 1385 -8.63 2.37 10.52
CA HIS A 1385 -8.78 3.73 9.98
C HIS A 1385 -10.07 3.91 9.21
N VAL A 1386 -11.19 3.52 9.81
CA VAL A 1386 -12.52 3.75 9.25
C VAL A 1386 -12.75 5.24 9.10
N ASP A 1387 -12.95 5.70 7.86
CA ASP A 1387 -13.29 7.10 7.60
C ASP A 1387 -14.81 7.31 7.54
N ARG A 1388 -15.50 6.75 8.52
CA ARG A 1388 -16.94 6.84 8.74
C ARG A 1388 -17.15 6.59 10.23
N ARG A 1389 -18.39 6.28 10.59
CA ARG A 1389 -18.71 5.82 11.92
C ARG A 1389 -19.88 4.85 11.79
N THR A 1390 -19.64 3.61 12.18
CA THR A 1390 -20.64 2.56 12.18
C THR A 1390 -20.51 1.77 13.48
N LEU A 1391 -21.32 0.73 13.64
CA LEU A 1391 -21.26 -0.07 14.86
C LEU A 1391 -20.36 -1.27 14.65
N GLN A 1392 -19.06 -1.10 14.85
CA GLN A 1392 -18.13 -2.20 14.63
C GLN A 1392 -16.85 -2.12 15.46
N ASN A 1393 -16.87 -1.34 16.52
CA ASN A 1393 -15.68 -1.22 17.39
C ASN A 1393 -14.55 -2.14 16.95
N ALA A 1394 -13.34 -1.62 17.01
CA ALA A 1394 -12.18 -2.28 16.44
C ALA A 1394 -11.71 -3.42 17.34
N VAL A 1395 -11.51 -4.60 16.75
CA VAL A 1395 -11.02 -5.77 17.47
C VAL A 1395 -9.55 -5.94 17.10
N ARG A 1396 -8.67 -5.41 17.96
CA ARG A 1396 -7.24 -5.49 17.70
C ARG A 1396 -6.70 -6.81 18.24
N ASN A 1397 -6.33 -7.71 17.33
CA ASN A 1397 -5.77 -9.00 17.70
C ASN A 1397 -4.50 -9.33 16.91
N VAL A 1398 -3.88 -8.32 16.33
CA VAL A 1398 -2.63 -8.47 15.58
C VAL A 1398 -1.56 -7.65 16.27
N LEU A 1399 -0.42 -8.29 16.56
CA LEU A 1399 0.68 -7.58 17.17
C LEU A 1399 1.44 -6.78 16.13
N ASP A 1400 2.24 -5.83 16.60
CA ASP A 1400 3.11 -5.04 15.74
C ASP A 1400 4.51 -5.63 15.88
N GLY A 1401 4.85 -6.56 14.99
CA GLY A 1401 6.14 -7.23 15.06
C GLY A 1401 7.31 -6.39 14.62
N GLU A 1402 7.07 -5.22 14.02
CA GLU A 1402 8.13 -4.26 13.79
C GLU A 1402 8.30 -3.31 14.96
N LEU A 1403 7.28 -3.17 15.81
CA LEU A 1403 7.48 -2.54 17.10
C LEU A 1403 8.11 -3.51 18.10
N LEU A 1404 7.69 -4.78 18.04
CA LEU A 1404 8.30 -5.83 18.86
C LEU A 1404 9.73 -6.13 18.43
N ASN A 1405 10.12 -5.73 17.22
CA ASN A 1405 11.48 -5.90 16.74
C ASN A 1405 12.44 -4.92 17.40
N ARG A 1406 11.93 -3.86 18.04
CA ARG A 1406 12.76 -2.94 18.78
C ARG A 1406 13.10 -3.44 20.18
N TYR A 1407 12.50 -4.54 20.62
CA TYR A 1407 12.93 -5.15 21.87
C TYR A 1407 14.22 -5.92 21.68
N LEU A 1408 14.45 -6.43 20.47
CA LEU A 1408 15.72 -7.05 20.13
C LEU A 1408 16.85 -6.02 20.05
N TYR A 1409 16.51 -4.77 19.77
CA TYR A 1409 17.48 -3.71 19.53
C TYR A 1409 17.97 -3.07 20.82
N LEU A 1410 17.26 -3.26 21.93
CA LEU A 1410 17.64 -2.64 23.19
C LEU A 1410 18.82 -3.36 23.82
N SER A 1411 19.58 -2.61 24.62
CA SER A 1411 20.67 -3.20 25.37
C SER A 1411 20.13 -4.11 26.46
N THR A 1412 20.96 -5.08 26.90
CA THR A 1412 20.47 -6.08 27.84
C THR A 1412 20.29 -5.53 29.24
N MET A 1413 20.80 -4.33 29.54
CA MET A 1413 20.41 -3.63 30.75
C MET A 1413 19.01 -3.03 30.60
N GLU A 1414 18.72 -2.45 29.44
CA GLU A 1414 17.39 -1.93 29.15
C GLU A 1414 16.40 -3.02 28.79
N ARG A 1415 16.89 -4.18 28.35
CA ARG A 1415 16.03 -5.30 27.98
C ARG A 1415 15.34 -5.89 29.21
N SER A 1416 16.02 -5.85 30.37
CA SER A 1416 15.46 -6.41 31.58
C SER A 1416 14.54 -5.45 32.31
N GLU A 1417 14.65 -4.14 32.05
CA GLU A 1417 13.79 -3.17 32.72
C GLU A 1417 12.36 -3.24 32.21
N LEU A 1418 12.18 -3.51 30.91
CA LEU A 1418 10.83 -3.69 30.39
C LEU A 1418 10.25 -5.04 30.75
N ALA A 1419 11.09 -6.02 31.11
CA ALA A 1419 10.56 -7.31 31.54
C ALA A 1419 10.10 -7.26 32.99
N LYS A 1420 10.81 -6.52 33.84
CA LYS A 1420 10.44 -6.43 35.25
C LYS A 1420 9.18 -5.62 35.45
N LYS A 1421 8.88 -4.68 34.55
CA LYS A 1421 7.70 -3.85 34.70
C LYS A 1421 6.41 -4.52 34.22
N ILE A 1422 6.51 -5.56 33.41
CA ILE A 1422 5.35 -6.34 33.01
C ILE A 1422 5.33 -7.72 33.64
N GLY A 1423 6.22 -7.99 34.59
CA GLY A 1423 6.17 -9.21 35.37
C GLY A 1423 6.67 -10.45 34.65
N THR A 1424 7.86 -10.36 34.07
CA THR A 1424 8.45 -11.50 33.36
C THR A 1424 9.97 -11.33 33.36
N THR A 1425 10.64 -12.30 32.76
CA THR A 1425 12.08 -12.30 32.56
C THR A 1425 12.37 -12.18 31.06
N PRO A 1426 13.54 -11.66 30.68
CA PRO A 1426 13.84 -11.55 29.24
C PRO A 1426 14.02 -12.89 28.53
N ASP A 1427 14.22 -13.99 29.24
CA ASP A 1427 14.37 -15.28 28.59
C ASP A 1427 13.06 -15.79 28.01
N ILE A 1428 11.93 -15.42 28.62
CA ILE A 1428 10.63 -15.85 28.11
C ILE A 1428 10.26 -15.07 26.85
N ILE A 1429 10.58 -13.77 26.82
CA ILE A 1429 10.22 -12.94 25.67
C ILE A 1429 11.08 -13.31 24.45
N LEU A 1430 12.39 -13.53 24.67
CA LEU A 1430 13.28 -13.92 23.58
C LEU A 1430 12.99 -15.32 23.07
N ASP A 1431 12.33 -16.17 23.87
CA ASP A 1431 11.84 -17.44 23.36
C ASP A 1431 10.52 -17.31 22.62
N ASP A 1432 9.97 -16.11 22.52
CA ASP A 1432 8.75 -15.85 21.75
C ASP A 1432 9.01 -14.99 20.52
N LEU A 1433 9.90 -14.00 20.63
CA LEU A 1433 10.19 -13.13 19.49
C LEU A 1433 11.08 -13.83 18.47
N LEU A 1434 12.00 -14.67 18.94
CA LEU A 1434 12.92 -15.35 18.02
C LEU A 1434 12.29 -16.58 17.38
N GLU A 1435 11.28 -17.16 18.00
CA GLU A 1435 10.56 -18.29 17.39
C GLU A 1435 9.58 -17.84 16.31
N THR A 1436 9.23 -16.56 16.27
CA THR A 1436 8.49 -16.02 15.13
C THR A 1436 9.40 -15.68 13.97
N ASP A 1437 10.72 -15.70 14.17
CA ASP A 1437 11.68 -15.51 13.09
C ASP A 1437 12.18 -16.82 12.51
N ARG A 1438 12.14 -17.89 13.29
CA ARG A 1438 12.64 -19.19 12.82
C ARG A 1438 11.63 -19.89 11.93
N VAL A 1439 10.34 -19.86 12.30
CA VAL A 1439 9.31 -20.50 11.50
C VAL A 1439 8.94 -19.68 10.27
N THR A 1440 9.42 -18.44 10.18
CA THR A 1440 9.11 -17.53 9.10
C THR A 1440 10.37 -17.21 8.29
N ALA A 1441 11.15 -18.23 7.99
CA ALA A 1441 12.40 -18.08 7.25
C ALA A 1441 12.34 -18.79 5.90
N HIS A 1442 11.22 -18.62 5.19
CA HIS A 1442 11.02 -19.25 3.90
C HIS A 1442 11.67 -18.43 2.80
N PHE A 1443 11.32 -18.77 1.56
CA PHE A 1443 11.69 -18.05 0.32
C PHE A 1443 13.20 -17.95 0.11
N ARG B 69 -32.29 -0.49 -28.06
CA ARG B 69 -31.31 -0.78 -27.02
C ARG B 69 -30.50 0.46 -26.67
N LYS B 70 -30.54 0.85 -25.40
CA LYS B 70 -29.78 2.00 -24.92
C LYS B 70 -29.45 1.74 -23.45
N THR B 71 -28.22 1.27 -23.20
CA THR B 71 -27.82 0.85 -21.87
C THR B 71 -26.75 1.78 -21.32
N ILE B 72 -26.65 1.78 -20.00
CA ILE B 72 -25.53 2.40 -19.28
C ILE B 72 -24.89 1.28 -18.48
N ASP B 73 -23.89 0.63 -19.07
CA ASP B 73 -23.24 -0.52 -18.45
C ASP B 73 -22.09 -0.03 -17.59
N TYR B 74 -22.17 -0.28 -16.28
CA TYR B 74 -21.16 0.23 -15.36
C TYR B 74 -19.88 -0.58 -15.37
N ASN B 75 -19.88 -1.76 -15.99
CA ASN B 75 -18.75 -2.68 -15.95
C ASN B 75 -17.46 -2.17 -16.60
N PRO B 76 -17.45 -1.53 -17.79
CA PRO B 76 -16.17 -1.00 -18.30
C PRO B 76 -15.60 0.18 -17.53
N SER B 77 -16.31 0.73 -16.56
CA SER B 77 -15.73 1.76 -15.70
C SER B 77 -15.10 1.16 -14.45
N VAL B 78 -15.66 0.07 -13.93
CA VAL B 78 -15.12 -0.55 -12.72
C VAL B 78 -13.82 -1.30 -13.05
N ILE B 79 -13.75 -1.90 -14.24
CA ILE B 79 -12.53 -2.58 -14.71
C ILE B 79 -11.38 -1.58 -14.82
N LYS B 80 -11.68 -0.40 -15.39
CA LYS B 80 -10.67 0.65 -15.54
C LYS B 80 -10.18 1.14 -14.19
N TYR B 81 -11.09 1.26 -13.21
CA TYR B 81 -10.69 1.66 -11.87
C TYR B 81 -9.84 0.60 -11.19
N LEU B 82 -10.16 -0.69 -11.41
CA LEU B 82 -9.33 -1.75 -10.83
C LEU B 82 -7.95 -1.81 -11.45
N GLU B 83 -7.82 -1.38 -12.71
CA GLU B 83 -6.51 -1.32 -13.34
C GLU B 83 -5.72 -0.09 -12.89
N ASN B 84 -6.39 1.05 -12.69
CA ASN B 84 -5.70 2.25 -12.25
C ASN B 84 -5.17 2.09 -10.82
N ARG B 85 -6.02 1.60 -9.91
CA ARG B 85 -5.80 1.35 -8.49
C ARG B 85 -4.44 0.78 -8.12
N ILE B 86 -3.93 -0.12 -8.96
CA ILE B 86 -2.64 -0.78 -8.74
C ILE B 86 -1.51 0.24 -8.78
N TRP B 87 -1.52 1.10 -9.80
CA TRP B 87 -0.43 2.05 -9.97
C TRP B 87 -0.79 3.47 -9.58
N GLN B 88 -2.05 3.76 -9.30
CA GLN B 88 -2.38 5.01 -8.63
C GLN B 88 -2.11 4.88 -7.13
N ARG B 89 -2.07 6.02 -6.47
CA ARG B 89 -2.16 6.06 -5.02
C ARG B 89 -3.14 7.09 -4.49
N ASP B 90 -3.51 8.09 -5.30
CA ASP B 90 -4.43 9.16 -4.92
C ASP B 90 -5.18 9.55 -6.19
N GLN B 91 -5.84 10.71 -6.15
CA GLN B 91 -6.42 11.31 -7.35
C GLN B 91 -5.48 12.31 -8.00
N ARG B 92 -4.56 12.87 -7.22
CA ARG B 92 -3.51 13.75 -7.74
C ARG B 92 -2.54 13.03 -8.66
N ASP B 93 -2.50 11.71 -8.62
CA ASP B 93 -1.72 10.90 -9.54
C ASP B 93 -2.53 10.46 -10.75
N MET B 94 -3.86 10.58 -10.71
CA MET B 94 -4.71 10.10 -11.80
C MET B 94 -4.55 10.98 -13.04
N ARG B 95 -4.36 10.33 -14.18
CA ARG B 95 -4.22 11.02 -15.45
C ARG B 95 -5.55 11.64 -15.86
N ALA B 96 -5.50 12.88 -16.33
CA ALA B 96 -6.70 13.67 -16.53
C ALA B 96 -7.49 13.16 -17.73
N ILE B 97 -8.80 12.97 -17.53
CA ILE B 97 -9.70 12.67 -18.63
C ILE B 97 -9.83 13.93 -19.48
N GLN B 98 -9.65 13.77 -20.79
CA GLN B 98 -9.71 15.00 -21.55
C GLN B 98 -11.05 15.13 -22.28
N PRO B 99 -11.60 16.34 -22.37
CA PRO B 99 -12.97 16.49 -22.91
C PRO B 99 -13.07 16.26 -24.41
N ASP B 100 -12.97 15.00 -24.83
CA ASP B 100 -13.22 14.60 -26.21
C ASP B 100 -13.95 13.28 -26.18
N ALA B 101 -14.63 12.96 -27.28
CA ALA B 101 -15.41 11.73 -27.38
C ALA B 101 -14.55 10.47 -27.47
N GLY B 102 -13.25 10.61 -27.72
CA GLY B 102 -12.37 9.45 -27.78
C GLY B 102 -11.87 8.93 -26.46
N TYR B 103 -12.07 9.69 -25.38
CA TYR B 103 -11.57 9.35 -24.05
C TYR B 103 -12.63 8.64 -23.22
N TYR B 104 -13.43 7.81 -23.88
CA TYR B 104 -14.56 7.13 -23.27
C TYR B 104 -14.17 5.98 -22.36
N ASN B 105 -12.99 5.38 -22.56
CA ASN B 105 -12.55 4.31 -21.66
C ASN B 105 -11.85 4.83 -20.42
N ASP B 106 -11.55 6.12 -20.35
CA ASP B 106 -10.82 6.65 -19.20
C ASP B 106 -11.71 6.99 -18.02
N LEU B 107 -13.00 6.71 -18.10
CA LEU B 107 -13.90 7.00 -16.98
C LEU B 107 -13.75 5.97 -15.88
N VAL B 108 -13.90 6.43 -14.65
CA VAL B 108 -13.91 5.59 -13.46
C VAL B 108 -15.27 5.81 -12.80
N PRO B 109 -15.71 4.95 -11.87
CA PRO B 109 -16.90 5.27 -11.08
C PRO B 109 -16.60 6.39 -10.10
N PRO B 110 -17.63 6.97 -9.44
CA PRO B 110 -17.35 8.03 -8.44
C PRO B 110 -16.54 7.58 -7.23
N ILE B 111 -16.35 6.28 -7.03
CA ILE B 111 -15.35 5.80 -6.09
C ILE B 111 -13.95 6.12 -6.61
N GLY B 112 -13.78 6.14 -7.94
CA GLY B 112 -12.47 6.36 -8.52
C GLY B 112 -11.96 7.77 -8.33
N MET B 113 -12.80 8.76 -8.64
CA MET B 113 -12.49 10.15 -8.32
C MET B 113 -13.27 10.53 -7.07
N LEU B 114 -12.57 10.48 -5.94
CA LEU B 114 -13.22 10.63 -4.64
C LEU B 114 -13.41 12.10 -4.30
N ASN B 115 -12.36 12.91 -4.45
CA ASN B 115 -12.58 14.33 -4.64
C ASN B 115 -12.87 14.58 -6.12
N ASN B 116 -13.02 15.86 -6.45
CA ASN B 116 -13.81 16.33 -7.59
C ASN B 116 -15.13 15.57 -7.62
N PRO B 117 -16.07 15.84 -6.71
CA PRO B 117 -17.37 15.17 -6.76
C PRO B 117 -18.32 15.70 -7.82
N MET B 118 -17.87 16.64 -8.65
CA MET B 118 -18.65 17.16 -9.77
C MET B 118 -18.88 16.11 -10.86
N ASN B 119 -18.17 14.98 -10.79
CA ASN B 119 -18.45 13.78 -11.57
C ASN B 119 -19.92 13.39 -11.52
N ALA B 120 -20.44 13.23 -10.30
CA ALA B 120 -21.77 12.68 -10.08
C ALA B 120 -22.85 13.75 -10.14
N VAL B 121 -22.85 14.53 -11.20
CA VAL B 121 -23.90 15.49 -11.46
C VAL B 121 -24.62 14.99 -12.70
N THR B 122 -25.68 14.22 -12.48
CA THR B 122 -26.31 13.46 -13.55
C THR B 122 -27.35 14.33 -14.24
N THR B 123 -26.91 15.03 -15.28
CA THR B 123 -27.82 15.83 -16.09
C THR B 123 -27.90 15.32 -17.52
N LYS B 124 -27.63 14.04 -17.74
CA LYS B 124 -27.75 13.42 -19.05
C LYS B 124 -28.92 12.44 -19.03
N PHE B 125 -29.86 12.63 -19.95
CA PHE B 125 -31.03 11.79 -20.04
C PHE B 125 -30.67 10.39 -20.54
N VAL B 126 -31.32 9.38 -19.98
CA VAL B 126 -31.15 8.00 -20.44
C VAL B 126 -32.45 7.46 -20.99
N ARG B 127 -33.48 7.37 -20.15
CA ARG B 127 -34.72 6.72 -20.56
C ARG B 127 -35.87 7.15 -19.65
N THR B 128 -37.04 7.38 -20.26
CA THR B 128 -38.29 7.46 -19.51
C THR B 128 -38.86 6.06 -19.36
N SER B 129 -39.20 5.69 -18.14
CA SER B 129 -39.78 4.39 -17.84
C SER B 129 -41.23 4.62 -17.41
N THR B 130 -42.15 4.36 -18.33
CA THR B 130 -43.57 4.56 -18.13
C THR B 130 -44.28 3.22 -18.10
N ASN B 131 -45.34 3.14 -17.31
CA ASN B 131 -46.12 1.91 -17.20
C ASN B 131 -47.20 1.88 -18.26
N LYS B 132 -48.03 0.84 -18.21
CA LYS B 132 -49.18 0.75 -19.11
C LYS B 132 -50.43 1.37 -18.51
N VAL B 133 -50.48 1.54 -17.19
CA VAL B 133 -51.66 2.10 -16.54
C VAL B 133 -51.54 3.62 -16.38
N LYS B 134 -50.31 4.17 -16.43
CA LYS B 134 -50.02 5.60 -16.33
C LYS B 134 -50.56 6.20 -15.03
N CYS B 135 -50.02 5.71 -13.92
CA CYS B 135 -50.30 6.23 -12.59
C CYS B 135 -49.10 6.99 -12.06
N PRO B 136 -49.31 8.01 -11.22
CA PRO B 136 -48.17 8.73 -10.63
C PRO B 136 -47.40 7.86 -9.65
N VAL B 137 -46.08 7.93 -9.71
CA VAL B 137 -45.21 7.13 -8.87
C VAL B 137 -44.77 7.98 -7.68
N PHE B 138 -44.66 7.34 -6.52
CA PHE B 138 -44.35 8.06 -5.29
C PHE B 138 -43.03 7.62 -4.65
N VAL B 139 -42.67 6.35 -4.79
CA VAL B 139 -41.39 5.86 -4.31
C VAL B 139 -40.62 5.23 -5.45
N VAL B 140 -39.31 5.50 -5.49
CA VAL B 140 -38.38 4.92 -6.44
C VAL B 140 -37.18 4.47 -5.62
N ARG B 141 -36.88 3.17 -5.66
CA ARG B 141 -35.78 2.62 -4.87
C ARG B 141 -35.01 1.59 -5.68
N TRP B 142 -33.69 1.64 -5.58
CA TRP B 142 -32.82 0.64 -6.17
C TRP B 142 -32.67 -0.54 -5.21
N THR B 143 -32.66 -1.74 -5.77
CA THR B 143 -32.25 -2.93 -5.04
C THR B 143 -30.81 -2.76 -4.57
N PRO B 144 -30.47 -3.15 -3.34
CA PRO B 144 -29.11 -2.89 -2.82
C PRO B 144 -28.00 -3.64 -3.54
N GLU B 145 -28.31 -4.62 -4.38
CA GLU B 145 -27.34 -5.16 -5.32
C GLU B 145 -27.11 -4.23 -6.51
N GLY B 146 -27.95 -3.21 -6.69
CA GLY B 146 -27.92 -2.40 -7.88
C GLY B 146 -28.53 -3.07 -9.09
N ARG B 147 -29.22 -4.20 -8.90
CA ARG B 147 -29.65 -5.02 -10.03
C ARG B 147 -30.86 -4.42 -10.73
N ARG B 148 -31.77 -3.82 -9.99
CA ARG B 148 -33.03 -3.38 -10.56
C ARG B 148 -33.65 -2.31 -9.68
N LEU B 149 -34.66 -1.64 -10.22
CA LEU B 149 -35.39 -0.64 -9.48
C LEU B 149 -36.85 -1.01 -9.24
N VAL B 150 -37.22 -1.27 -8.00
CA VAL B 150 -38.63 -1.48 -7.69
C VAL B 150 -39.29 -0.12 -7.50
N THR B 151 -40.43 0.08 -8.16
CA THR B 151 -41.09 1.39 -8.24
C THR B 151 -42.54 1.26 -7.82
N GLY B 152 -42.93 2.04 -6.82
CA GLY B 152 -44.29 2.01 -6.30
C GLY B 152 -45.10 3.21 -6.75
N ALA B 153 -46.26 2.92 -7.33
CA ALA B 153 -47.14 3.95 -7.90
C ALA B 153 -48.41 4.06 -7.08
N SER B 154 -49.34 4.89 -7.57
CA SER B 154 -50.60 5.11 -6.87
C SER B 154 -51.56 3.94 -7.00
N SER B 155 -51.35 3.06 -7.98
CA SER B 155 -52.20 1.89 -8.16
C SER B 155 -51.81 0.74 -7.25
N GLY B 156 -50.84 0.92 -6.37
CA GLY B 156 -50.41 -0.16 -5.50
C GLY B 156 -49.54 -1.20 -6.16
N GLU B 157 -48.94 -0.87 -7.30
CA GLU B 157 -48.17 -1.81 -8.08
C GLU B 157 -46.68 -1.61 -7.86
N PHE B 158 -45.93 -2.70 -7.97
CA PHE B 158 -44.47 -2.66 -8.01
C PHE B 158 -44.06 -3.02 -9.42
N THR B 159 -43.58 -2.04 -10.17
CA THR B 159 -43.06 -2.28 -11.51
C THR B 159 -41.55 -2.35 -11.42
N LEU B 160 -40.97 -3.44 -11.89
CA LEU B 160 -39.56 -3.73 -11.72
C LEU B 160 -38.82 -3.49 -13.03
N TRP B 161 -37.87 -2.57 -13.01
CA TRP B 161 -37.11 -2.16 -14.17
C TRP B 161 -35.67 -2.61 -13.99
N ASN B 162 -35.10 -3.24 -15.03
CA ASN B 162 -33.74 -3.75 -14.97
C ASN B 162 -32.75 -2.59 -14.89
N GLY B 163 -31.62 -2.82 -14.23
CA GLY B 163 -30.67 -1.78 -13.92
C GLY B 163 -29.50 -1.64 -14.87
N LEU B 164 -29.44 -2.43 -15.93
CA LEU B 164 -28.46 -2.25 -17.00
C LEU B 164 -29.13 -1.81 -18.29
N THR B 165 -30.09 -2.60 -18.77
CA THR B 165 -30.95 -2.23 -19.89
C THR B 165 -32.34 -2.05 -19.32
N PHE B 166 -32.84 -0.80 -19.32
CA PHE B 166 -33.93 -0.41 -18.44
C PHE B 166 -35.30 -0.75 -18.99
N ASN B 167 -35.39 -1.79 -19.85
CA ASN B 167 -36.56 -2.05 -20.66
C ASN B 167 -37.83 -2.36 -19.87
N PHE B 168 -37.87 -3.55 -19.24
CA PHE B 168 -38.94 -4.02 -18.36
C PHE B 168 -38.53 -5.36 -17.77
N GLU B 169 -38.86 -5.63 -16.51
CA GLU B 169 -38.72 -6.99 -16.00
C GLU B 169 -40.05 -7.62 -15.60
N THR B 170 -40.77 -7.04 -14.64
CA THR B 170 -42.01 -7.64 -14.17
C THR B 170 -42.82 -6.57 -13.45
N ILE B 171 -44.10 -6.88 -13.24
CA ILE B 171 -45.03 -6.00 -12.55
C ILE B 171 -45.71 -6.80 -11.45
N LEU B 172 -45.92 -6.16 -10.31
CA LEU B 172 -46.61 -6.76 -9.18
C LEU B 172 -47.87 -5.96 -8.88
N GLN B 173 -48.57 -6.37 -7.82
CA GLN B 173 -49.65 -5.57 -7.24
C GLN B 173 -49.56 -5.79 -5.73
N ALA B 174 -48.81 -4.90 -5.07
CA ALA B 174 -48.51 -5.08 -3.66
C ALA B 174 -49.70 -4.70 -2.79
N HIS B 175 -50.17 -3.46 -2.93
CA HIS B 175 -51.15 -2.87 -2.05
C HIS B 175 -52.45 -2.62 -2.81
N ASP B 176 -53.49 -2.30 -2.05
CA ASP B 176 -54.74 -1.79 -2.62
C ASP B 176 -54.83 -0.28 -2.47
N SER B 177 -53.73 0.35 -2.10
CA SER B 177 -53.65 1.78 -1.83
C SER B 177 -52.41 2.31 -2.52
N PRO B 178 -52.31 3.63 -2.72
CA PRO B 178 -51.06 4.22 -3.20
C PRO B 178 -49.89 3.94 -2.26
N VAL B 179 -48.79 3.46 -2.85
CA VAL B 179 -47.59 3.15 -2.09
C VAL B 179 -46.89 4.45 -1.72
N ARG B 180 -46.46 4.56 -0.46
CA ARG B 180 -45.87 5.79 0.03
C ARG B 180 -44.47 5.62 0.60
N ALA B 181 -44.09 4.42 1.02
CA ALA B 181 -42.79 4.17 1.61
C ALA B 181 -42.19 2.91 1.01
N MET B 182 -40.86 2.89 0.93
CA MET B 182 -40.13 1.74 0.41
C MET B 182 -38.70 1.84 0.93
N THR B 183 -38.31 0.94 1.83
CA THR B 183 -36.96 0.95 2.39
C THR B 183 -36.41 -0.47 2.51
N TRP B 184 -35.22 -0.67 1.97
CA TRP B 184 -34.47 -1.89 2.21
C TRP B 184 -33.71 -1.78 3.52
N SER B 185 -33.42 -2.93 4.11
CA SER B 185 -32.67 -2.96 5.36
C SER B 185 -31.18 -2.72 5.11
N HIS B 186 -30.39 -2.69 6.17
CA HIS B 186 -28.95 -2.52 6.03
C HIS B 186 -28.28 -3.74 5.43
N ASN B 187 -28.91 -4.91 5.51
CA ASN B 187 -28.57 -6.05 4.69
C ASN B 187 -29.56 -6.15 3.53
N ASP B 188 -29.25 -7.00 2.57
CA ASP B 188 -30.06 -7.12 1.36
C ASP B 188 -31.24 -8.07 1.50
N MET B 189 -31.72 -8.30 2.73
CA MET B 189 -32.70 -9.33 3.00
C MET B 189 -34.13 -8.83 2.83
N TRP B 190 -34.51 -7.81 3.59
CA TRP B 190 -35.92 -7.43 3.75
C TRP B 190 -36.19 -6.09 3.10
N MET B 191 -37.47 -5.82 2.86
CA MET B 191 -37.93 -4.55 2.30
C MET B 191 -39.24 -4.15 2.94
N LEU B 192 -39.24 -3.03 3.66
CA LEU B 192 -40.45 -2.46 4.21
C LEU B 192 -41.14 -1.58 3.17
N THR B 193 -42.41 -1.84 2.89
CA THR B 193 -43.20 -0.99 2.02
C THR B 193 -44.55 -0.70 2.68
N ALA B 194 -44.80 0.56 2.98
CA ALA B 194 -46.07 1.01 3.50
C ALA B 194 -46.94 1.54 2.36
N ASP B 195 -48.19 1.88 2.68
CA ASP B 195 -49.11 2.39 1.68
C ASP B 195 -49.99 3.47 2.28
N HIS B 196 -51.04 3.82 1.55
CA HIS B 196 -51.98 4.88 1.90
C HIS B 196 -53.10 4.37 2.81
N GLY B 197 -53.24 3.06 2.96
CA GLY B 197 -54.26 2.51 3.83
C GLY B 197 -53.80 2.37 5.26
N GLY B 198 -52.51 2.15 5.47
CA GLY B 198 -51.96 1.99 6.79
C GLY B 198 -51.32 0.62 6.99
N TYR B 199 -51.09 -0.08 5.89
CA TYR B 199 -50.58 -1.44 5.92
C TYR B 199 -49.08 -1.45 5.68
N VAL B 200 -48.37 -2.30 6.41
CA VAL B 200 -46.93 -2.49 6.26
C VAL B 200 -46.68 -3.94 5.87
N LYS B 201 -46.06 -4.14 4.71
CA LYS B 201 -45.82 -5.47 4.18
C LYS B 201 -44.33 -5.73 4.11
N TYR B 202 -43.90 -6.89 4.61
CA TYR B 202 -42.50 -7.28 4.49
C TYR B 202 -42.29 -8.00 3.16
N TRP B 203 -41.06 -7.95 2.66
CA TRP B 203 -40.76 -8.49 1.34
C TRP B 203 -39.41 -9.18 1.35
N GLN B 204 -39.34 -10.35 0.73
CA GLN B 204 -38.08 -10.99 0.44
C GLN B 204 -37.39 -10.30 -0.73
N SER B 205 -36.14 -10.69 -0.98
CA SER B 205 -35.38 -10.09 -2.07
C SER B 205 -35.87 -10.55 -3.44
N ASN B 206 -36.54 -11.69 -3.52
CA ASN B 206 -37.15 -12.15 -4.76
C ASN B 206 -38.62 -11.74 -4.89
N MET B 207 -39.02 -10.69 -4.18
CA MET B 207 -40.38 -10.13 -4.18
C MET B 207 -41.42 -11.15 -3.74
N ASN B 208 -41.07 -11.95 -2.75
CA ASN B 208 -42.04 -12.81 -2.09
C ASN B 208 -42.81 -12.00 -1.07
N ASN B 209 -44.12 -12.17 -1.05
CA ASN B 209 -44.95 -11.47 -0.07
C ASN B 209 -44.85 -12.18 1.27
N VAL B 210 -44.58 -11.40 2.31
CA VAL B 210 -44.34 -11.92 3.65
C VAL B 210 -45.44 -11.26 4.49
N LYS B 211 -45.42 -11.44 5.81
CA LYS B 211 -46.49 -11.01 6.72
C LYS B 211 -46.83 -9.53 6.61
N MET B 212 -48.13 -9.24 6.55
CA MET B 212 -48.64 -7.88 6.53
C MET B 212 -49.44 -7.62 7.79
N PHE B 213 -49.51 -6.34 8.17
CA PHE B 213 -50.30 -5.92 9.32
C PHE B 213 -50.66 -4.45 9.12
N GLN B 214 -51.53 -3.94 9.98
CA GLN B 214 -51.95 -2.55 9.92
C GLN B 214 -51.22 -1.78 10.99
N ALA B 215 -50.39 -0.82 10.58
CA ALA B 215 -49.55 -0.07 11.50
C ALA B 215 -50.13 1.27 11.89
N HIS B 216 -51.03 1.82 11.08
CA HIS B 216 -51.68 3.09 11.35
C HIS B 216 -53.09 3.05 10.82
N LYS B 217 -53.96 3.86 11.42
CA LYS B 217 -55.34 3.95 10.95
C LYS B 217 -55.48 4.93 9.79
N GLU B 218 -54.42 5.64 9.43
CA GLU B 218 -54.46 6.63 8.36
C GLU B 218 -53.20 6.40 7.50
N ALA B 219 -53.00 7.26 6.50
CA ALA B 219 -52.01 7.03 5.45
C ALA B 219 -50.60 7.18 5.98
N ILE B 220 -49.85 6.07 6.02
CA ILE B 220 -48.44 6.11 6.38
C ILE B 220 -47.67 6.82 5.28
N ARG B 221 -46.74 7.71 5.65
CA ARG B 221 -46.04 8.52 4.68
C ARG B 221 -44.58 8.18 4.51
N GLU B 222 -43.90 7.69 5.54
CA GLU B 222 -42.48 7.40 5.47
C GLU B 222 -42.12 6.37 6.52
N ALA B 223 -41.30 5.40 6.13
CA ALA B 223 -40.73 4.44 7.06
C ALA B 223 -39.21 4.54 7.03
N SER B 224 -38.59 4.33 8.19
CA SER B 224 -37.14 4.29 8.30
C SER B 224 -36.78 2.98 8.97
N PHE B 225 -35.52 2.85 9.36
CA PHE B 225 -35.02 1.61 9.92
C PHE B 225 -33.77 1.88 10.74
N SER B 226 -33.69 1.23 11.89
CA SER B 226 -32.59 1.40 12.83
C SER B 226 -31.31 0.83 12.24
N PRO B 227 -30.11 1.15 12.81
CA PRO B 227 -28.88 0.52 12.29
C PRO B 227 -28.69 -0.95 12.65
N THR B 228 -29.71 -1.76 12.39
CA THR B 228 -29.80 -3.20 12.61
C THR B 228 -31.14 -3.63 12.03
N ASP B 229 -31.37 -4.94 12.00
CA ASP B 229 -32.60 -5.50 11.46
C ASP B 229 -33.72 -5.59 12.48
N ASN B 230 -33.63 -4.88 13.60
CA ASN B 230 -34.46 -5.14 14.77
C ASN B 230 -35.65 -4.20 14.90
N LYS B 231 -35.47 -2.90 14.69
CA LYS B 231 -36.53 -1.93 14.89
C LYS B 231 -36.70 -1.05 13.66
N PHE B 232 -37.91 -0.53 13.50
CA PHE B 232 -38.19 0.46 12.46
C PHE B 232 -39.28 1.40 12.95
N ALA B 233 -39.36 2.56 12.31
CA ALA B 233 -40.29 3.60 12.70
C ALA B 233 -41.11 4.05 11.50
N THR B 234 -42.40 4.25 11.70
CA THR B 234 -43.30 4.74 10.67
C THR B 234 -43.95 6.03 11.13
N CYS B 235 -44.46 6.79 10.16
CA CYS B 235 -45.18 8.03 10.43
C CYS B 235 -46.35 8.15 9.47
N SER B 236 -47.45 8.71 9.97
CA SER B 236 -48.67 8.75 9.18
C SER B 236 -49.33 10.11 9.36
N ASP B 237 -50.54 10.23 8.79
CA ASP B 237 -51.27 11.49 8.79
C ASP B 237 -52.05 11.73 10.06
N ASP B 238 -52.03 10.82 11.02
CA ASP B 238 -52.69 11.04 12.30
C ASP B 238 -51.81 11.75 13.31
N GLY B 239 -50.59 12.12 12.93
CA GLY B 239 -49.72 12.90 13.77
C GLY B 239 -48.79 12.11 14.66
N THR B 240 -48.82 10.79 14.59
CA THR B 240 -48.01 9.94 15.46
C THR B 240 -46.86 9.32 14.69
N VAL B 241 -45.75 9.14 15.40
CA VAL B 241 -44.60 8.38 14.92
C VAL B 241 -44.50 7.14 15.79
N ARG B 242 -44.80 5.98 15.21
CA ARG B 242 -44.85 4.74 15.98
C ARG B 242 -43.63 3.89 15.65
N ILE B 243 -42.95 3.44 16.69
CA ILE B 243 -41.72 2.64 16.56
C ILE B 243 -42.09 1.19 16.76
N TRP B 244 -41.64 0.34 15.84
CA TRP B 244 -42.10 -1.03 15.74
C TRP B 244 -40.95 -2.01 15.94
N ASP B 245 -41.30 -3.23 16.33
CA ASP B 245 -40.36 -4.34 16.37
C ASP B 245 -40.50 -5.11 15.06
N PHE B 246 -39.36 -5.52 14.50
CA PHE B 246 -39.37 -6.12 13.18
C PHE B 246 -39.88 -7.55 13.21
N LEU B 247 -39.33 -8.38 14.10
CA LEU B 247 -39.68 -9.79 14.13
C LEU B 247 -41.03 -10.04 14.77
N ARG B 248 -41.34 -9.37 15.88
CA ARG B 248 -42.58 -9.61 16.58
C ARG B 248 -43.77 -8.85 16.01
N CYS B 249 -43.54 -7.90 15.10
CA CYS B 249 -44.54 -6.98 14.56
C CYS B 249 -45.26 -6.21 15.66
N HIS B 250 -44.53 -5.87 16.71
CA HIS B 250 -45.10 -5.36 17.95
C HIS B 250 -44.91 -3.85 18.04
N GLU B 251 -45.96 -3.15 18.43
CA GLU B 251 -45.92 -1.71 18.62
C GLU B 251 -45.19 -1.39 19.91
N GLU B 252 -43.99 -0.81 19.80
CA GLU B 252 -43.19 -0.54 20.99
C GLU B 252 -43.76 0.65 21.76
N ARG B 253 -43.82 1.82 21.12
CA ARG B 253 -44.35 3.02 21.77
C ARG B 253 -44.80 4.00 20.71
N ILE B 254 -45.51 5.04 21.15
CA ILE B 254 -46.09 6.06 20.28
C ILE B 254 -45.48 7.39 20.66
N LEU B 255 -44.97 8.11 19.67
CA LEU B 255 -44.32 9.40 19.89
C LEU B 255 -45.35 10.48 19.63
N ARG B 256 -45.96 11.00 20.68
CA ARG B 256 -47.00 12.01 20.58
C ARG B 256 -46.45 13.38 20.96
N GLY B 257 -47.27 14.39 20.75
CA GLY B 257 -46.88 15.75 20.96
C GLY B 257 -46.35 16.45 19.73
N HIS B 258 -46.94 16.20 18.56
CA HIS B 258 -46.38 16.66 17.30
C HIS B 258 -47.19 17.79 16.68
N GLY B 259 -48.52 17.73 16.76
CA GLY B 259 -49.34 18.85 16.37
C GLY B 259 -50.17 18.65 15.12
N ALA B 260 -49.58 18.09 14.08
CA ALA B 260 -50.27 17.85 12.83
C ALA B 260 -49.66 16.62 12.16
N ASP B 261 -50.02 16.41 10.89
CA ASP B 261 -49.63 15.20 10.18
C ASP B 261 -48.14 15.20 9.85
N VAL B 262 -47.43 14.21 10.39
CA VAL B 262 -46.00 14.01 10.15
C VAL B 262 -45.83 13.24 8.85
N LYS B 263 -44.90 13.70 8.00
CA LYS B 263 -44.78 13.18 6.65
C LYS B 263 -43.42 12.60 6.31
N CYS B 264 -42.43 12.69 7.19
CA CYS B 264 -41.12 12.14 6.91
C CYS B 264 -40.39 11.83 8.21
N VAL B 265 -39.74 10.67 8.25
CA VAL B 265 -39.00 10.17 9.41
C VAL B 265 -37.73 9.49 8.93
N ASP B 266 -36.59 9.86 9.52
CA ASP B 266 -35.33 9.20 9.23
C ASP B 266 -34.67 8.82 10.56
N TRP B 267 -34.33 7.53 10.69
CA TRP B 267 -33.58 7.09 11.85
C TRP B 267 -32.12 7.54 11.70
N HIS B 268 -31.44 7.73 12.83
CA HIS B 268 -30.04 8.10 12.75
C HIS B 268 -29.19 6.86 12.43
N PRO B 269 -28.14 7.03 11.61
CA PRO B 269 -27.36 5.84 11.19
C PRO B 269 -26.55 5.16 12.28
N THR B 270 -26.26 5.81 13.40
CA THR B 270 -25.67 5.07 14.53
C THR B 270 -26.37 5.31 15.85
N LYS B 271 -26.77 6.55 16.13
CA LYS B 271 -27.03 6.98 17.50
C LYS B 271 -28.38 6.54 18.03
N GLY B 272 -29.29 6.07 17.19
CA GLY B 272 -30.61 5.76 17.68
C GLY B 272 -31.41 7.02 17.96
N LEU B 273 -31.54 7.87 16.95
CA LEU B 273 -32.43 9.01 16.98
C LEU B 273 -33.54 8.80 15.98
N VAL B 274 -34.65 9.49 16.20
CA VAL B 274 -35.73 9.58 15.24
C VAL B 274 -36.00 11.05 14.99
N VAL B 275 -35.85 11.49 13.75
CA VAL B 275 -36.10 12.86 13.35
C VAL B 275 -37.37 12.88 12.51
N SER B 276 -38.31 13.74 12.86
CA SER B 276 -39.61 13.80 12.20
C SER B 276 -39.83 15.17 11.59
N GLY B 277 -40.40 15.19 10.39
CA GLY B 277 -40.89 16.42 9.80
C GLY B 277 -42.33 16.68 10.20
N SER B 278 -42.90 17.73 9.63
CA SER B 278 -44.27 18.11 10.01
C SER B 278 -44.88 19.00 8.94
N LYS B 279 -46.18 19.22 9.08
CA LYS B 279 -46.89 20.33 8.46
C LYS B 279 -47.18 21.44 9.46
N ASP B 280 -47.18 21.12 10.75
CA ASP B 280 -47.42 22.10 11.80
C ASP B 280 -46.26 23.10 11.88
N SER B 281 -46.59 24.39 11.89
CA SER B 281 -45.57 25.42 11.94
C SER B 281 -44.98 25.63 13.33
N GLN B 282 -45.65 25.15 14.37
CA GLN B 282 -45.16 25.33 15.72
C GLN B 282 -44.21 24.22 16.16
N GLN B 283 -44.36 23.01 15.63
CA GLN B 283 -43.46 21.90 15.90
C GLN B 283 -43.02 21.29 14.57
N PRO B 284 -42.14 21.98 13.81
CA PRO B 284 -41.85 21.51 12.45
C PRO B 284 -40.88 20.34 12.37
N ILE B 285 -39.89 20.31 13.27
CA ILE B 285 -38.90 19.23 13.32
C ILE B 285 -38.74 18.79 14.77
N LYS B 286 -38.90 17.50 15.01
CA LYS B 286 -38.81 16.94 16.35
C LYS B 286 -37.71 15.89 16.38
N PHE B 287 -36.84 15.97 17.39
CA PHE B 287 -35.94 14.87 17.67
C PHE B 287 -36.55 13.99 18.75
N TRP B 288 -36.36 12.69 18.62
CA TRP B 288 -37.01 11.77 19.55
C TRP B 288 -36.01 10.86 20.24
N ASP B 289 -36.51 9.91 21.00
CA ASP B 289 -35.72 8.93 21.72
C ASP B 289 -36.49 7.62 21.72
N PRO B 290 -36.03 6.61 20.97
CA PRO B 290 -36.82 5.38 20.83
C PRO B 290 -36.92 4.53 22.09
N LYS B 291 -35.96 4.66 23.01
CA LYS B 291 -36.02 3.85 24.22
C LYS B 291 -37.02 4.42 25.23
N THR B 292 -36.98 5.73 25.45
CA THR B 292 -37.80 6.36 26.47
C THR B 292 -39.06 7.01 25.92
N GLY B 293 -39.10 7.36 24.64
CA GLY B 293 -40.24 8.05 24.08
C GLY B 293 -40.24 9.54 24.27
N GLN B 294 -39.17 10.10 24.84
CA GLN B 294 -39.14 11.52 25.17
C GLN B 294 -38.95 12.38 23.93
N SER B 295 -39.69 13.47 23.84
CA SER B 295 -39.41 14.51 22.86
C SER B 295 -38.07 15.14 23.20
N LEU B 296 -37.06 14.90 22.37
CA LEU B 296 -35.70 15.19 22.77
C LEU B 296 -35.24 16.59 22.38
N ALA B 297 -35.70 17.09 21.24
CA ALA B 297 -35.39 18.44 20.79
C ALA B 297 -36.47 18.90 19.83
N THR B 298 -36.52 20.21 19.62
CA THR B 298 -37.46 20.82 18.68
C THR B 298 -36.70 21.87 17.88
N LEU B 299 -36.80 21.80 16.56
CA LEU B 299 -36.02 22.63 15.65
C LEU B 299 -36.96 23.46 14.80
N HIS B 300 -37.16 24.72 15.20
CA HIS B 300 -38.03 25.64 14.46
C HIS B 300 -37.25 26.13 13.25
N ALA B 301 -37.38 25.39 12.15
CA ALA B 301 -36.53 25.58 10.97
C ALA B 301 -37.25 26.24 9.81
N HIS B 302 -38.42 25.75 9.44
CA HIS B 302 -39.11 26.18 8.24
C HIS B 302 -40.43 26.84 8.60
N LYS B 303 -40.97 27.57 7.62
CA LYS B 303 -42.24 28.25 7.83
C LYS B 303 -43.43 27.32 7.65
N ASN B 304 -43.34 26.37 6.71
CA ASN B 304 -44.47 25.50 6.43
C ASN B 304 -44.04 24.17 5.81
N THR B 305 -44.58 23.07 6.35
CA THR B 305 -44.74 21.79 5.67
C THR B 305 -43.40 21.20 5.22
N VAL B 306 -42.64 20.77 6.22
CA VAL B 306 -41.39 20.04 5.97
C VAL B 306 -41.69 18.77 5.20
N MET B 307 -41.12 18.66 3.99
CA MET B 307 -41.44 17.58 3.08
C MET B 307 -40.60 16.33 3.33
N GLU B 308 -39.28 16.44 3.24
CA GLU B 308 -38.41 15.31 3.50
C GLU B 308 -37.34 15.66 4.52
N VAL B 309 -36.88 14.62 5.21
CA VAL B 309 -35.83 14.71 6.22
C VAL B 309 -34.86 13.58 5.95
N LYS B 310 -33.59 13.93 5.73
CA LYS B 310 -32.55 12.95 5.45
C LYS B 310 -31.33 13.25 6.30
N LEU B 311 -30.59 12.20 6.61
CA LEU B 311 -29.34 12.27 7.37
C LEU B 311 -28.23 11.63 6.57
N ASN B 312 -27.04 12.22 6.64
CA ASN B 312 -25.85 11.59 6.08
C ASN B 312 -25.49 10.31 6.83
N LEU B 313 -24.69 9.49 6.17
CA LEU B 313 -24.15 8.29 6.78
C LEU B 313 -22.97 8.57 7.71
N ASN B 314 -22.47 9.81 7.74
CA ASN B 314 -21.41 10.12 8.69
C ASN B 314 -21.96 10.46 10.08
N GLY B 315 -23.26 10.76 10.17
CA GLY B 315 -23.90 11.01 11.44
C GLY B 315 -23.80 12.43 11.96
N ASN B 316 -23.58 13.40 11.09
CA ASN B 316 -23.39 14.77 11.52
C ASN B 316 -24.43 15.75 11.00
N TRP B 317 -24.94 15.55 9.79
CA TRP B 317 -25.69 16.57 9.08
C TRP B 317 -27.14 16.15 8.90
N LEU B 318 -28.06 17.03 9.27
CA LEU B 318 -29.47 16.89 8.97
C LEU B 318 -29.82 17.77 7.78
N LEU B 319 -30.41 17.17 6.76
CA LEU B 319 -30.84 17.91 5.57
C LEU B 319 -32.34 17.89 5.48
N THR B 320 -32.93 19.06 5.22
CA THR B 320 -34.36 19.26 5.41
C THR B 320 -34.92 20.10 4.27
N ALA B 321 -35.77 19.50 3.46
CA ALA B 321 -36.52 20.23 2.44
C ALA B 321 -37.91 20.57 2.97
N SER B 322 -38.51 21.62 2.40
CA SER B 322 -39.82 22.05 2.81
C SER B 322 -40.49 22.79 1.66
N ARG B 323 -41.74 23.21 1.90
CA ARG B 323 -42.54 23.93 0.92
C ARG B 323 -42.27 25.42 0.92
N ASP B 324 -41.29 25.91 1.69
CA ASP B 324 -40.92 27.31 1.68
C ASP B 324 -39.79 27.62 0.72
N HIS B 325 -39.66 26.82 -0.35
CA HIS B 325 -38.70 26.97 -1.45
C HIS B 325 -37.26 26.83 -0.98
N LEU B 326 -37.01 26.13 0.13
CA LEU B 326 -35.68 26.09 0.73
C LEU B 326 -35.25 24.66 1.04
N CYS B 327 -33.94 24.50 1.21
CA CYS B 327 -33.31 23.31 1.76
C CYS B 327 -32.26 23.76 2.75
N LYS B 328 -32.15 23.07 3.88
CA LYS B 328 -31.32 23.54 4.98
C LYS B 328 -30.49 22.41 5.56
N LEU B 329 -29.23 22.69 5.86
CA LEU B 329 -28.40 21.78 6.63
C LEU B 329 -28.49 22.09 8.12
N PHE B 330 -28.28 21.06 8.93
CA PHE B 330 -28.24 21.21 10.38
C PHE B 330 -27.21 20.24 10.94
N ASP B 331 -26.15 20.76 11.51
CA ASP B 331 -25.22 19.95 12.30
C ASP B 331 -25.92 19.59 13.61
N ILE B 332 -26.21 18.31 13.80
CA ILE B 332 -27.00 17.89 14.96
C ILE B 332 -26.20 17.94 16.26
N ARG B 333 -24.89 18.15 16.19
CA ARG B 333 -24.09 18.39 17.37
C ARG B 333 -24.29 19.81 17.92
N ASN B 334 -24.76 20.74 17.09
CA ASN B 334 -25.00 22.13 17.50
C ASN B 334 -26.29 22.58 16.80
N LEU B 335 -27.40 22.41 17.49
CA LEU B 335 -28.71 22.75 16.95
C LEU B 335 -29.09 24.21 17.14
N LYS B 336 -28.32 24.96 17.95
CA LYS B 336 -28.63 26.36 18.18
C LYS B 336 -28.38 27.20 16.93
N GLU B 337 -27.21 27.05 16.33
CA GLU B 337 -26.88 27.73 15.09
C GLU B 337 -27.37 26.92 13.90
N GLU B 338 -26.92 27.27 12.71
CA GLU B 338 -27.39 26.64 11.49
C GLU B 338 -26.29 26.71 10.45
N LEU B 339 -26.17 25.66 9.63
CA LEU B 339 -25.28 25.66 8.48
C LEU B 339 -25.97 26.37 7.31
N GLN B 340 -25.43 26.24 6.11
CA GLN B 340 -25.92 27.03 4.99
C GLN B 340 -27.29 26.54 4.51
N VAL B 341 -28.01 27.46 3.87
CA VAL B 341 -29.27 27.14 3.24
C VAL B 341 -29.03 27.03 1.74
N PHE B 342 -29.96 26.40 1.04
CA PHE B 342 -29.79 26.10 -0.38
C PHE B 342 -30.94 26.77 -1.15
N ARG B 343 -30.68 27.99 -1.63
CA ARG B 343 -31.67 28.76 -2.37
C ARG B 343 -31.45 28.58 -3.86
N GLY B 344 -32.54 28.47 -4.61
CA GLY B 344 -32.43 28.17 -6.03
C GLY B 344 -33.57 27.36 -6.60
N HIS B 345 -34.46 26.87 -5.73
CA HIS B 345 -35.73 26.32 -6.18
C HIS B 345 -36.71 27.46 -6.42
N LYS B 346 -37.27 27.52 -7.62
CA LYS B 346 -38.28 28.54 -7.90
C LYS B 346 -39.62 28.18 -7.30
N LYS B 347 -39.91 26.89 -7.17
CA LYS B 347 -41.11 26.38 -6.54
C LYS B 347 -40.71 25.53 -5.34
N GLU B 348 -41.67 24.81 -4.77
CA GLU B 348 -41.46 24.10 -3.52
C GLU B 348 -40.52 22.92 -3.70
N ALA B 349 -39.65 22.70 -2.71
CA ALA B 349 -38.69 21.61 -2.72
C ALA B 349 -39.31 20.38 -2.07
N THR B 350 -39.40 19.28 -2.80
CA THR B 350 -40.18 18.13 -2.36
C THR B 350 -39.39 16.86 -2.14
N ALA B 351 -38.23 16.68 -2.78
CA ALA B 351 -37.52 15.42 -2.67
C ALA B 351 -36.02 15.68 -2.52
N VAL B 352 -35.38 14.79 -1.76
CA VAL B 352 -33.98 14.93 -1.35
C VAL B 352 -33.35 13.55 -1.32
N ALA B 353 -32.18 13.41 -1.95
CA ALA B 353 -31.42 12.16 -1.90
C ALA B 353 -29.94 12.45 -1.76
N TRP B 354 -29.35 12.01 -0.65
CA TRP B 354 -27.90 12.09 -0.49
C TRP B 354 -27.20 11.12 -1.43
N HIS B 355 -25.98 11.47 -1.81
CA HIS B 355 -25.19 10.63 -2.70
C HIS B 355 -24.46 9.57 -1.87
N PRO B 356 -24.37 8.32 -2.36
CA PRO B 356 -23.81 7.26 -1.50
C PRO B 356 -22.31 7.35 -1.27
N VAL B 357 -21.50 7.62 -2.30
CA VAL B 357 -20.05 7.59 -2.14
C VAL B 357 -19.43 8.97 -1.98
N HIS B 358 -20.18 10.03 -2.23
CA HIS B 358 -19.71 11.40 -2.11
C HIS B 358 -20.48 12.06 -0.98
N GLU B 359 -19.88 12.15 0.20
CA GLU B 359 -20.50 12.98 1.23
C GLU B 359 -20.31 14.45 0.85
N GLY B 360 -21.31 15.25 1.16
CA GLY B 360 -21.27 16.63 0.76
C GLY B 360 -22.23 16.94 -0.37
N LEU B 361 -22.31 16.09 -1.39
CA LEU B 361 -23.25 16.41 -2.45
C LEU B 361 -24.53 15.64 -2.27
N PHE B 362 -25.62 16.24 -2.73
CA PHE B 362 -26.91 15.58 -2.80
C PHE B 362 -27.63 16.12 -4.02
N ALA B 363 -28.81 15.58 -4.27
CA ALA B 363 -29.67 16.09 -5.32
C ALA B 363 -31.02 16.47 -4.71
N SER B 364 -31.74 17.33 -5.40
CA SER B 364 -32.95 17.92 -4.85
C SER B 364 -33.99 18.03 -5.94
N GLY B 365 -35.19 17.54 -5.66
CA GLY B 365 -36.30 17.62 -6.59
C GLY B 365 -37.28 18.69 -6.14
N GLY B 366 -37.97 19.29 -7.11
CA GLY B 366 -38.88 20.38 -6.85
C GLY B 366 -40.31 20.02 -7.20
N SER B 367 -41.23 20.92 -6.85
CA SER B 367 -42.64 20.72 -7.18
C SER B 367 -42.98 21.19 -8.58
N ASP B 368 -42.12 21.99 -9.20
CA ASP B 368 -42.28 22.38 -10.59
C ASP B 368 -41.57 21.43 -11.54
N GLY B 369 -40.84 20.45 -11.02
CA GLY B 369 -40.07 19.54 -11.83
C GLY B 369 -38.59 19.83 -11.89
N SER B 370 -38.10 20.77 -11.08
CA SER B 370 -36.69 21.10 -11.10
C SER B 370 -35.88 20.01 -10.40
N LEU B 371 -34.70 19.73 -10.92
CA LEU B 371 -33.83 18.68 -10.41
C LEU B 371 -32.44 19.28 -10.22
N LEU B 372 -32.18 19.79 -9.02
CA LEU B 372 -30.97 20.55 -8.75
C LEU B 372 -29.96 19.71 -8.00
N PHE B 373 -28.70 20.09 -8.12
CA PHE B 373 -27.57 19.38 -7.50
C PHE B 373 -26.79 20.36 -6.64
N TRP B 374 -26.47 19.95 -5.42
CA TRP B 374 -25.90 20.84 -4.43
C TRP B 374 -24.65 20.20 -3.85
N HIS B 375 -23.89 20.99 -3.10
CA HIS B 375 -22.73 20.47 -2.37
C HIS B 375 -22.58 21.25 -1.08
N VAL B 376 -22.13 20.57 -0.03
CA VAL B 376 -21.90 21.20 1.26
C VAL B 376 -20.65 22.06 1.17
N GLY B 377 -20.80 23.36 1.40
CA GLY B 377 -19.73 24.33 1.28
C GLY B 377 -19.85 25.23 0.06
N VAL B 378 -20.63 24.83 -0.93
CA VAL B 378 -20.86 25.62 -2.14
C VAL B 378 -22.18 26.35 -2.00
N GLU B 379 -22.16 27.67 -2.18
CA GLU B 379 -23.34 28.48 -1.92
C GLU B 379 -24.39 28.32 -3.02
N LYS B 380 -23.98 28.45 -4.27
CA LYS B 380 -24.92 28.27 -5.37
C LYS B 380 -25.11 26.78 -5.66
N GLU B 381 -26.04 26.50 -6.56
CA GLU B 381 -26.23 25.11 -6.97
C GLU B 381 -25.08 24.67 -7.87
N VAL B 382 -24.71 23.40 -7.71
CA VAL B 382 -23.69 22.81 -8.59
C VAL B 382 -24.23 22.71 -10.01
N GLY B 383 -25.46 22.26 -10.17
CA GLY B 383 -26.17 22.52 -11.40
C GLY B 383 -27.11 21.44 -11.86
N GLY B 384 -28.36 21.83 -12.07
CA GLY B 384 -29.36 21.05 -12.76
C GLY B 384 -30.25 22.07 -13.42
N MET B 385 -31.32 21.68 -14.10
CA MET B 385 -32.16 22.69 -14.72
C MET B 385 -33.63 22.40 -14.52
N GLU B 386 -34.42 23.48 -14.53
CA GLU B 386 -35.87 23.45 -14.48
C GLU B 386 -36.41 22.80 -15.76
N MET B 387 -37.64 22.28 -15.67
CA MET B 387 -38.35 21.58 -16.75
C MET B 387 -37.58 20.34 -17.16
N ALA B 388 -36.94 19.70 -16.19
CA ALA B 388 -36.24 18.45 -16.43
C ALA B 388 -37.19 17.26 -16.28
N HIS B 389 -37.78 17.12 -15.11
CA HIS B 389 -38.59 15.96 -14.79
C HIS B 389 -40.01 16.46 -14.52
N GLU B 390 -40.79 16.57 -15.60
CA GLU B 390 -42.00 17.38 -15.63
C GLU B 390 -43.07 16.87 -14.66
N GLY B 391 -43.69 17.82 -13.95
CA GLY B 391 -44.63 17.49 -12.90
C GLY B 391 -44.10 17.89 -11.54
N MET B 392 -44.20 16.98 -10.58
CA MET B 392 -43.73 17.20 -9.21
C MET B 392 -42.94 15.97 -8.79
N ILE B 393 -41.66 16.18 -8.46
CA ILE B 393 -40.78 15.05 -8.16
C ILE B 393 -41.02 14.60 -6.73
N TRP B 394 -41.34 13.32 -6.57
CA TRP B 394 -41.67 12.76 -5.27
C TRP B 394 -40.48 12.12 -4.57
N SER B 395 -39.65 11.37 -5.29
CA SER B 395 -38.54 10.67 -4.65
C SER B 395 -37.40 10.53 -5.65
N LEU B 396 -36.19 10.45 -5.11
CA LEU B 396 -35.00 10.18 -5.90
C LEU B 396 -34.25 9.01 -5.26
N ALA B 397 -33.52 8.27 -6.10
CA ALA B 397 -32.69 7.18 -5.63
C ALA B 397 -31.44 7.09 -6.49
N TRP B 398 -30.29 6.97 -5.85
CA TRP B 398 -29.05 6.72 -6.54
C TRP B 398 -28.80 5.21 -6.62
N HIS B 399 -28.15 4.80 -7.70
CA HIS B 399 -27.57 3.46 -7.77
C HIS B 399 -26.46 3.36 -6.73
N PRO B 400 -26.16 2.15 -6.25
CA PRO B 400 -25.15 2.02 -5.21
C PRO B 400 -23.85 2.62 -5.74
N LEU B 401 -23.58 2.44 -7.03
CA LEU B 401 -22.45 3.10 -7.64
C LEU B 401 -23.11 4.42 -7.97
N GLY B 402 -22.56 5.54 -7.56
CA GLY B 402 -23.27 6.78 -7.85
C GLY B 402 -23.02 7.24 -9.27
N HIS B 403 -23.37 6.41 -10.23
CA HIS B 403 -23.17 6.77 -11.62
C HIS B 403 -24.49 7.04 -12.35
N ILE B 404 -25.63 6.82 -11.70
CA ILE B 404 -26.91 7.02 -12.35
C ILE B 404 -27.95 7.34 -11.29
N LEU B 405 -28.96 8.11 -11.68
CA LEU B 405 -29.99 8.63 -10.79
C LEU B 405 -31.35 8.39 -11.42
N CYS B 406 -32.35 8.07 -10.59
CA CYS B 406 -33.72 7.97 -11.06
C CYS B 406 -34.63 8.86 -10.23
N SER B 407 -35.64 9.43 -10.89
CA SER B 407 -36.60 10.32 -10.26
C SER B 407 -38.01 9.87 -10.59
N GLY B 408 -38.96 10.27 -9.75
CA GLY B 408 -40.36 9.93 -9.96
C GLY B 408 -41.29 11.13 -9.98
N SER B 409 -42.04 11.29 -11.06
CA SER B 409 -42.88 12.48 -11.27
C SER B 409 -44.24 12.30 -10.59
N ASN B 410 -44.93 13.44 -10.43
CA ASN B 410 -46.38 13.41 -10.25
C ASN B 410 -47.08 13.17 -11.58
N ASP B 411 -46.39 13.46 -12.69
CA ASP B 411 -46.77 12.90 -13.97
C ASP B 411 -46.43 11.41 -14.01
N HIS B 412 -46.83 10.75 -15.08
CA HIS B 412 -46.91 9.30 -15.09
C HIS B 412 -45.65 8.66 -15.67
N THR B 413 -44.49 9.27 -15.43
CA THR B 413 -43.22 8.83 -15.99
C THR B 413 -42.18 8.75 -14.89
N SER B 414 -41.04 8.15 -15.23
CA SER B 414 -39.91 8.02 -14.31
C SER B 414 -38.63 7.98 -15.13
N LYS B 415 -37.77 8.97 -14.93
CA LYS B 415 -36.64 9.22 -15.82
C LYS B 415 -35.32 8.81 -15.16
N PHE B 416 -34.38 8.40 -16.00
CA PHE B 416 -33.04 7.98 -15.57
C PHE B 416 -32.02 9.02 -16.00
N TRP B 417 -31.08 9.32 -15.11
CA TRP B 417 -30.12 10.40 -15.31
C TRP B 417 -28.73 9.87 -15.04
N THR B 418 -27.84 9.94 -16.03
CA THR B 418 -26.48 9.45 -15.87
C THR B 418 -25.49 10.61 -15.96
N ARG B 419 -24.24 10.29 -15.65
CA ARG B 419 -23.15 11.26 -15.71
C ARG B 419 -22.87 11.68 -17.15
N ASN B 420 -22.38 12.90 -17.31
CA ASN B 420 -22.11 13.42 -18.64
C ASN B 420 -20.89 12.75 -19.27
N ARG B 421 -20.90 12.66 -20.58
CA ARG B 421 -19.77 12.04 -21.24
C ARG B 421 -18.72 13.10 -21.59
N PRO B 422 -17.44 12.72 -21.62
CA PRO B 422 -16.41 13.68 -22.05
C PRO B 422 -16.55 14.07 -23.51
N GLY B 423 -16.55 15.38 -23.76
CA GLY B 423 -16.53 15.88 -25.11
C GLY B 423 -17.87 16.15 -25.75
N ASP B 424 -18.96 16.12 -24.98
CA ASP B 424 -20.27 16.40 -25.56
C ASP B 424 -20.59 17.88 -25.44
N LYS B 425 -21.38 18.38 -26.38
CA LYS B 425 -21.97 19.70 -26.25
C LYS B 425 -23.40 19.54 -25.75
N MET B 426 -23.70 20.17 -24.61
CA MET B 426 -24.96 19.95 -23.92
C MET B 426 -26.03 20.87 -24.50
N ARG B 427 -26.53 20.49 -25.67
CA ARG B 427 -27.61 21.18 -26.35
C ARG B 427 -28.91 20.39 -26.29
N ASP B 428 -29.03 19.47 -25.34
CA ASP B 428 -30.25 18.70 -25.16
C ASP B 428 -31.30 19.57 -24.48
N ARG B 429 -32.56 19.10 -24.50
CA ARG B 429 -33.66 19.85 -23.91
C ARG B 429 -33.60 19.90 -22.40
N TYR B 430 -32.79 19.07 -21.76
CA TYR B 430 -32.55 19.12 -20.33
C TYR B 430 -31.30 19.92 -20.00
N ASN B 431 -30.81 20.71 -20.95
CA ASN B 431 -29.52 21.38 -20.92
C ASN B 431 -29.69 22.76 -21.52
N LEU B 432 -28.58 23.36 -22.00
CA LEU B 432 -28.56 24.71 -22.59
C LEU B 432 -29.58 24.91 -23.72
N ASN B 433 -30.00 23.82 -24.39
CA ASN B 433 -31.16 23.76 -25.28
C ASN B 433 -30.95 24.65 -26.51
N LEU B 434 -29.76 24.57 -27.10
CA LEU B 434 -29.44 25.37 -28.28
C LEU B 434 -29.76 24.61 -29.56
N MET C 1 1.98 -24.55 -6.43
CA MET C 1 1.16 -23.36 -6.18
C MET C 1 0.04 -23.71 -5.19
N GLN C 2 0.25 -23.33 -3.93
CA GLN C 2 -0.78 -23.14 -2.91
C GLN C 2 -1.51 -24.41 -2.45
N GLU C 3 -1.26 -25.55 -3.08
CA GLU C 3 -1.85 -26.81 -2.63
C GLU C 3 -0.82 -27.93 -2.59
N ILE C 4 0.21 -27.84 -3.43
CA ILE C 4 1.35 -28.74 -3.30
C ILE C 4 2.16 -28.37 -2.06
N ILE C 5 2.30 -27.08 -1.80
CA ILE C 5 3.04 -26.63 -0.62
C ILE C 5 2.12 -26.54 0.58
N ALA C 6 1.08 -25.72 0.49
CA ALA C 6 0.15 -25.50 1.60
C ALA C 6 -1.09 -26.37 1.39
N SER C 7 -0.94 -27.66 1.67
CA SER C 7 -2.05 -28.59 1.56
C SER C 7 -2.88 -28.54 2.83
N VAL C 8 -4.20 -28.43 2.66
CA VAL C 8 -5.14 -28.33 3.77
C VAL C 8 -6.22 -29.40 3.70
N ASP C 9 -5.95 -30.50 2.99
CA ASP C 9 -6.90 -31.60 2.94
C ASP C 9 -6.89 -32.44 4.21
N HIS C 10 -5.82 -32.39 4.98
CA HIS C 10 -5.72 -33.13 6.23
C HIS C 10 -6.21 -32.34 7.43
N ILE C 11 -6.70 -31.11 7.22
CA ILE C 11 -7.20 -30.27 8.29
C ILE C 11 -8.71 -30.29 8.28
N LYS C 12 -9.31 -30.57 9.43
CA LYS C 12 -10.76 -30.52 9.60
C LYS C 12 -11.10 -29.18 10.25
N PHE C 13 -11.59 -28.23 9.45
CA PHE C 13 -11.82 -26.89 9.95
C PHE C 13 -13.13 -26.81 10.72
N ASP C 14 -13.23 -25.80 11.59
CA ASP C 14 -14.47 -25.52 12.28
C ASP C 14 -15.54 -24.96 11.34
N LEU C 15 -15.14 -24.40 10.19
CA LEU C 15 -16.11 -24.05 9.15
C LEU C 15 -16.81 -25.29 8.61
N GLU C 16 -16.06 -26.37 8.40
CA GLU C 16 -16.64 -27.58 7.85
C GLU C 16 -17.48 -28.35 8.88
N ILE C 17 -17.10 -28.25 10.16
CA ILE C 17 -17.86 -28.92 11.20
C ILE C 17 -19.18 -28.20 11.46
N ALA C 18 -19.16 -26.86 11.47
CA ALA C 18 -20.34 -26.06 11.77
C ALA C 18 -21.39 -26.07 10.67
N VAL C 19 -21.08 -26.57 9.48
CA VAL C 19 -22.07 -26.64 8.41
C VAL C 19 -22.65 -28.03 8.22
N GLU C 20 -22.10 -29.04 8.90
CA GLU C 20 -22.65 -30.39 8.79
C GLU C 20 -23.85 -30.58 9.72
N GLN C 21 -23.64 -30.45 11.02
CA GLN C 21 -24.73 -30.52 11.98
C GLN C 21 -25.35 -29.16 12.27
N GLN C 22 -24.95 -28.13 11.50
CA GLN C 22 -25.57 -26.81 11.34
C GLN C 22 -25.35 -25.88 12.54
N LEU C 23 -24.90 -26.44 13.67
CA LEU C 23 -24.37 -25.82 14.89
C LEU C 23 -25.09 -24.54 15.32
N GLY C 24 -26.40 -24.65 15.56
CA GLY C 24 -27.15 -23.49 16.01
C GLY C 24 -27.72 -22.63 14.91
N ALA C 25 -28.42 -23.27 13.97
CA ALA C 25 -29.16 -22.55 12.94
C ALA C 25 -30.53 -22.18 13.50
N GLN C 26 -30.80 -20.87 13.56
CA GLN C 26 -32.06 -20.40 14.14
C GLN C 26 -33.23 -20.73 13.21
N PRO C 27 -34.40 -21.03 13.77
CA PRO C 27 -35.59 -21.21 12.93
C PRO C 27 -36.00 -19.90 12.29
N LEU C 28 -36.39 -19.98 11.02
CA LEU C 28 -36.73 -18.77 10.28
C LEU C 28 -38.08 -18.24 10.74
N PRO C 29 -38.22 -16.94 10.99
CA PRO C 29 -39.52 -16.38 11.32
C PRO C 29 -40.35 -16.19 10.05
N PHE C 30 -41.61 -15.77 10.26
CA PHE C 30 -42.56 -15.38 9.23
C PHE C 30 -42.78 -16.51 8.23
N PRO C 31 -43.55 -17.55 8.60
CA PRO C 31 -43.50 -18.85 7.87
C PRO C 31 -43.95 -18.87 6.41
N GLY C 32 -44.28 -17.72 5.82
CA GLY C 32 -44.61 -17.69 4.40
C GLY C 32 -43.41 -17.38 3.51
N MET C 33 -42.20 -17.65 3.99
CA MET C 33 -41.00 -17.38 3.21
C MET C 33 -40.79 -18.46 2.15
N ASP C 34 -39.78 -18.23 1.31
CA ASP C 34 -39.49 -19.10 0.18
C ASP C 34 -38.19 -19.88 0.38
N LYS C 35 -37.08 -19.16 0.60
CA LYS C 35 -35.72 -19.72 0.75
C LYS C 35 -35.32 -20.60 -0.43
N SER C 36 -35.70 -20.17 -1.63
CA SER C 36 -35.26 -20.83 -2.86
C SER C 36 -33.92 -20.23 -3.25
N GLY C 37 -32.84 -20.95 -2.96
CA GLY C 37 -31.50 -20.43 -3.15
C GLY C 37 -30.63 -20.67 -1.94
N ALA C 38 -31.14 -21.47 -1.00
CA ALA C 38 -30.41 -21.83 0.21
C ALA C 38 -29.85 -23.25 0.06
N ALA C 39 -29.19 -23.71 1.12
CA ALA C 39 -28.59 -25.03 1.10
C ALA C 39 -29.65 -26.12 1.17
N VAL C 40 -29.29 -27.30 0.70
CA VAL C 40 -30.11 -28.49 0.90
C VAL C 40 -29.62 -29.18 2.17
N CYS C 41 -30.57 -29.56 3.03
CA CYS C 41 -30.22 -30.15 4.31
C CYS C 41 -30.10 -31.66 4.16
N GLU C 42 -29.05 -32.23 4.76
CA GLU C 42 -28.87 -33.66 4.78
C GLU C 42 -29.70 -34.35 5.86
N PHE C 43 -30.29 -33.57 6.76
CA PHE C 43 -31.08 -34.16 7.84
C PHE C 43 -32.42 -34.70 7.33
N PHE C 44 -32.94 -34.13 6.24
CA PHE C 44 -34.25 -34.58 5.76
C PHE C 44 -34.14 -35.91 5.01
N LEU C 45 -33.02 -36.14 4.33
CA LEU C 45 -32.87 -37.39 3.58
C LEU C 45 -32.55 -38.56 4.48
N LYS C 46 -31.76 -38.33 5.53
CA LYS C 46 -31.27 -39.41 6.38
C LYS C 46 -32.14 -39.64 7.61
N ALA C 47 -32.29 -38.62 8.44
CA ALA C 47 -32.79 -38.76 9.81
C ALA C 47 -34.08 -37.96 9.98
N ALA C 48 -34.49 -37.81 11.24
CA ALA C 48 -35.58 -36.90 11.57
C ALA C 48 -35.10 -35.46 11.40
N CYS C 49 -35.73 -34.72 10.50
CA CYS C 49 -35.33 -33.35 10.22
C CYS C 49 -35.71 -32.39 11.34
N GLY C 50 -36.73 -32.72 12.13
CA GLY C 50 -37.13 -31.86 13.24
C GLY C 50 -38.14 -30.81 12.82
N LYS C 51 -37.67 -29.59 12.57
CA LYS C 51 -38.53 -28.46 12.22
C LYS C 51 -38.86 -28.46 10.72
N GLY C 52 -39.59 -29.49 10.31
CA GLY C 52 -40.02 -29.60 8.92
C GLY C 52 -41.08 -28.56 8.60
N GLY C 53 -40.88 -27.84 7.51
CA GLY C 53 -41.72 -26.73 7.15
C GLY C 53 -41.23 -25.39 7.67
N MET C 54 -40.53 -25.38 8.80
CA MET C 54 -39.97 -24.16 9.35
C MET C 54 -38.47 -24.37 9.56
N CYS C 55 -37.81 -24.89 8.53
CA CYS C 55 -36.37 -25.05 8.48
C CYS C 55 -35.79 -24.07 7.46
N PRO C 56 -34.64 -23.45 7.75
CA PRO C 56 -34.06 -22.49 6.80
C PRO C 56 -33.57 -23.12 5.50
N PHE C 57 -33.39 -24.43 5.46
CA PHE C 57 -32.84 -25.11 4.31
C PHE C 57 -33.94 -25.84 3.56
N ARG C 58 -33.71 -26.09 2.27
CA ARG C 58 -34.75 -26.69 1.45
C ARG C 58 -34.87 -28.18 1.71
N HIS C 59 -35.99 -28.75 1.28
CA HIS C 59 -36.29 -30.17 1.46
C HIS C 59 -36.56 -30.79 0.09
N ILE C 60 -35.78 -31.80 -0.27
CA ILE C 60 -35.97 -32.48 -1.54
C ILE C 60 -36.84 -33.71 -1.36
N LYS D 438 -2.30 22.58 23.12
CA LYS D 438 -3.42 22.18 22.28
C LYS D 438 -2.91 21.65 20.95
N HIS D 439 -2.55 22.55 20.04
CA HIS D 439 -2.04 22.17 18.72
C HIS D 439 -0.53 21.96 18.77
N ASP D 440 0.20 22.95 19.24
CA ASP D 440 1.66 22.88 19.34
C ASP D 440 2.02 22.02 20.55
N LEU D 441 2.69 20.90 20.29
CA LEU D 441 3.27 20.09 21.35
C LEU D 441 4.64 20.64 21.74
N MET D 442 5.44 19.84 22.45
CA MET D 442 6.76 20.19 22.99
C MET D 442 6.64 21.35 24.00
N SER D 460 6.34 11.09 29.24
CA SER D 460 7.74 10.69 29.24
C SER D 460 8.41 11.05 27.91
N TYR D 461 7.63 10.98 26.84
CA TYR D 461 8.09 11.29 25.49
C TYR D 461 7.01 12.06 24.76
N PRO D 462 7.39 12.97 23.83
CA PRO D 462 6.41 13.92 23.27
C PRO D 462 5.44 13.38 22.24
N MET D 463 5.25 12.06 22.16
CA MET D 463 4.52 11.36 21.11
C MET D 463 3.11 11.90 20.87
N PHE D 464 2.63 11.71 19.64
CA PHE D 464 1.26 12.01 19.27
C PHE D 464 0.28 11.13 20.05
N PRO D 465 -0.94 11.61 20.29
CA PRO D 465 -1.92 10.79 20.99
C PRO D 465 -2.59 9.77 20.06
N ALA D 466 -3.22 8.79 20.68
CA ALA D 466 -4.00 7.75 19.99
C ALA D 466 -5.45 7.88 20.40
N PRO D 467 -6.25 8.70 19.71
CA PRO D 467 -7.65 8.84 20.10
C PRO D 467 -8.47 7.63 19.65
N GLU D 468 -9.24 7.09 20.58
CA GLU D 468 -10.11 5.96 20.28
C GLU D 468 -11.44 6.16 21.01
N GLU D 469 -12.51 5.64 20.41
CA GLU D 469 -13.85 5.81 20.95
C GLU D 469 -14.61 4.50 20.78
N ARG D 470 -15.05 3.92 21.90
CA ARG D 470 -15.83 2.69 21.83
C ARG D 470 -17.30 3.02 21.63
N ILE D 471 -17.94 2.27 20.73
CA ILE D 471 -19.33 2.47 20.36
C ILE D 471 -20.16 1.50 21.19
N LYS D 472 -20.87 2.00 22.18
CA LYS D 472 -21.74 1.17 23.00
C LYS D 472 -22.99 0.81 22.21
N TRP D 473 -23.16 -0.45 21.85
CA TRP D 473 -24.32 -0.83 21.07
C TRP D 473 -25.60 -0.81 21.87
N ASP D 474 -26.65 -1.21 21.16
CA ASP D 474 -27.99 -1.42 21.69
C ASP D 474 -28.80 -2.04 20.57
N GLU D 475 -29.99 -2.53 20.90
CA GLU D 475 -30.86 -3.06 19.86
C GLU D 475 -31.54 -1.95 19.07
N TYR D 476 -31.55 -0.72 19.59
CA TYR D 476 -32.05 0.44 18.88
C TYR D 476 -30.96 1.20 18.13
N GLY D 477 -29.70 1.03 18.52
CA GLY D 477 -28.61 1.78 17.92
C GLY D 477 -27.48 1.96 18.91
N GLU D 478 -27.05 3.20 19.12
CA GLU D 478 -26.00 3.51 20.08
C GLU D 478 -26.64 4.07 21.35
N ILE D 479 -26.06 3.71 22.50
CA ILE D 479 -26.53 4.25 23.78
C ILE D 479 -26.29 5.75 23.79
N ILE D 480 -27.38 6.51 23.92
CA ILE D 480 -27.35 7.95 23.69
C ILE D 480 -27.74 8.66 24.98
N LYS D 481 -27.20 9.87 25.17
CA LYS D 481 -27.62 10.58 26.37
C LYS D 481 -28.57 11.71 25.99
N PRO D 482 -29.58 11.98 26.83
CA PRO D 482 -30.57 13.02 26.50
C PRO D 482 -30.13 14.43 26.83
N GLU D 483 -28.84 14.67 27.10
CA GLU D 483 -28.38 16.02 27.43
C GLU D 483 -27.81 16.74 26.21
N ASP D 484 -27.26 16.01 25.24
CA ASP D 484 -26.58 16.60 24.10
C ASP D 484 -27.52 16.97 22.95
N PHE D 485 -28.81 17.08 23.25
CA PHE D 485 -29.80 17.38 22.21
C PHE D 485 -30.87 18.34 22.70
N LEU D 486 -30.53 19.62 22.81
CA LEU D 486 -31.48 20.63 23.25
C LEU D 486 -31.27 21.95 22.52
#